data_7O9W
#
_entry.id   7O9W
#
loop_
_entity.id
_entity.type
_entity.pdbx_description
1 polymer 'Multidrug resistance protein 1'
2 polymer 'UIC2 Fab-fragment light chain'
3 polymer 'UIC2 Fab-fragment heavy chain'
4 non-polymer ~{N}-[2-[2-[4-[2-(6,7-dimethoxy-3,4-dihydro-1~{H}-isoquinolin-2-yl)ethyl]phenyl]-1,2,3,4-tetrazol-5-yl]-4,5-dimethoxy-phenyl]-4-oxidanylidene-2,3-dihydrochromene-2-carboxamide
#
loop_
_entity_poly.entity_id
_entity_poly.type
_entity_poly.pdbx_seq_one_letter_code
_entity_poly.pdbx_strand_id
1 'polypeptide(L)'
;MDLEGDRNGGAKKKNFFKLNNKSEKDKKEKKPTVSVFSMFRYSNWLDKLYMVVGTLAAIIHGAGLPLMMLVFGEMTDIFA
NAGNLEDLMSNITNRSDINDTGFFMNLEEDMTRYAYYYSGIGAGVLVAAYIQVSFWCLAAGRQIHKIRKQFFHAIMRQEI
GWFDVHDVGELNTRLTDDVSKINEGIGDKIGMFFQSMATFFTGFIVGFTRGWKLTLVILAISPVLGLSAAVWAKILSSFT
DKELLAYAKAGAVAEEVLAAIRTVIAFGGQKKELERYNKNLEEAKRIGIKKAITANISIGAAFLLIYASYALAFWYGTTL
VLSGEYSIGQVLTVFFSVLIGAFSVGQASPSIEAFANARGAAYEIFKIIDNKPSIDSYSKSGHKPDNIKGNLEFRNVHFS
YPSRKEVKILKGLNLKVQSGQTVALVGNSGCGKSTTVQLMQRLYDPTEGMVSVDGQDIRTINVRFLREIIGVVSQEPVLF
ATTIAENIRYGRENVTMDEIEKAVKEANAYDFIMKLPHKFDTLVGERGAQLSGGQKQRIAIARALVRNPKILLLDEATSA
LDTESEAVVQVALDKARKGRTTIVIAHRLSTVRNADVIAGFDDGVIVEKGNHDELMKEKGIYFKLVTMQTAGNEVELENA
ADESKSEIDALEMSSNDSRSSLIRKRSTRRSVRGSQAQDRKLSTKEALDESIPPVSFWRIMKLNLTEWPYFVVGVFCAII
NGGLQPAFAIIFSKIIGVFTRIDDPETKRQNSNLFSLLFLALGIISFITFFLQGFTFGKAGEILTKRLRYMVFRSMLRQD
VSWFDDPKNTTGALTTRLANDAAQVKGAIGSRLAVITQNIANLGTGIIISFIYGWQLTLLLLAIVPIIAIAGVVEMKMLS
GQALKDKKELEGAGKIATEAIENFRTVVSLTQEQKFEHMYAQSLQVPYRNSLRKAHIFGITFSFTQAMMYFSYAGCFRFG
AYLVAHKLMSFEDVLLVFSAVVFGAMAVGQVSSFAPDYAKAKISAAHIIMIIEKTPLIDSYSTEGLMPNTLEGNVTFGEV
VFNYPTRPDIPVLQGLSLEVKKGQTLALVGSSGCGKSTVVQLLERFYDPLAGKVLLDGKEIKRLNVQWLRAHLGIVSQEP
ILFDCSIAENIAYGDNSRVVSQEEIVRAAKEANIHAFIESLPNKYSTKVGDKGTQLSGGQKQRIAIARALVRQPHILLLD
EATSALDTESEKVVQEALDKAREGRTCIVIAHRLSTIQNADLIVVFQNGRVKEHGTHQQLLAQKGIYFSMVSVQAGTKRQ
;
A
2 'polypeptide(L)'
;QVVMTQSPLSLPVSLGDQASISCRSSQSLLHSNGNTYLHWYLQKPGQSPKLLIYKVSNRFSGVPDRFSGSGSGTDFTLKI
SRVEAEDLGVYFCSQSTHIPPWTFGGGTKLDIKRADAAPTVSIFPPSSEQLTSGGLSVVCFLNNFYPKDINVKWKIDGSE
RQNGVLNSWTDQDSKDSTYSMSSTLTLTKDEYERHNSYTCEATHKTSTSPIVKSFNRNEC
;
B
3 'polypeptide(L)'
;EVQLQESGPELVKTGASVKISCKASGYSFSNYYIHWVKQSHGKSLEWIGFISCYNGATFYNQKFKGKATFTVDNSSSTAY
MKFNSLTFEDSAVYYCARLPIQFGNFYPMDYWGQGTTVTVSSAKTTAPSVYPLAPVCGDTTGSSVTLGCLVKGYFPEPVT
LTWNSGSLSSGVHTFPAVLQSDLYTLSSSVTVTSSTWPSQSITCNVAHPASSTKVDKKIEPRGPT
;
C
#
loop_
_chem_comp.id
_chem_comp.type
_chem_comp.name
_chem_comp.formula
V5Q non-polymer ~{N}-[2-[2-[4-[2-(6,7-dimethoxy-3,4-dihydro-1~{H}-isoquinolin-2-yl)ethyl]phenyl]-1,2,3,4-tetrazol-5-yl]-4,5-dimethoxy-phenyl]-4-oxidanylidene-2,3-dihydrochromene-2-carboxamide 'C38 H38 N6 O7'
#
# COMPACT_ATOMS: atom_id res chain seq x y z
N PRO A 32 28.17 3.71 2.19
CA PRO A 32 27.14 2.99 1.43
C PRO A 32 25.78 3.69 1.45
N THR A 33 25.80 5.03 1.37
CA THR A 33 24.59 5.86 1.34
C THR A 33 24.90 7.10 0.51
N VAL A 34 24.49 7.08 -0.76
CA VAL A 34 24.76 8.20 -1.65
C VAL A 34 23.99 9.43 -1.19
N SER A 35 24.63 10.58 -1.25
CA SER A 35 23.93 11.83 -0.99
C SER A 35 22.92 12.09 -2.11
N VAL A 36 21.75 12.62 -1.73
CA VAL A 36 20.61 12.63 -2.62
C VAL A 36 20.90 13.43 -3.88
N PHE A 37 21.67 14.52 -3.76
CA PHE A 37 21.97 15.34 -4.93
C PHE A 37 22.77 14.57 -5.98
N SER A 38 23.58 13.61 -5.54
CA SER A 38 24.47 12.92 -6.48
C SER A 38 23.71 11.99 -7.41
N MET A 39 22.51 11.55 -7.01
CA MET A 39 21.75 10.62 -7.85
C MET A 39 21.05 11.34 -8.98
N PHE A 40 20.55 12.54 -8.71
CA PHE A 40 19.83 13.28 -9.75
C PHE A 40 20.77 13.97 -10.71
N ARG A 41 22.04 13.56 -10.74
CA ARG A 41 22.94 13.82 -11.84
C ARG A 41 22.33 13.31 -13.15
N TYR A 42 22.78 13.87 -14.27
CA TYR A 42 22.31 13.52 -15.61
C TYR A 42 20.90 14.05 -15.86
N SER A 43 20.44 14.96 -15.01
CA SER A 43 19.12 15.53 -15.18
C SER A 43 19.18 16.80 -16.02
N ASN A 44 18.39 16.83 -17.09
CA ASN A 44 18.29 18.03 -17.92
C ASN A 44 17.51 19.11 -17.19
N TRP A 45 17.24 20.20 -17.90
CA TRP A 45 16.30 21.19 -17.38
C TRP A 45 14.86 20.77 -17.66
N LEU A 46 14.64 20.13 -18.81
CA LEU A 46 13.33 19.56 -19.12
C LEU A 46 12.92 18.53 -18.08
N ASP A 47 13.87 17.76 -17.56
CA ASP A 47 13.53 16.72 -16.61
C ASP A 47 13.25 17.28 -15.23
N LYS A 48 13.94 18.35 -14.84
CA LYS A 48 13.61 18.99 -13.58
C LYS A 48 12.26 19.69 -13.67
N LEU A 49 11.94 20.23 -14.84
CA LEU A 49 10.60 20.79 -15.04
C LEU A 49 9.53 19.71 -14.95
N TYR A 50 9.79 18.56 -15.58
CA TYR A 50 8.88 17.43 -15.47
C TYR A 50 8.68 17.03 -14.01
N MET A 51 9.76 16.98 -13.24
CA MET A 51 9.64 16.57 -11.84
C MET A 51 8.83 17.58 -11.04
N VAL A 52 9.05 18.88 -11.26
CA VAL A 52 8.33 19.89 -10.48
C VAL A 52 6.83 19.86 -10.83
N VAL A 53 6.51 19.81 -12.11
CA VAL A 53 5.10 19.78 -12.50
C VAL A 53 4.44 18.49 -12.04
N GLY A 54 5.17 17.37 -12.11
CA GLY A 54 4.63 16.12 -11.61
C GLY A 54 4.34 16.16 -10.13
N THR A 55 5.21 16.80 -9.34
CA THR A 55 4.96 16.93 -7.92
C THR A 55 3.73 17.79 -7.65
N LEU A 56 3.55 18.87 -8.41
CA LEU A 56 2.35 19.69 -8.24
C LEU A 56 1.08 18.90 -8.56
N ALA A 57 1.09 18.19 -9.69
CA ALA A 57 -0.07 17.37 -10.05
C ALA A 57 -0.32 16.29 -9.01
N ALA A 58 0.74 15.73 -8.44
CA ALA A 58 0.58 14.69 -7.44
C ALA A 58 -0.05 15.23 -6.17
N ILE A 59 0.36 16.43 -5.74
CA ILE A 59 -0.24 17.00 -4.54
C ILE A 59 -1.71 17.31 -4.77
N ILE A 60 -2.06 17.83 -5.95
CA ILE A 60 -3.47 18.10 -6.24
C ILE A 60 -4.27 16.80 -6.24
N HIS A 61 -3.83 15.81 -7.02
CA HIS A 61 -4.55 14.55 -7.12
C HIS A 61 -4.62 13.84 -5.77
N GLY A 62 -3.67 14.11 -4.88
CA GLY A 62 -3.76 13.57 -3.55
C GLY A 62 -4.85 14.23 -2.74
N ALA A 63 -4.77 15.56 -2.60
CA ALA A 63 -5.76 16.28 -1.81
C ALA A 63 -7.17 16.17 -2.40
N GLY A 64 -7.31 15.59 -3.58
CA GLY A 64 -8.64 15.35 -4.13
C GLY A 64 -9.62 14.71 -3.18
N LEU A 65 -9.27 13.56 -2.60
CA LEU A 65 -10.25 12.67 -1.99
C LEU A 65 -10.96 13.24 -0.76
N PRO A 66 -10.26 13.78 0.25
CA PRO A 66 -10.99 14.36 1.38
C PRO A 66 -12.03 15.39 0.99
N LEU A 67 -11.88 16.04 -0.17
CA LEU A 67 -12.92 16.95 -0.63
C LEU A 67 -14.14 16.19 -1.12
N MET A 68 -13.93 15.02 -1.71
CA MET A 68 -15.06 14.16 -2.04
C MET A 68 -15.78 13.71 -0.78
N MET A 69 -15.04 13.46 0.30
CA MET A 69 -15.71 13.13 1.56
C MET A 69 -16.48 14.32 2.11
N LEU A 70 -15.93 15.54 1.93
CA LEU A 70 -16.64 16.73 2.35
C LEU A 70 -18.00 16.86 1.66
N VAL A 71 -18.00 16.74 0.33
CA VAL A 71 -19.25 16.83 -0.42
C VAL A 71 -20.19 15.69 -0.04
N PHE A 72 -19.64 14.50 0.21
CA PHE A 72 -20.47 13.37 0.62
C PHE A 72 -21.18 13.66 1.94
N GLY A 73 -20.45 14.26 2.89
CA GLY A 73 -21.08 14.61 4.15
C GLY A 73 -22.20 15.62 3.98
N GLU A 74 -21.94 16.68 3.22
CA GLU A 74 -22.98 17.68 3.00
C GLU A 74 -24.21 17.08 2.31
N MET A 75 -24.00 16.19 1.35
CA MET A 75 -25.11 15.61 0.61
C MET A 75 -25.94 14.68 1.49
N THR A 76 -25.27 13.84 2.28
CA THR A 76 -26.03 12.96 3.16
C THR A 76 -26.76 13.75 4.24
N ASP A 77 -26.22 14.93 4.60
CA ASP A 77 -26.95 15.79 5.52
C ASP A 77 -28.22 16.34 4.87
N ILE A 78 -28.14 16.75 3.61
CA ILE A 78 -29.33 17.16 2.87
C ILE A 78 -30.38 16.06 2.91
N PHE A 79 -30.00 14.84 2.53
CA PHE A 79 -30.94 13.72 2.51
C PHE A 79 -31.55 13.48 3.88
N ALA A 80 -30.72 13.50 4.93
CA ALA A 80 -31.22 13.22 6.27
C ALA A 80 -32.23 14.26 6.72
N ASN A 81 -31.97 15.54 6.42
CA ASN A 81 -32.90 16.57 6.88
C ASN A 81 -34.21 16.52 6.10
N ALA A 82 -34.14 16.22 4.80
CA ALA A 82 -35.38 16.04 4.04
C ALA A 82 -36.20 14.89 4.61
N GLY A 83 -35.55 13.77 4.90
CA GLY A 83 -36.26 12.64 5.47
C GLY A 83 -36.88 12.96 6.82
N ASN A 84 -36.11 13.59 7.70
CA ASN A 84 -36.64 13.94 9.02
C ASN A 84 -37.85 14.85 8.91
N LEU A 85 -37.80 15.85 8.03
CA LEU A 85 -38.93 16.75 7.89
C LEU A 85 -40.14 16.05 7.30
N GLU A 86 -39.93 15.18 6.32
CA GLU A 86 -41.06 14.51 5.68
C GLU A 86 -41.68 13.46 6.60
N ASP A 87 -40.92 12.99 7.60
CA ASP A 87 -41.49 12.09 8.59
C ASP A 87 -42.24 12.88 9.66
N LEU A 88 -41.97 14.18 9.77
CA LEU A 88 -42.74 15.01 10.68
C LEU A 88 -44.05 15.47 10.06
N MET A 89 -43.99 16.00 8.83
CA MET A 89 -45.17 16.60 8.23
C MET A 89 -46.23 15.55 7.86
N SER A 90 -46.00 14.30 8.21
CA SER A 90 -46.98 13.25 7.95
C SER A 90 -48.03 13.21 9.05
N PHE A 104 -39.16 17.08 0.23
CA PHE A 104 -38.99 16.11 -0.84
C PHE A 104 -39.07 16.76 -2.21
N MET A 105 -39.28 18.08 -2.23
CA MET A 105 -39.28 18.80 -3.51
C MET A 105 -37.95 19.49 -3.76
N ASN A 106 -37.39 20.15 -2.74
CA ASN A 106 -36.11 20.82 -2.91
C ASN A 106 -34.96 19.81 -2.94
N LEU A 107 -35.26 18.55 -2.58
CA LEU A 107 -34.24 17.51 -2.57
C LEU A 107 -33.63 17.32 -3.95
N GLU A 108 -34.47 17.17 -4.98
CA GLU A 108 -33.99 16.97 -6.33
C GLU A 108 -33.16 18.15 -6.81
N GLU A 109 -33.59 19.37 -6.46
CA GLU A 109 -32.88 20.56 -6.92
C GLU A 109 -31.52 20.69 -6.25
N ASP A 110 -31.41 20.32 -4.98
CA ASP A 110 -30.12 20.44 -4.30
C ASP A 110 -29.17 19.32 -4.72
N MET A 111 -29.70 18.13 -4.97
CA MET A 111 -28.83 17.08 -5.50
C MET A 111 -28.32 17.45 -6.89
N THR A 112 -29.16 18.11 -7.69
CA THR A 112 -28.68 18.67 -8.95
C THR A 112 -27.43 19.50 -8.75
N ARG A 113 -27.42 20.34 -7.71
CA ARG A 113 -26.27 21.21 -7.47
C ARG A 113 -25.05 20.41 -7.03
N TYR A 114 -25.24 19.42 -6.15
CA TYR A 114 -24.07 18.70 -5.62
C TYR A 114 -23.47 17.78 -6.68
N ALA A 115 -24.26 17.35 -7.66
CA ALA A 115 -23.69 16.58 -8.76
C ALA A 115 -22.60 17.38 -9.49
N TYR A 116 -22.71 18.71 -9.48
CA TYR A 116 -21.71 19.53 -10.17
C TYR A 116 -20.39 19.53 -9.41
N TYR A 117 -20.44 19.59 -8.08
CA TYR A 117 -19.21 19.47 -7.30
C TYR A 117 -18.56 18.12 -7.51
N TYR A 118 -19.37 17.05 -7.54
CA TYR A 118 -18.81 15.72 -7.79
C TYR A 118 -18.14 15.66 -9.15
N SER A 119 -18.79 16.15 -10.20
CA SER A 119 -18.22 16.10 -11.53
C SER A 119 -16.96 16.95 -11.64
N GLY A 120 -16.95 18.11 -11.00
CA GLY A 120 -15.77 18.96 -11.04
C GLY A 120 -14.58 18.31 -10.39
N ILE A 121 -14.79 17.73 -9.21
CA ILE A 121 -13.69 17.04 -8.54
C ILE A 121 -13.21 15.86 -9.38
N GLY A 122 -14.14 15.13 -10.00
CA GLY A 122 -13.75 14.02 -10.84
C GLY A 122 -12.86 14.43 -12.00
N ALA A 123 -13.25 15.50 -12.71
CA ALA A 123 -12.44 15.96 -13.84
C ALA A 123 -11.08 16.47 -13.37
N GLY A 124 -11.06 17.28 -12.32
CA GLY A 124 -9.79 17.78 -11.82
C GLY A 124 -8.84 16.68 -11.40
N VAL A 125 -9.37 15.64 -10.75
CA VAL A 125 -8.53 14.53 -10.32
C VAL A 125 -8.05 13.72 -11.52
N LEU A 126 -8.90 13.53 -12.52
CA LEU A 126 -8.47 12.86 -13.75
C LEU A 126 -7.25 13.57 -14.34
N VAL A 127 -7.34 14.89 -14.48
CA VAL A 127 -6.25 15.64 -15.11
C VAL A 127 -4.99 15.56 -14.24
N ALA A 128 -5.13 15.79 -12.93
CA ALA A 128 -3.96 15.80 -12.06
C ALA A 128 -3.27 14.44 -12.04
N ALA A 129 -4.05 13.36 -12.05
CA ALA A 129 -3.45 12.02 -12.00
C ALA A 129 -2.72 11.71 -13.30
N TYR A 130 -3.35 12.00 -14.44
CA TYR A 130 -2.66 11.79 -15.72
C TYR A 130 -1.33 12.53 -15.73
N ILE A 131 -1.35 13.82 -15.36
CA ILE A 131 -0.12 14.62 -15.42
C ILE A 131 0.94 14.04 -14.51
N GLN A 132 0.60 13.80 -13.24
CA GLN A 132 1.57 13.27 -12.28
C GLN A 132 2.24 12.01 -12.82
N VAL A 133 1.43 11.00 -13.18
CA VAL A 133 1.99 9.72 -13.58
C VAL A 133 2.87 9.88 -14.81
N SER A 134 2.35 10.52 -15.86
CA SER A 134 3.10 10.59 -17.11
C SER A 134 4.41 11.35 -16.93
N PHE A 135 4.37 12.46 -16.19
CA PHE A 135 5.57 13.28 -16.08
C PHE A 135 6.65 12.58 -15.26
N TRP A 136 6.27 11.97 -14.14
CA TRP A 136 7.28 11.29 -13.34
C TRP A 136 7.87 10.11 -14.10
N CYS A 137 7.04 9.37 -14.83
CA CYS A 137 7.55 8.21 -15.57
C CYS A 137 8.50 8.66 -16.68
N LEU A 138 8.16 9.75 -17.38
CA LEU A 138 9.03 10.23 -18.45
C LEU A 138 10.37 10.71 -17.91
N ALA A 139 10.34 11.50 -16.83
CA ALA A 139 11.58 11.97 -16.23
C ALA A 139 12.48 10.81 -15.84
N ALA A 140 11.93 9.82 -15.14
CA ALA A 140 12.76 8.70 -14.70
C ALA A 140 13.28 7.90 -15.88
N GLY A 141 12.44 7.67 -16.90
CA GLY A 141 12.90 6.92 -18.05
C GLY A 141 14.07 7.57 -18.76
N ARG A 142 13.95 8.87 -19.05
CA ARG A 142 15.03 9.54 -19.77
C ARG A 142 16.30 9.59 -18.92
N GLN A 143 16.16 9.90 -17.62
CA GLN A 143 17.33 9.92 -16.75
C GLN A 143 18.02 8.57 -16.72
N ILE A 144 17.26 7.48 -16.70
CA ILE A 144 17.88 6.16 -16.57
C ILE A 144 18.54 5.75 -17.87
N HIS A 145 17.97 6.15 -19.01
CA HIS A 145 18.62 5.88 -20.29
C HIS A 145 19.97 6.58 -20.36
N LYS A 146 20.03 7.84 -19.93
CA LYS A 146 21.30 8.55 -19.89
C LYS A 146 22.29 7.86 -18.95
N ILE A 147 21.84 7.53 -17.73
CA ILE A 147 22.67 6.81 -16.77
C ILE A 147 23.29 5.58 -17.41
N ARG A 148 22.47 4.79 -18.12
CA ARG A 148 22.94 3.49 -18.59
C ARG A 148 23.95 3.65 -19.72
N LYS A 149 23.70 4.59 -20.64
CA LYS A 149 24.68 4.81 -21.70
C LYS A 149 26.02 5.29 -21.13
N GLN A 150 25.97 6.26 -20.20
CA GLN A 150 27.23 6.76 -19.64
C GLN A 150 27.95 5.68 -18.83
N PHE A 151 27.18 4.81 -18.16
CA PHE A 151 27.81 3.73 -17.41
C PHE A 151 28.48 2.74 -18.32
N PHE A 152 27.89 2.44 -19.48
CA PHE A 152 28.58 1.55 -20.41
C PHE A 152 29.85 2.19 -20.94
N HIS A 153 29.80 3.49 -21.25
CA HIS A 153 31.02 4.20 -21.60
C HIS A 153 32.10 4.00 -20.52
N ALA A 154 31.74 4.21 -19.26
CA ALA A 154 32.70 4.04 -18.18
C ALA A 154 33.24 2.62 -18.10
N ILE A 155 32.36 1.62 -18.21
CA ILE A 155 32.79 0.24 -18.08
C ILE A 155 33.62 -0.18 -19.29
N MET A 156 33.58 0.61 -20.36
CA MET A 156 34.44 0.33 -21.51
C MET A 156 35.79 1.02 -21.36
N ARG A 157 35.85 2.13 -20.62
CA ARG A 157 37.12 2.90 -20.54
C ARG A 157 38.15 2.17 -19.67
N GLN A 158 37.80 1.01 -19.10
CA GLN A 158 38.67 0.38 -18.12
C GLN A 158 39.82 -0.39 -18.78
N GLU A 159 40.56 -1.12 -17.95
CA GLU A 159 41.66 -1.97 -18.41
C GLU A 159 41.43 -3.42 -17.97
N ILE A 160 42.08 -4.35 -18.69
CA ILE A 160 41.83 -5.77 -18.49
C ILE A 160 42.26 -6.21 -17.09
N GLY A 161 43.35 -5.64 -16.59
CA GLY A 161 43.80 -5.98 -15.25
C GLY A 161 42.74 -5.71 -14.20
N TRP A 162 42.01 -4.61 -14.38
CA TRP A 162 40.92 -4.24 -13.43
C TRP A 162 39.67 -5.07 -13.74
N PHE A 163 39.65 -5.73 -14.90
CA PHE A 163 38.49 -6.55 -15.33
C PHE A 163 38.78 -8.04 -15.12
N ASP A 164 40.07 -8.40 -15.09
CA ASP A 164 40.47 -9.82 -14.90
C ASP A 164 40.38 -10.20 -13.42
N VAL A 165 40.36 -9.21 -12.53
CA VAL A 165 40.28 -9.47 -11.07
C VAL A 165 38.80 -9.65 -10.68
N HIS A 166 37.95 -8.70 -11.07
CA HIS A 166 36.49 -8.77 -10.74
C HIS A 166 35.82 -9.86 -11.58
N ASP A 167 34.71 -10.40 -11.08
CA ASP A 167 33.95 -11.47 -11.80
C ASP A 167 33.28 -10.88 -13.04
N VAL A 168 33.09 -11.68 -14.08
CA VAL A 168 32.46 -11.21 -15.31
C VAL A 168 30.97 -11.05 -15.12
N GLY A 169 30.36 -12.00 -14.42
CA GLY A 169 28.93 -11.97 -14.16
C GLY A 169 28.55 -10.86 -13.20
N GLU A 170 29.48 -10.56 -12.29
CA GLU A 170 29.30 -9.48 -11.27
C GLU A 170 28.88 -8.20 -11.98
N LEU A 171 29.57 -7.84 -13.07
CA LEU A 171 29.21 -6.64 -13.82
C LEU A 171 27.89 -6.82 -14.54
N ASN A 172 27.56 -8.05 -14.92
CA ASN A 172 26.27 -8.29 -15.58
C ASN A 172 25.11 -8.05 -14.62
N THR A 173 25.16 -8.68 -13.43
CA THR A 173 24.11 -8.46 -12.45
C THR A 173 24.11 -7.01 -12.00
N ARG A 174 25.30 -6.40 -11.96
CA ARG A 174 25.41 -4.95 -11.61
C ARG A 174 24.55 -4.16 -12.59
N LEU A 175 24.80 -4.31 -13.90
CA LEU A 175 24.01 -3.63 -14.92
C LEU A 175 22.52 -3.87 -14.71
N THR A 176 22.07 -5.12 -14.83
CA THR A 176 20.62 -5.36 -14.88
C THR A 176 19.95 -4.95 -13.57
N ASP A 177 20.33 -5.60 -12.46
CA ASP A 177 19.64 -5.38 -11.19
C ASP A 177 19.80 -3.94 -10.73
N ASP A 178 21.04 -3.43 -10.69
CA ASP A 178 21.27 -2.07 -10.21
C ASP A 178 20.49 -1.06 -11.02
N VAL A 179 20.51 -1.16 -12.35
CA VAL A 179 19.84 -0.14 -13.17
C VAL A 179 18.34 -0.21 -12.98
N SER A 180 17.77 -1.42 -12.94
CA SER A 180 16.33 -1.53 -12.74
C SER A 180 15.93 -0.98 -11.37
N LYS A 181 16.79 -1.18 -10.38
CA LYS A 181 16.49 -0.66 -9.04
C LYS A 181 16.57 0.86 -9.01
N ILE A 182 17.56 1.44 -9.68
CA ILE A 182 17.59 2.91 -9.80
C ILE A 182 16.32 3.40 -10.47
N ASN A 183 15.88 2.70 -11.52
CA ASN A 183 14.68 3.13 -12.23
C ASN A 183 13.46 3.12 -11.33
N GLU A 184 13.28 2.05 -10.57
CA GLU A 184 12.10 1.97 -9.72
C GLU A 184 12.22 2.90 -8.50
N GLY A 185 13.43 3.30 -8.15
CA GLY A 185 13.60 4.14 -6.98
C GLY A 185 13.20 5.58 -7.22
N ILE A 186 13.17 6.00 -8.48
CA ILE A 186 12.83 7.37 -8.84
C ILE A 186 11.74 7.44 -9.91
N GLY A 187 11.16 6.30 -10.29
CA GLY A 187 10.21 6.28 -11.38
C GLY A 187 8.87 6.88 -11.05
N ASP A 188 8.15 6.22 -10.16
CA ASP A 188 6.82 6.64 -9.77
C ASP A 188 6.66 6.76 -8.26
N LYS A 189 7.42 6.00 -7.49
CA LYS A 189 7.20 5.93 -6.05
C LYS A 189 7.32 7.31 -5.40
N ILE A 190 8.01 8.24 -6.04
CA ILE A 190 8.03 9.60 -5.53
C ILE A 190 6.69 10.28 -5.77
N GLY A 191 6.10 10.03 -6.95
CA GLY A 191 4.76 10.53 -7.21
C GLY A 191 3.76 10.05 -6.19
N MET A 192 3.63 8.73 -6.03
CA MET A 192 2.68 8.18 -5.08
C MET A 192 3.04 8.57 -3.65
N PHE A 193 4.32 8.77 -3.37
CA PHE A 193 4.73 9.22 -2.04
C PHE A 193 4.17 10.60 -1.73
N PHE A 194 4.36 11.55 -2.65
CA PHE A 194 3.86 12.90 -2.43
C PHE A 194 2.34 12.92 -2.45
N GLN A 195 1.73 12.07 -3.28
CA GLN A 195 0.27 11.99 -3.30
C GLN A 195 -0.29 11.49 -1.98
N SER A 196 0.37 10.49 -1.38
CA SER A 196 -0.11 9.99 -0.08
C SER A 196 0.15 10.99 1.03
N MET A 197 1.27 11.70 0.97
CA MET A 197 1.50 12.73 1.98
C MET A 197 0.49 13.86 1.86
N ALA A 198 0.12 14.21 0.63
CA ALA A 198 -0.90 15.23 0.41
C ALA A 198 -2.24 14.78 0.91
N THR A 199 -2.62 13.52 0.63
CA THR A 199 -3.89 12.99 1.12
C THR A 199 -3.91 13.00 2.64
N PHE A 200 -2.81 12.61 3.28
CA PHE A 200 -2.76 12.61 4.74
C PHE A 200 -2.95 14.02 5.30
N PHE A 201 -2.20 14.98 4.78
CA PHE A 201 -2.27 16.34 5.32
C PHE A 201 -3.64 16.96 5.09
N THR A 202 -4.16 16.85 3.87
CA THR A 202 -5.46 17.43 3.57
C THR A 202 -6.57 16.72 4.34
N GLY A 203 -6.45 15.41 4.54
CA GLY A 203 -7.44 14.70 5.33
C GLY A 203 -7.49 15.18 6.76
N PHE A 204 -6.32 15.34 7.39
CA PHE A 204 -6.33 15.81 8.77
C PHE A 204 -6.79 17.26 8.85
N ILE A 205 -6.49 18.07 7.84
CA ILE A 205 -6.92 19.48 7.86
C ILE A 205 -8.43 19.57 7.73
N VAL A 206 -9.02 18.81 6.80
CA VAL A 206 -10.47 18.77 6.65
C VAL A 206 -11.13 18.24 7.92
N GLY A 207 -10.58 17.17 8.48
CA GLY A 207 -11.14 16.62 9.71
C GLY A 207 -11.09 17.60 10.87
N PHE A 208 -10.08 18.48 10.88
CA PHE A 208 -10.00 19.44 11.96
C PHE A 208 -10.93 20.63 11.73
N THR A 209 -11.06 21.08 10.49
CA THR A 209 -11.90 22.26 10.25
C THR A 209 -13.38 21.89 10.30
N ARG A 210 -13.70 20.60 10.17
CA ARG A 210 -15.09 20.18 10.31
C ARG A 210 -15.47 20.02 11.78
N GLY A 211 -14.84 19.09 12.48
CA GLY A 211 -15.04 18.92 13.90
C GLY A 211 -13.82 18.33 14.58
N TRP A 212 -13.32 18.99 15.63
CA TRP A 212 -12.00 18.65 16.14
C TRP A 212 -12.06 17.57 17.22
N LYS A 213 -13.25 17.28 17.75
CA LYS A 213 -13.35 16.30 18.84
C LYS A 213 -13.20 14.88 18.33
N LEU A 214 -14.09 14.46 17.42
CA LEU A 214 -13.93 13.17 16.79
C LEU A 214 -12.59 13.06 16.08
N THR A 215 -12.06 14.20 15.61
CA THR A 215 -10.75 14.18 14.97
C THR A 215 -9.65 13.86 15.96
N LEU A 216 -9.73 14.44 17.18
CA LEU A 216 -8.72 14.11 18.19
C LEU A 216 -8.82 12.64 18.59
N VAL A 217 -10.04 12.09 18.62
CA VAL A 217 -10.17 10.67 18.94
C VAL A 217 -9.54 9.81 17.85
N ILE A 218 -9.88 10.07 16.59
CA ILE A 218 -9.30 9.27 15.51
C ILE A 218 -7.80 9.51 15.41
N LEU A 219 -7.33 10.67 15.90
CA LEU A 219 -5.89 10.91 15.96
C LEU A 219 -5.24 10.02 17.01
N ALA A 220 -5.86 9.91 18.19
CA ALA A 220 -5.33 9.03 19.22
C ALA A 220 -5.30 7.58 18.75
N ILE A 221 -6.23 7.20 17.86
CA ILE A 221 -6.19 5.86 17.28
C ILE A 221 -5.29 5.77 16.05
N SER A 222 -4.89 6.91 15.47
CA SER A 222 -4.26 6.91 14.16
C SER A 222 -2.89 6.24 14.06
N PRO A 223 -1.99 6.32 15.05
CA PRO A 223 -0.66 5.70 14.85
C PRO A 223 -0.73 4.21 14.60
N VAL A 224 -1.61 3.49 15.29
CA VAL A 224 -1.73 2.05 15.07
C VAL A 224 -2.32 1.77 13.71
N LEU A 225 -3.22 2.63 13.24
CA LEU A 225 -3.77 2.48 11.89
C LEU A 225 -2.68 2.66 10.84
N GLY A 226 -1.84 3.68 11.00
CA GLY A 226 -0.73 3.87 10.08
C GLY A 226 0.25 2.71 10.10
N LEU A 227 0.58 2.22 11.31
CA LEU A 227 1.50 1.09 11.42
C LEU A 227 0.92 -0.16 10.77
N SER A 228 -0.38 -0.41 10.97
CA SER A 228 -1.01 -1.57 10.37
C SER A 228 -1.02 -1.46 8.85
N ALA A 229 -1.37 -0.30 8.32
CA ALA A 229 -1.37 -0.13 6.87
C ALA A 229 0.03 -0.27 6.30
N ALA A 230 1.04 0.22 7.03
CA ALA A 230 2.41 0.12 6.57
C ALA A 230 2.88 -1.33 6.52
N VAL A 231 2.65 -2.08 7.60
CA VAL A 231 3.05 -3.48 7.63
C VAL A 231 2.27 -4.29 6.59
N TRP A 232 1.00 -3.95 6.40
CA TRP A 232 0.16 -4.69 5.48
C TRP A 232 0.56 -4.44 4.03
N ALA A 233 0.93 -3.20 3.69
CA ALA A 233 1.49 -2.94 2.37
C ALA A 233 2.86 -3.59 2.23
N LYS A 234 3.65 -3.59 3.31
CA LYS A 234 4.99 -4.15 3.26
C LYS A 234 4.96 -5.64 2.98
N ILE A 235 3.93 -6.34 3.48
CA ILE A 235 3.90 -7.79 3.29
C ILE A 235 3.22 -8.16 1.98
N LEU A 236 2.45 -7.23 1.40
CA LEU A 236 1.83 -7.53 0.11
C LEU A 236 2.68 -7.01 -1.04
N SER A 237 3.69 -6.21 -0.74
CA SER A 237 4.51 -5.64 -1.81
C SER A 237 5.48 -6.65 -2.39
N SER A 238 6.25 -7.33 -1.55
CA SER A 238 7.30 -8.18 -2.08
C SER A 238 6.82 -9.60 -2.36
N PHE A 239 6.47 -10.33 -1.30
CA PHE A 239 5.97 -11.71 -1.38
C PHE A 239 6.78 -12.60 -2.32
N THR A 240 8.04 -12.26 -2.59
CA THR A 240 8.83 -13.17 -3.41
C THR A 240 10.18 -13.52 -2.81
N ASP A 241 10.90 -12.56 -2.24
CA ASP A 241 12.31 -12.76 -1.95
C ASP A 241 12.51 -13.63 -0.71
N LYS A 242 11.57 -13.57 0.23
CA LYS A 242 11.71 -14.36 1.45
C LYS A 242 11.54 -15.85 1.17
N GLU A 243 10.51 -16.22 0.41
CA GLU A 243 10.36 -17.62 0.02
C GLU A 243 11.47 -18.03 -0.94
N LEU A 244 11.97 -17.10 -1.76
CA LEU A 244 13.12 -17.40 -2.59
C LEU A 244 14.32 -17.78 -1.75
N LEU A 245 14.56 -17.07 -0.65
CA LEU A 245 15.68 -17.44 0.23
C LEU A 245 15.39 -18.75 0.95
N ALA A 246 14.15 -18.92 1.43
CA ALA A 246 13.77 -20.16 2.10
C ALA A 246 14.03 -21.36 1.20
N TYR A 247 13.88 -21.20 -0.12
CA TYR A 247 14.21 -22.29 -1.02
C TYR A 247 15.68 -22.30 -1.39
N ALA A 248 16.31 -21.12 -1.44
CA ALA A 248 17.72 -21.05 -1.82
C ALA A 248 18.58 -21.78 -0.81
N LYS A 249 18.18 -21.78 0.46
CA LYS A 249 18.90 -22.56 1.46
C LYS A 249 19.03 -24.02 1.02
N ALA A 250 18.03 -24.54 0.32
CA ALA A 250 18.06 -25.89 -0.23
C ALA A 250 18.59 -25.94 -1.66
N GLY A 251 18.64 -24.80 -2.35
CA GLY A 251 19.15 -24.78 -3.70
C GLY A 251 20.60 -25.25 -3.79
N ALA A 252 21.28 -25.32 -2.65
CA ALA A 252 22.67 -25.76 -2.64
C ALA A 252 22.80 -27.21 -3.07
N VAL A 253 21.97 -28.10 -2.51
CA VAL A 253 22.06 -29.51 -2.88
C VAL A 253 21.45 -29.74 -4.26
N ALA A 254 20.49 -28.90 -4.64
CA ALA A 254 20.01 -28.91 -6.01
C ALA A 254 21.15 -28.68 -6.99
N GLU A 255 21.91 -27.61 -6.78
CA GLU A 255 23.04 -27.32 -7.66
C GLU A 255 24.13 -28.36 -7.52
N GLU A 256 24.25 -28.98 -6.34
CA GLU A 256 25.15 -30.11 -6.19
C GLU A 256 24.80 -31.24 -7.16
N VAL A 257 23.58 -31.77 -7.03
CA VAL A 257 23.25 -33.02 -7.72
C VAL A 257 22.99 -32.75 -9.20
N LEU A 258 22.75 -31.48 -9.56
CA LEU A 258 22.64 -31.16 -10.98
C LEU A 258 23.93 -30.61 -11.56
N ALA A 259 24.95 -30.37 -10.73
CA ALA A 259 26.25 -30.00 -11.25
C ALA A 259 27.15 -31.22 -11.39
N ALA A 260 26.82 -32.29 -10.67
CA ALA A 260 27.49 -33.58 -10.79
C ALA A 260 26.45 -34.58 -11.29
N ILE A 261 26.28 -34.64 -12.60
CA ILE A 261 25.30 -35.55 -13.20
C ILE A 261 25.96 -36.88 -13.52
N ARG A 262 27.12 -36.85 -14.20
CA ARG A 262 27.75 -38.06 -14.66
C ARG A 262 28.22 -38.94 -13.50
N THR A 263 29.00 -38.37 -12.59
CA THR A 263 29.59 -39.11 -11.49
C THR A 263 28.60 -39.47 -10.39
N VAL A 264 27.32 -39.14 -10.55
CA VAL A 264 26.39 -39.31 -9.45
C VAL A 264 25.83 -40.74 -9.42
N ILE A 265 25.85 -41.43 -10.57
CA ILE A 265 25.43 -42.83 -10.56
C ILE A 265 26.58 -43.72 -10.15
N ALA A 266 27.82 -43.30 -10.42
CA ALA A 266 28.97 -44.00 -9.87
C ALA A 266 29.06 -43.80 -8.36
N PHE A 267 28.92 -42.55 -7.90
CA PHE A 267 28.79 -42.29 -6.47
C PHE A 267 27.56 -43.00 -5.91
N GLY A 268 26.52 -43.16 -6.73
CA GLY A 268 25.32 -43.86 -6.31
C GLY A 268 24.69 -43.27 -5.07
N GLY A 269 24.74 -41.95 -4.92
CA GLY A 269 24.15 -41.26 -3.80
C GLY A 269 22.71 -40.83 -4.00
N GLN A 270 22.02 -41.37 -5.01
CA GLN A 270 20.64 -40.98 -5.28
C GLN A 270 19.79 -41.05 -4.02
N LYS A 271 19.76 -42.21 -3.37
CA LYS A 271 19.05 -42.34 -2.10
C LYS A 271 19.55 -41.33 -1.07
N LYS A 272 20.87 -41.16 -0.96
CA LYS A 272 21.42 -40.32 0.10
C LYS A 272 21.22 -38.83 -0.19
N GLU A 273 21.55 -38.41 -1.42
CA GLU A 273 21.29 -37.02 -1.78
C GLU A 273 19.81 -36.70 -1.70
N LEU A 274 18.96 -37.68 -2.01
CA LEU A 274 17.52 -37.50 -1.87
C LEU A 274 17.12 -37.34 -0.41
N GLU A 275 17.77 -38.07 0.49
CA GLU A 275 17.52 -37.89 1.93
C GLU A 275 17.90 -36.49 2.37
N ARG A 276 19.10 -36.03 2.02
CA ARG A 276 19.55 -34.71 2.42
C ARG A 276 18.67 -33.63 1.78
N TYR A 277 18.20 -33.87 0.56
CA TYR A 277 17.31 -32.93 -0.10
C TYR A 277 15.96 -32.88 0.61
N ASN A 278 15.47 -34.04 1.07
CA ASN A 278 14.23 -34.04 1.85
C ASN A 278 14.40 -33.27 3.15
N LYS A 279 15.58 -33.38 3.78
CA LYS A 279 15.84 -32.59 4.98
C LYS A 279 15.78 -31.10 4.67
N ASN A 280 16.45 -30.67 3.60
CA ASN A 280 16.45 -29.26 3.23
C ASN A 280 15.03 -28.78 2.89
N LEU A 281 14.25 -29.63 2.23
CA LEU A 281 12.86 -29.29 1.92
C LEU A 281 12.04 -29.16 3.20
N GLU A 282 12.32 -30.01 4.19
CA GLU A 282 11.62 -29.91 5.46
C GLU A 282 11.89 -28.57 6.13
N GLU A 283 13.14 -28.14 6.15
CA GLU A 283 13.45 -26.85 6.76
C GLU A 283 12.81 -25.69 5.98
N ALA A 284 12.85 -25.77 4.64
CA ALA A 284 12.19 -24.75 3.84
C ALA A 284 10.69 -24.71 4.11
N LYS A 285 10.07 -25.89 4.23
CA LYS A 285 8.64 -25.95 4.54
C LYS A 285 8.34 -25.30 5.88
N ARG A 286 9.15 -25.58 6.90
CA ARG A 286 8.88 -25.00 8.21
C ARG A 286 9.01 -23.48 8.16
N ILE A 287 10.01 -22.96 7.45
CA ILE A 287 10.19 -21.52 7.37
C ILE A 287 9.01 -20.89 6.62
N GLY A 288 8.57 -21.52 5.52
CA GLY A 288 7.44 -20.98 4.79
C GLY A 288 6.15 -21.03 5.58
N ILE A 289 5.97 -22.07 6.39
CA ILE A 289 4.80 -22.17 7.24
C ILE A 289 4.78 -21.04 8.26
N LYS A 290 5.91 -20.79 8.91
CA LYS A 290 5.98 -19.68 9.85
C LYS A 290 5.72 -18.35 9.16
N LYS A 291 6.24 -18.20 7.94
CA LYS A 291 5.97 -16.99 7.16
C LYS A 291 4.48 -16.79 6.96
N ALA A 292 3.79 -17.80 6.43
CA ALA A 292 2.36 -17.68 6.16
C ALA A 292 1.58 -17.39 7.44
N ILE A 293 1.91 -18.09 8.53
CA ILE A 293 1.18 -17.89 9.78
C ILE A 293 1.31 -16.46 10.27
N THR A 294 2.54 -15.91 10.25
CA THR A 294 2.72 -14.57 10.80
C THR A 294 2.16 -13.50 9.87
N ALA A 295 2.27 -13.69 8.56
CA ALA A 295 1.70 -12.74 7.62
C ALA A 295 0.18 -12.66 7.78
N ASN A 296 -0.48 -13.81 7.91
CA ASN A 296 -1.93 -13.80 8.06
C ASN A 296 -2.34 -13.29 9.43
N ILE A 297 -1.52 -13.52 10.45
CA ILE A 297 -1.78 -12.88 11.74
C ILE A 297 -1.80 -11.36 11.58
N SER A 298 -0.82 -10.82 10.86
CA SER A 298 -0.77 -9.37 10.69
C SER A 298 -1.96 -8.85 9.88
N ILE A 299 -2.33 -9.56 8.83
CA ILE A 299 -3.53 -9.19 8.05
C ILE A 299 -4.76 -9.14 8.94
N GLY A 300 -5.02 -10.23 9.67
CA GLY A 300 -6.19 -10.29 10.53
C GLY A 300 -6.19 -9.22 11.60
N ALA A 301 -5.01 -8.90 12.14
CA ALA A 301 -4.92 -7.83 13.13
C ALA A 301 -5.26 -6.49 12.51
N ALA A 302 -4.76 -6.24 11.29
CA ALA A 302 -5.10 -5.01 10.59
C ALA A 302 -6.61 -4.87 10.42
N PHE A 303 -7.28 -5.95 10.03
CA PHE A 303 -8.72 -5.85 9.79
C PHE A 303 -9.50 -5.71 11.09
N LEU A 304 -9.10 -6.44 12.14
CA LEU A 304 -9.73 -6.27 13.44
C LEU A 304 -9.58 -4.84 13.93
N LEU A 305 -8.41 -4.22 13.69
CA LEU A 305 -8.21 -2.86 14.14
C LEU A 305 -9.07 -1.88 13.34
N ILE A 306 -9.17 -2.08 12.03
CA ILE A 306 -10.05 -1.26 11.21
C ILE A 306 -11.48 -1.29 11.76
N TYR A 307 -11.96 -2.50 12.06
CA TYR A 307 -13.36 -2.61 12.48
C TYR A 307 -13.57 -2.11 13.91
N ALA A 308 -12.61 -2.31 14.80
CA ALA A 308 -12.73 -1.75 16.14
C ALA A 308 -12.70 -0.23 16.10
N SER A 309 -11.94 0.35 15.15
CA SER A 309 -11.96 1.79 14.98
C SER A 309 -13.30 2.26 14.43
N TYR A 310 -13.88 1.50 13.50
CA TYR A 310 -15.24 1.79 13.05
C TYR A 310 -16.21 1.82 14.22
N ALA A 311 -16.14 0.80 15.08
CA ALA A 311 -17.06 0.71 16.22
C ALA A 311 -16.88 1.88 17.17
N LEU A 312 -15.63 2.20 17.53
CA LEU A 312 -15.40 3.30 18.46
C LEU A 312 -15.83 4.64 17.86
N ALA A 313 -15.47 4.87 16.60
CA ALA A 313 -15.78 6.15 15.97
C ALA A 313 -17.28 6.33 15.82
N PHE A 314 -18.01 5.27 15.46
CA PHE A 314 -19.45 5.41 15.34
C PHE A 314 -20.11 5.54 16.71
N TRP A 315 -19.61 4.82 17.72
CA TRP A 315 -20.14 4.99 19.07
C TRP A 315 -20.04 6.44 19.51
N TYR A 316 -18.84 7.02 19.41
CA TYR A 316 -18.66 8.39 19.88
C TYR A 316 -19.39 9.39 18.99
N GLY A 317 -19.31 9.21 17.68
CA GLY A 317 -20.01 10.11 16.78
C GLY A 317 -21.50 10.14 17.00
N THR A 318 -22.10 8.97 17.25
CA THR A 318 -23.53 8.95 17.51
C THR A 318 -23.86 9.49 18.89
N THR A 319 -22.95 9.33 19.85
CA THR A 319 -23.13 10.03 21.12
C THR A 319 -23.25 11.53 20.90
N LEU A 320 -22.39 12.07 20.04
CA LEU A 320 -22.45 13.51 19.77
C LEU A 320 -23.69 13.88 18.95
N VAL A 321 -24.02 13.08 17.94
CA VAL A 321 -25.16 13.38 17.08
C VAL A 321 -26.46 13.34 17.88
N LEU A 322 -26.54 12.45 18.86
CA LEU A 322 -27.72 12.40 19.72
C LEU A 322 -27.69 13.50 20.75
N SER A 323 -26.50 13.96 21.14
CA SER A 323 -26.42 15.10 22.05
C SER A 323 -26.56 16.42 21.30
N GLY A 324 -26.99 16.37 20.04
CA GLY A 324 -27.22 17.56 19.25
C GLY A 324 -25.99 18.35 18.89
N GLU A 325 -24.80 17.90 19.28
CA GLU A 325 -23.60 18.70 19.10
C GLU A 325 -23.05 18.60 17.68
N TYR A 326 -23.29 17.47 17.00
CA TYR A 326 -22.78 17.24 15.66
C TYR A 326 -23.92 16.87 14.74
N SER A 327 -23.66 16.87 13.44
CA SER A 327 -24.59 16.33 12.47
C SER A 327 -24.14 14.94 12.06
N ILE A 328 -24.93 14.28 11.21
CA ILE A 328 -24.54 12.95 10.76
C ILE A 328 -23.60 13.04 9.56
N GLY A 329 -23.84 14.00 8.67
CA GLY A 329 -22.90 14.22 7.58
C GLY A 329 -21.56 14.70 8.08
N GLN A 330 -21.56 15.48 9.16
CA GLN A 330 -20.33 15.99 9.74
C GLN A 330 -19.49 14.86 10.33
N VAL A 331 -20.13 13.97 11.08
CA VAL A 331 -19.40 12.84 11.66
C VAL A 331 -18.92 11.90 10.56
N LEU A 332 -19.74 11.72 9.53
CA LEU A 332 -19.32 10.89 8.40
C LEU A 332 -18.07 11.46 7.75
N THR A 333 -18.13 12.73 7.36
CA THR A 333 -17.01 13.38 6.64
C THR A 333 -15.75 13.43 7.52
N VAL A 334 -15.90 13.78 8.80
CA VAL A 334 -14.71 13.86 9.70
C VAL A 334 -14.08 12.47 9.84
N PHE A 335 -14.90 11.44 10.07
CA PHE A 335 -14.37 10.06 10.26
C PHE A 335 -13.72 9.53 8.98
N PHE A 336 -14.39 9.68 7.84
CA PHE A 336 -13.87 9.18 6.52
C PHE A 336 -12.57 9.88 6.10
N SER A 337 -12.47 11.20 6.31
CA SER A 337 -11.24 11.95 5.93
C SER A 337 -10.07 11.53 6.82
N VAL A 338 -10.29 11.44 8.13
CA VAL A 338 -9.21 11.06 9.08
C VAL A 338 -8.77 9.61 8.83
N LEU A 339 -9.73 8.69 8.65
CA LEU A 339 -9.39 7.26 8.42
C LEU A 339 -8.63 7.10 7.11
N ILE A 340 -9.09 7.75 6.04
CA ILE A 340 -8.42 7.66 4.71
C ILE A 340 -7.03 8.28 4.80
N GLY A 341 -6.89 9.40 5.51
CA GLY A 341 -5.59 10.08 5.65
C GLY A 341 -4.58 9.19 6.37
N ALA A 342 -5.01 8.51 7.44
CA ALA A 342 -4.12 7.62 8.21
C ALA A 342 -3.66 6.45 7.32
N PHE A 343 -4.59 5.88 6.55
CA PHE A 343 -4.27 4.74 5.64
C PHE A 343 -3.29 5.16 4.55
N SER A 344 -3.44 6.38 4.01
CA SER A 344 -2.55 6.83 2.95
C SER A 344 -1.14 7.09 3.49
N VAL A 345 -1.03 7.79 4.63
CA VAL A 345 0.30 8.02 5.19
C VAL A 345 0.94 6.70 5.58
N GLY A 346 0.13 5.69 5.89
CA GLY A 346 0.68 4.36 6.11
C GLY A 346 1.21 3.74 4.83
N GLN A 347 0.45 3.86 3.74
CA GLN A 347 0.85 3.27 2.48
C GLN A 347 2.00 3.99 1.80
N ALA A 348 2.41 5.15 2.29
CA ALA A 348 3.53 5.87 1.68
C ALA A 348 4.90 5.44 2.18
N SER A 349 5.03 4.28 2.85
CA SER A 349 6.35 3.81 3.26
C SER A 349 7.13 3.07 2.18
N PRO A 350 6.54 2.18 1.36
CA PRO A 350 7.36 1.50 0.34
C PRO A 350 8.09 2.44 -0.60
N SER A 351 7.59 3.68 -0.76
CA SER A 351 8.36 4.67 -1.52
C SER A 351 9.69 4.96 -0.85
N ILE A 352 9.68 5.18 0.47
CA ILE A 352 10.92 5.39 1.20
C ILE A 352 11.84 4.19 1.08
N GLU A 353 11.26 2.98 1.19
CA GLU A 353 12.06 1.77 1.04
C GLU A 353 12.76 1.73 -0.31
N ALA A 354 12.00 1.92 -1.39
CA ALA A 354 12.56 1.84 -2.73
C ALA A 354 13.59 2.94 -2.98
N PHE A 355 13.42 4.10 -2.34
CA PHE A 355 14.39 5.17 -2.55
C PHE A 355 15.70 4.86 -1.84
N ALA A 356 15.63 4.31 -0.62
CA ALA A 356 16.85 3.87 0.03
C ALA A 356 17.56 2.80 -0.78
N ASN A 357 16.79 1.85 -1.32
CA ASN A 357 17.36 0.82 -2.18
C ASN A 357 18.02 1.44 -3.41
N ALA A 358 17.42 2.48 -3.98
CA ALA A 358 17.99 3.09 -5.18
C ALA A 358 19.30 3.79 -4.88
N ARG A 359 19.38 4.50 -3.76
CA ARG A 359 20.66 5.09 -3.38
C ARG A 359 21.73 4.01 -3.21
N GLY A 360 21.41 2.95 -2.47
CA GLY A 360 22.36 1.89 -2.26
C GLY A 360 22.82 1.22 -3.55
N ALA A 361 21.91 1.07 -4.51
CA ALA A 361 22.27 0.40 -5.75
C ALA A 361 22.97 1.35 -6.72
N ALA A 362 22.82 2.66 -6.52
CA ALA A 362 23.48 3.60 -7.41
C ALA A 362 24.90 3.89 -6.96
N TYR A 363 25.20 3.63 -5.67
CA TYR A 363 26.55 3.86 -5.18
C TYR A 363 27.61 3.20 -6.08
N GLU A 364 27.44 1.92 -6.38
CA GLU A 364 28.48 1.19 -7.08
C GLU A 364 28.62 1.64 -8.53
N ILE A 365 27.49 1.92 -9.19
CA ILE A 365 27.56 2.39 -10.57
C ILE A 365 28.21 3.76 -10.64
N PHE A 366 27.96 4.62 -9.66
CA PHE A 366 28.63 5.92 -9.65
C PHE A 366 30.12 5.76 -9.37
N LYS A 367 30.48 4.80 -8.52
CA LYS A 367 31.90 4.56 -8.28
C LYS A 367 32.59 4.06 -9.55
N ILE A 368 31.90 3.22 -10.32
CA ILE A 368 32.45 2.74 -11.59
C ILE A 368 32.63 3.91 -12.56
N ILE A 369 31.60 4.75 -12.68
CA ILE A 369 31.65 5.84 -13.65
C ILE A 369 32.68 6.89 -13.25
N ASP A 370 32.81 7.07 -11.93
CA ASP A 370 33.75 8.04 -11.31
C ASP A 370 35.20 7.67 -11.59
N ASN A 371 35.53 6.38 -11.53
CA ASN A 371 36.94 5.93 -11.73
C ASN A 371 37.41 6.32 -13.13
N LYS A 372 38.62 6.88 -13.22
CA LYS A 372 39.28 7.12 -14.54
C LYS A 372 40.62 6.37 -14.56
N PRO A 373 40.90 5.55 -15.60
CA PRO A 373 42.17 4.81 -15.70
C PRO A 373 43.34 5.74 -16.08
N SER A 374 44.57 5.28 -15.83
CA SER A 374 45.78 6.07 -16.14
C SER A 374 45.84 6.35 -17.65
N ILE A 375 45.51 5.36 -18.48
CA ILE A 375 45.51 5.52 -19.96
C ILE A 375 44.07 5.48 -20.48
N ASP A 376 43.66 6.49 -21.24
CA ASP A 376 42.28 6.55 -21.79
C ASP A 376 42.32 6.41 -23.31
N SER A 377 41.59 5.43 -23.86
CA SER A 377 41.54 5.21 -25.33
C SER A 377 40.88 6.44 -25.97
N TYR A 378 39.81 6.94 -25.35
CA TYR A 378 39.03 8.11 -25.84
C TYR A 378 39.90 9.38 -25.82
N SER A 379 40.78 9.50 -24.82
CA SER A 379 41.63 10.72 -24.68
C SER A 379 42.50 10.91 -25.93
N LYS A 380 42.62 12.15 -26.39
CA LYS A 380 43.38 12.51 -27.57
C LYS A 380 44.62 13.33 -27.24
N SER A 381 44.96 13.44 -25.95
CA SER A 381 46.21 14.00 -25.49
C SER A 381 47.35 12.99 -25.53
N GLY A 382 47.11 11.79 -26.07
CA GLY A 382 48.19 10.88 -26.34
C GLY A 382 49.00 11.32 -27.55
N HIS A 383 50.18 10.73 -27.66
CA HIS A 383 51.13 11.08 -28.70
C HIS A 383 51.15 9.99 -29.76
N LYS A 384 51.17 10.39 -31.03
CA LYS A 384 51.04 9.45 -32.15
C LYS A 384 52.22 9.62 -33.10
N PRO A 385 53.03 8.59 -33.30
CA PRO A 385 54.13 8.69 -34.27
C PRO A 385 53.61 8.67 -35.72
N ASP A 386 54.53 9.01 -36.62
CA ASP A 386 54.26 9.00 -38.06
C ASP A 386 55.13 7.97 -38.79
N ASN A 387 56.45 8.02 -38.60
CA ASN A 387 57.36 7.10 -39.28
C ASN A 387 57.52 5.85 -38.41
N ILE A 388 56.50 5.01 -38.44
CA ILE A 388 56.40 3.84 -37.57
C ILE A 388 57.27 2.72 -38.14
N LYS A 389 58.46 2.57 -37.59
CA LYS A 389 59.44 1.56 -37.98
C LYS A 389 59.53 0.51 -36.88
N GLY A 390 59.54 -0.77 -37.28
CA GLY A 390 59.52 -1.84 -36.31
C GLY A 390 60.80 -2.02 -35.52
N ASN A 391 60.76 -1.66 -34.23
CA ASN A 391 61.91 -1.78 -33.34
C ASN A 391 61.37 -2.04 -31.94
N LEU A 392 61.84 -3.10 -31.29
CA LEU A 392 61.36 -3.49 -29.97
C LEU A 392 62.50 -3.36 -28.96
N GLU A 393 62.26 -2.63 -27.86
CA GLU A 393 63.23 -2.44 -26.79
C GLU A 393 62.57 -2.81 -25.47
N PHE A 394 63.09 -3.83 -24.79
CA PHE A 394 62.70 -4.17 -23.44
C PHE A 394 63.96 -4.18 -22.59
N ARG A 395 63.93 -3.50 -21.44
CA ARG A 395 65.07 -3.49 -20.54
C ARG A 395 64.60 -3.49 -19.09
N ASN A 396 65.09 -4.49 -18.33
CA ASN A 396 64.88 -4.62 -16.89
C ASN A 396 63.39 -4.70 -16.53
N VAL A 397 62.67 -5.55 -17.25
CA VAL A 397 61.20 -5.56 -17.22
C VAL A 397 60.75 -6.56 -16.16
N HIS A 398 60.24 -6.04 -15.05
CA HIS A 398 59.65 -6.86 -14.00
C HIS A 398 58.18 -6.52 -13.89
N PHE A 399 57.35 -7.55 -13.81
CA PHE A 399 55.91 -7.35 -13.76
C PHE A 399 55.28 -8.58 -13.11
N SER A 400 54.28 -8.33 -12.27
CA SER A 400 53.49 -9.41 -11.68
C SER A 400 52.02 -9.13 -11.90
N TYR A 401 51.24 -10.20 -11.97
CA TYR A 401 49.81 -10.09 -12.11
C TYR A 401 49.20 -9.53 -10.84
N PRO A 402 48.32 -8.53 -10.93
CA PRO A 402 47.64 -8.02 -9.73
C PRO A 402 46.60 -8.98 -9.16
N SER A 403 46.26 -10.06 -9.86
CA SER A 403 45.40 -11.08 -9.27
C SER A 403 46.14 -11.89 -8.21
N ARG A 404 47.38 -12.26 -8.48
CA ARG A 404 48.26 -12.92 -7.51
C ARG A 404 49.59 -12.18 -7.52
N LYS A 405 49.70 -11.14 -6.70
CA LYS A 405 50.91 -10.32 -6.65
C LYS A 405 51.99 -10.91 -5.75
N GLU A 406 51.66 -11.91 -4.94
CA GLU A 406 52.66 -12.50 -4.05
C GLU A 406 53.68 -13.31 -4.83
N VAL A 407 53.25 -13.92 -5.94
CA VAL A 407 54.15 -14.69 -6.79
C VAL A 407 54.70 -13.77 -7.89
N LYS A 408 56.00 -13.85 -8.12
CA LYS A 408 56.64 -13.09 -9.19
C LYS A 408 57.07 -14.07 -10.28
N ILE A 409 56.40 -14.01 -11.43
CA ILE A 409 56.74 -14.89 -12.54
C ILE A 409 57.98 -14.36 -13.27
N LEU A 410 58.02 -13.05 -13.47
CA LEU A 410 59.09 -12.40 -14.23
C LEU A 410 60.13 -11.81 -13.29
N LYS A 411 61.40 -12.04 -13.60
CA LYS A 411 62.50 -11.40 -12.89
C LYS A 411 63.47 -10.80 -13.91
N GLY A 412 62.96 -9.88 -14.73
CA GLY A 412 63.80 -9.12 -15.62
C GLY A 412 64.06 -9.79 -16.95
N LEU A 413 63.66 -9.13 -18.03
CA LEU A 413 63.93 -9.61 -19.38
C LEU A 413 64.34 -8.43 -20.25
N ASN A 414 65.44 -8.61 -20.98
CA ASN A 414 66.01 -7.57 -21.82
C ASN A 414 66.08 -8.09 -23.25
N LEU A 415 65.45 -7.35 -24.16
CA LEU A 415 65.38 -7.75 -25.56
C LEU A 415 65.53 -6.53 -26.45
N LYS A 416 66.08 -6.75 -27.64
CA LYS A 416 66.15 -5.74 -28.69
C LYS A 416 65.91 -6.44 -30.01
N VAL A 417 64.78 -6.15 -30.64
CA VAL A 417 64.37 -6.82 -31.88
C VAL A 417 64.31 -5.80 -33.01
N GLN A 418 65.02 -6.09 -34.09
CA GLN A 418 65.04 -5.25 -35.27
C GLN A 418 63.83 -5.53 -36.16
N SER A 419 63.77 -4.79 -37.25
CA SER A 419 62.69 -4.91 -38.22
C SER A 419 62.88 -6.17 -39.07
N GLY A 420 61.77 -6.80 -39.41
CA GLY A 420 61.79 -8.02 -40.19
C GLY A 420 62.42 -9.21 -39.51
N GLN A 421 62.56 -9.18 -38.19
CA GLN A 421 63.26 -10.21 -37.44
C GLN A 421 62.25 -11.15 -36.82
N THR A 422 62.11 -12.34 -37.40
CA THR A 422 61.20 -13.36 -36.89
C THR A 422 61.83 -13.98 -35.66
N VAL A 423 61.36 -13.57 -34.48
CA VAL A 423 61.84 -14.08 -33.21
C VAL A 423 60.85 -15.11 -32.69
N ALA A 424 61.34 -16.29 -32.39
CA ALA A 424 60.56 -17.32 -31.71
C ALA A 424 61.08 -17.49 -30.28
N LEU A 425 60.18 -17.83 -29.38
CA LEU A 425 60.52 -18.06 -27.98
C LEU A 425 60.05 -19.46 -27.59
N VAL A 426 60.97 -20.25 -27.03
CA VAL A 426 60.74 -21.64 -26.69
C VAL A 426 60.89 -21.81 -25.19
N GLY A 427 60.03 -22.64 -24.61
CA GLY A 427 60.13 -22.98 -23.20
C GLY A 427 58.87 -23.73 -22.79
N ASN A 428 58.93 -24.28 -21.58
CA ASN A 428 57.79 -25.03 -21.07
C ASN A 428 56.68 -24.07 -20.63
N SER A 429 55.48 -24.62 -20.47
CA SER A 429 54.32 -23.84 -20.07
C SER A 429 54.44 -23.46 -18.59
N GLY A 430 54.52 -22.16 -18.33
CA GLY A 430 54.70 -21.68 -16.97
C GLY A 430 55.70 -20.56 -16.90
N CYS A 431 56.44 -20.35 -17.99
CA CYS A 431 57.41 -19.26 -18.05
C CYS A 431 56.75 -17.94 -18.46
N GLY A 432 55.64 -17.99 -19.19
CA GLY A 432 54.96 -16.77 -19.54
C GLY A 432 55.26 -16.19 -20.91
N LYS A 433 55.13 -17.00 -21.96
CA LYS A 433 55.10 -16.45 -23.31
C LYS A 433 53.87 -15.59 -23.53
N SER A 434 52.71 -16.11 -23.09
CA SER A 434 51.47 -15.35 -23.11
C SER A 434 51.57 -14.11 -22.24
N THR A 435 52.34 -14.19 -21.15
CA THR A 435 52.60 -13.01 -20.33
C THR A 435 53.34 -11.94 -21.11
N THR A 436 54.33 -12.34 -21.93
CA THR A 436 55.07 -11.37 -22.73
C THR A 436 54.19 -10.77 -23.83
N VAL A 437 53.30 -11.59 -24.42
CA VAL A 437 52.38 -11.09 -25.43
C VAL A 437 51.41 -10.08 -24.83
N GLN A 438 50.86 -10.38 -23.65
CA GLN A 438 49.97 -9.43 -22.98
C GLN A 438 50.72 -8.20 -22.48
N LEU A 439 52.02 -8.34 -22.17
CA LEU A 439 52.81 -7.17 -21.84
C LEU A 439 53.11 -6.30 -23.04
N MET A 440 53.03 -6.85 -24.25
CA MET A 440 53.38 -6.05 -25.42
C MET A 440 52.33 -4.97 -25.69
N GLN A 441 51.05 -5.34 -25.77
CA GLN A 441 50.00 -4.45 -26.27
C GLN A 441 49.54 -3.40 -25.27
N ARG A 442 50.29 -3.21 -24.17
CA ARG A 442 49.93 -2.33 -23.06
C ARG A 442 48.57 -2.70 -22.45
N LEU A 443 48.33 -4.00 -22.28
CA LEU A 443 47.24 -4.40 -21.41
C LEU A 443 47.55 -4.11 -19.96
N TYR A 444 48.83 -3.98 -19.60
CA TYR A 444 49.26 -3.70 -18.25
C TYR A 444 50.40 -2.69 -18.33
N ASP A 445 51.14 -2.56 -17.23
CA ASP A 445 52.41 -1.85 -17.24
C ASP A 445 53.42 -2.57 -16.36
N PRO A 446 54.69 -2.59 -16.75
CA PRO A 446 55.71 -3.25 -15.93
C PRO A 446 56.06 -2.44 -14.70
N THR A 447 56.30 -3.14 -13.60
CA THR A 447 56.61 -2.48 -12.34
C THR A 447 58.03 -1.94 -12.31
N GLU A 448 58.94 -2.51 -13.10
CA GLU A 448 60.32 -2.08 -13.11
C GLU A 448 60.78 -1.86 -14.53
N GLY A 449 61.61 -0.84 -14.72
CA GLY A 449 62.21 -0.62 -16.01
C GLY A 449 61.35 0.25 -16.91
N MET A 450 61.72 0.24 -18.19
CA MET A 450 61.03 1.01 -19.21
C MET A 450 61.07 0.24 -20.51
N VAL A 451 59.93 0.12 -21.18
CA VAL A 451 59.84 -0.50 -22.49
C VAL A 451 59.69 0.60 -23.54
N SER A 452 60.25 0.37 -24.72
CA SER A 452 60.22 1.34 -25.81
C SER A 452 59.97 0.64 -27.13
N VAL A 453 59.32 1.35 -28.04
CA VAL A 453 59.17 0.91 -29.41
C VAL A 453 59.72 2.02 -30.30
N ASP A 454 60.85 1.75 -30.94
CA ASP A 454 61.54 2.67 -31.86
C ASP A 454 61.90 4.00 -31.19
N GLY A 455 62.84 3.93 -30.26
CA GLY A 455 63.32 5.11 -29.58
C GLY A 455 62.53 5.48 -28.34
N GLN A 456 61.34 6.03 -28.51
CA GLN A 456 60.59 6.55 -27.36
C GLN A 456 59.80 5.46 -26.67
N ASP A 457 59.50 5.69 -25.40
CA ASP A 457 58.80 4.74 -24.56
C ASP A 457 57.30 4.79 -24.80
N ILE A 458 56.62 3.72 -24.38
CA ILE A 458 55.17 3.62 -24.50
C ILE A 458 54.49 4.59 -23.54
N ARG A 459 55.11 4.89 -22.40
CA ARG A 459 54.49 5.62 -21.29
C ARG A 459 54.18 7.09 -21.60
N THR A 460 54.52 7.63 -22.78
CA THR A 460 54.16 9.00 -23.13
C THR A 460 53.34 9.12 -24.41
N ILE A 461 53.08 8.01 -25.09
CA ILE A 461 52.42 8.03 -26.39
C ILE A 461 51.04 7.37 -26.30
N ASN A 462 50.25 7.55 -27.36
CA ASN A 462 48.84 7.16 -27.33
C ASN A 462 48.66 5.64 -27.37
N VAL A 463 47.69 5.16 -26.59
CA VAL A 463 47.48 3.72 -26.43
C VAL A 463 46.66 3.16 -27.60
N ARG A 464 45.69 3.92 -28.09
CA ARG A 464 44.82 3.40 -29.16
C ARG A 464 45.54 3.34 -30.49
N PHE A 465 46.34 4.37 -30.80
CA PHE A 465 47.12 4.36 -32.03
C PHE A 465 48.17 3.27 -32.01
N LEU A 466 48.72 2.96 -30.83
CA LEU A 466 49.62 1.84 -30.71
C LEU A 466 48.88 0.52 -30.78
N ARG A 467 47.64 0.48 -30.31
CA ARG A 467 46.89 -0.77 -30.26
C ARG A 467 46.39 -1.18 -31.62
N GLU A 468 46.17 -0.22 -32.52
CA GLU A 468 45.68 -0.58 -33.84
C GLU A 468 46.77 -1.14 -34.75
N ILE A 469 48.04 -0.87 -34.46
CA ILE A 469 49.12 -1.19 -35.39
C ILE A 469 49.84 -2.47 -35.01
N ILE A 470 49.35 -3.22 -34.04
CA ILE A 470 49.96 -4.48 -33.61
C ILE A 470 48.94 -5.59 -33.80
N GLY A 471 49.05 -6.33 -34.90
CA GLY A 471 48.10 -7.39 -35.12
C GLY A 471 48.47 -8.65 -34.37
N VAL A 472 47.63 -9.08 -33.42
CA VAL A 472 47.95 -10.18 -32.53
C VAL A 472 46.86 -11.23 -32.64
N VAL A 473 47.26 -12.49 -32.76
CA VAL A 473 46.36 -13.62 -32.54
C VAL A 473 46.74 -14.28 -31.22
N SER A 474 45.76 -14.47 -30.34
CA SER A 474 45.97 -15.10 -29.06
C SER A 474 45.90 -16.62 -29.19
N GLN A 475 45.93 -17.29 -28.03
CA GLN A 475 46.03 -18.75 -27.98
C GLN A 475 44.71 -19.40 -28.38
N GLU A 476 43.63 -19.00 -27.71
CA GLU A 476 42.28 -19.49 -28.04
C GLU A 476 41.45 -18.27 -28.43
N PRO A 477 41.28 -18.01 -29.72
CA PRO A 477 40.54 -16.82 -30.15
C PRO A 477 39.05 -17.00 -29.89
N VAL A 478 38.35 -15.87 -29.89
CA VAL A 478 36.90 -15.84 -29.81
C VAL A 478 36.35 -15.14 -31.04
N LEU A 479 35.22 -15.64 -31.54
CA LEU A 479 34.57 -15.13 -32.74
C LEU A 479 33.19 -14.60 -32.39
N PHE A 480 32.92 -13.35 -32.76
CA PHE A 480 31.62 -12.77 -32.50
C PHE A 480 30.56 -13.43 -33.38
N ALA A 481 29.37 -13.63 -32.81
CA ALA A 481 28.33 -14.43 -33.47
C ALA A 481 27.50 -13.54 -34.42
N THR A 482 28.19 -13.01 -35.43
CA THR A 482 27.59 -12.26 -36.52
C THR A 482 27.84 -13.02 -37.81
N THR A 483 27.57 -12.38 -38.95
CA THR A 483 27.98 -12.97 -40.21
C THR A 483 29.51 -12.91 -40.35
N ILE A 484 30.03 -13.78 -41.22
CA ILE A 484 31.48 -13.90 -41.34
C ILE A 484 32.08 -12.71 -42.07
N ALA A 485 31.28 -12.04 -42.91
CA ALA A 485 31.75 -10.81 -43.56
C ALA A 485 31.99 -9.72 -42.53
N GLU A 486 31.11 -9.60 -41.55
CA GLU A 486 31.32 -8.67 -40.45
C GLU A 486 32.48 -9.10 -39.57
N ASN A 487 32.67 -10.41 -39.39
CA ASN A 487 33.76 -10.93 -38.58
C ASN A 487 35.11 -10.56 -39.17
N ILE A 488 35.29 -10.81 -40.46
CA ILE A 488 36.52 -10.40 -41.13
C ILE A 488 36.58 -8.88 -41.32
N ARG A 489 35.43 -8.20 -41.28
CA ARG A 489 35.43 -6.75 -41.35
C ARG A 489 35.89 -6.11 -40.05
N TYR A 490 35.79 -6.84 -38.93
CA TYR A 490 36.07 -6.29 -37.60
C TYR A 490 37.48 -5.80 -37.31
N GLY A 491 38.42 -5.95 -38.26
CA GLY A 491 39.73 -5.36 -38.05
C GLY A 491 39.70 -3.85 -38.14
N ARG A 492 39.16 -3.31 -39.23
CA ARG A 492 39.17 -1.88 -39.47
C ARG A 492 37.93 -1.49 -40.26
N GLU A 493 37.71 -0.18 -40.36
CA GLU A 493 36.40 0.34 -40.72
C GLU A 493 36.06 0.14 -42.20
N ASN A 494 36.87 0.71 -43.09
CA ASN A 494 36.51 0.78 -44.51
C ASN A 494 37.31 -0.25 -45.29
N VAL A 495 36.83 -1.48 -45.26
CA VAL A 495 37.38 -2.58 -46.04
C VAL A 495 36.33 -3.04 -47.03
N THR A 496 36.70 -3.08 -48.31
CA THR A 496 35.83 -3.59 -49.36
C THR A 496 36.05 -5.09 -49.55
N MET A 497 35.17 -5.70 -50.34
CA MET A 497 35.15 -7.16 -50.47
C MET A 497 36.34 -7.71 -51.26
N ASP A 498 37.02 -6.87 -52.05
CA ASP A 498 38.20 -7.32 -52.77
C ASP A 498 39.36 -7.56 -51.81
N GLU A 499 39.57 -6.65 -50.87
CA GLU A 499 40.55 -6.86 -49.81
C GLU A 499 40.16 -8.02 -48.91
N ILE A 500 38.85 -8.23 -48.72
CA ILE A 500 38.35 -9.38 -47.97
C ILE A 500 38.74 -10.69 -48.67
N GLU A 501 38.53 -10.74 -49.99
CA GLU A 501 38.85 -11.96 -50.73
C GLU A 501 40.36 -12.20 -50.79
N LYS A 502 41.15 -11.12 -50.93
CA LYS A 502 42.60 -11.27 -50.91
C LYS A 502 43.11 -11.75 -49.55
N ALA A 503 42.50 -11.26 -48.46
CA ALA A 503 42.93 -11.68 -47.13
C ALA A 503 42.51 -13.11 -46.83
N VAL A 504 41.32 -13.52 -47.27
CA VAL A 504 40.90 -14.89 -46.97
C VAL A 504 41.61 -15.88 -47.89
N LYS A 505 42.03 -15.44 -49.08
CA LYS A 505 42.84 -16.31 -49.93
C LYS A 505 44.27 -16.38 -49.43
N GLU A 506 44.74 -15.32 -48.75
CA GLU A 506 45.99 -15.43 -48.01
C GLU A 506 45.84 -16.38 -46.83
N ALA A 507 44.68 -16.39 -46.19
CA ALA A 507 44.44 -17.29 -45.06
C ALA A 507 44.11 -18.70 -45.49
N ASN A 508 43.87 -18.93 -46.79
CA ASN A 508 43.48 -20.22 -47.36
C ASN A 508 42.23 -20.79 -46.67
N ALA A 509 41.28 -19.90 -46.42
CA ALA A 509 40.04 -20.30 -45.77
C ALA A 509 38.85 -19.96 -46.65
N TYR A 510 38.99 -20.21 -47.95
CA TYR A 510 37.93 -19.94 -48.91
C TYR A 510 37.19 -21.20 -49.36
N ASP A 511 37.78 -22.38 -49.14
CA ASP A 511 37.14 -23.63 -49.55
C ASP A 511 35.91 -23.94 -48.70
N PHE A 512 36.04 -23.82 -47.37
CA PHE A 512 34.88 -24.06 -46.52
C PHE A 512 33.90 -22.89 -46.61
N ILE A 513 34.36 -21.71 -47.02
CA ILE A 513 33.43 -20.65 -47.41
C ILE A 513 32.65 -21.07 -48.66
N MET A 514 33.34 -21.73 -49.60
CA MET A 514 32.70 -22.10 -50.86
C MET A 514 31.68 -23.23 -50.66
N LYS A 515 31.91 -24.13 -49.71
CA LYS A 515 31.01 -25.27 -49.61
C LYS A 515 29.74 -24.96 -48.81
N LEU A 516 29.81 -24.06 -47.82
CA LEU A 516 28.61 -23.80 -47.04
C LEU A 516 27.74 -22.74 -47.72
N PRO A 517 26.42 -22.83 -47.55
CA PRO A 517 25.54 -21.77 -48.06
C PRO A 517 25.73 -20.48 -47.28
N HIS A 518 25.24 -19.39 -47.88
CA HIS A 518 25.33 -18.03 -47.36
C HIS A 518 26.79 -17.63 -47.14
N LYS A 519 27.50 -17.56 -48.28
CA LYS A 519 28.96 -17.53 -48.29
C LYS A 519 29.53 -16.24 -47.70
N PHE A 520 28.73 -15.19 -47.62
CA PHE A 520 29.05 -14.03 -46.79
C PHE A 520 27.94 -13.72 -45.80
N ASP A 521 26.91 -14.57 -45.71
CA ASP A 521 25.73 -14.31 -44.91
C ASP A 521 25.54 -15.37 -43.81
N THR A 522 26.49 -16.29 -43.67
CA THR A 522 26.36 -17.35 -42.67
C THR A 522 26.59 -16.78 -41.27
N LEU A 523 25.58 -16.93 -40.41
CA LEU A 523 25.67 -16.52 -39.02
C LEU A 523 26.37 -17.61 -38.22
N VAL A 524 27.62 -17.37 -37.82
CA VAL A 524 28.34 -18.31 -36.99
C VAL A 524 27.73 -18.28 -35.59
N GLY A 525 27.63 -19.45 -34.96
CA GLY A 525 26.98 -19.56 -33.67
C GLY A 525 27.82 -19.01 -32.52
N GLU A 526 27.40 -19.38 -31.32
CA GLU A 526 28.01 -18.87 -30.10
C GLU A 526 29.38 -19.53 -29.88
N ARG A 527 30.42 -18.68 -29.77
CA ARG A 527 31.79 -19.09 -29.43
C ARG A 527 32.37 -20.06 -30.45
N GLY A 528 32.03 -19.86 -31.72
CA GLY A 528 32.58 -20.67 -32.81
C GLY A 528 32.16 -22.13 -32.81
N ALA A 529 30.93 -22.41 -32.42
CA ALA A 529 30.46 -23.79 -32.34
C ALA A 529 29.91 -24.32 -33.65
N GLN A 530 29.56 -23.44 -34.60
CA GLN A 530 28.97 -23.89 -35.85
C GLN A 530 30.03 -24.53 -36.75
N LEU A 531 31.21 -23.92 -36.82
CA LEU A 531 32.30 -24.40 -37.67
C LEU A 531 33.32 -25.20 -36.85
N SER A 532 34.29 -25.76 -37.56
CA SER A 532 35.33 -26.55 -36.94
C SER A 532 36.46 -25.65 -36.41
N GLY A 533 37.42 -26.26 -35.72
CA GLY A 533 38.47 -25.49 -35.09
C GLY A 533 39.49 -24.95 -36.08
N GLY A 534 39.81 -25.72 -37.11
CA GLY A 534 40.83 -25.29 -38.06
C GLY A 534 40.37 -24.16 -38.96
N GLN A 535 39.12 -24.24 -39.42
CA GLN A 535 38.51 -23.13 -40.13
C GLN A 535 38.42 -21.89 -39.26
N LYS A 536 38.16 -22.08 -37.96
CA LYS A 536 38.08 -20.99 -37.00
C LYS A 536 39.43 -20.29 -36.83
N GLN A 537 40.50 -21.07 -36.62
CA GLN A 537 41.80 -20.44 -36.43
C GLN A 537 42.31 -19.81 -37.73
N ARG A 538 41.98 -20.38 -38.90
CA ARG A 538 42.41 -19.77 -40.15
C ARG A 538 41.70 -18.46 -40.43
N ILE A 539 40.38 -18.39 -40.18
CA ILE A 539 39.72 -17.10 -40.35
C ILE A 539 40.08 -16.13 -39.22
N ALA A 540 40.56 -16.63 -38.08
CA ALA A 540 41.08 -15.72 -37.06
C ALA A 540 42.38 -15.08 -37.52
N ILE A 541 43.24 -15.87 -38.18
CA ILE A 541 44.44 -15.32 -38.81
C ILE A 541 44.07 -14.27 -39.86
N ALA A 542 43.03 -14.56 -40.66
CA ALA A 542 42.52 -13.58 -41.62
C ALA A 542 42.04 -12.31 -40.94
N ARG A 543 41.31 -12.47 -39.83
CA ARG A 543 40.73 -11.34 -39.09
C ARG A 543 41.81 -10.46 -38.49
N ALA A 544 42.96 -11.06 -38.14
CA ALA A 544 44.06 -10.21 -37.73
C ALA A 544 44.75 -9.55 -38.92
N LEU A 545 44.87 -10.26 -40.04
CA LEU A 545 45.61 -9.71 -41.17
C LEU A 545 44.87 -8.60 -41.91
N VAL A 546 43.57 -8.43 -41.69
CA VAL A 546 42.87 -7.34 -42.37
C VAL A 546 43.22 -5.96 -41.83
N ARG A 547 43.88 -5.87 -40.67
CA ARG A 547 44.25 -4.57 -40.12
C ARG A 547 45.41 -3.93 -40.86
N ASN A 548 46.18 -4.73 -41.62
CA ASN A 548 47.45 -4.38 -42.25
C ASN A 548 48.40 -3.80 -41.21
N PRO A 549 48.95 -4.61 -40.32
CA PRO A 549 49.66 -4.08 -39.15
C PRO A 549 51.14 -3.80 -39.41
N LYS A 550 51.79 -3.25 -38.38
CA LYS A 550 53.21 -2.97 -38.39
C LYS A 550 54.02 -4.02 -37.62
N ILE A 551 53.46 -4.58 -36.56
CA ILE A 551 54.07 -5.67 -35.81
C ILE A 551 53.05 -6.78 -35.67
N LEU A 552 53.44 -8.00 -36.01
CA LEU A 552 52.56 -9.16 -35.97
C LEU A 552 53.01 -10.07 -34.84
N LEU A 553 52.07 -10.47 -33.99
CA LEU A 553 52.35 -11.33 -32.84
C LEU A 553 51.41 -12.53 -32.89
N LEU A 554 51.96 -13.70 -33.14
CA LEU A 554 51.20 -14.94 -33.11
C LEU A 554 51.46 -15.66 -31.80
N ASP A 555 50.39 -16.18 -31.19
CA ASP A 555 50.52 -17.00 -29.99
C ASP A 555 49.75 -18.30 -30.21
N GLU A 556 50.49 -19.39 -30.48
CA GLU A 556 49.97 -20.74 -30.71
C GLU A 556 48.93 -20.77 -31.84
N ALA A 557 49.39 -20.37 -33.04
CA ALA A 557 48.51 -20.19 -34.17
C ALA A 557 48.12 -21.48 -34.87
N THR A 558 48.74 -22.60 -34.52
CA THR A 558 48.51 -23.88 -35.21
C THR A 558 48.36 -25.00 -34.19
N SER A 559 47.52 -24.77 -33.18
CA SER A 559 47.31 -25.76 -32.12
C SER A 559 46.59 -27.00 -32.64
N ALA A 560 45.41 -26.83 -33.22
CA ALA A 560 44.60 -27.94 -33.71
C ALA A 560 44.67 -28.11 -35.22
N LEU A 561 45.67 -27.51 -35.87
CA LEU A 561 45.71 -27.49 -37.32
C LEU A 561 46.52 -28.67 -37.87
N ASP A 562 46.17 -29.11 -39.08
CA ASP A 562 46.85 -30.21 -39.75
C ASP A 562 48.12 -29.75 -40.46
N THR A 563 48.63 -30.60 -41.35
CA THR A 563 49.95 -30.36 -41.94
C THR A 563 49.92 -29.30 -43.03
N GLU A 564 49.15 -29.55 -44.09
CA GLU A 564 49.19 -28.71 -45.29
C GLU A 564 48.63 -27.32 -45.05
N SER A 565 47.63 -27.19 -44.17
CA SER A 565 47.06 -25.87 -43.91
C SER A 565 47.99 -25.03 -43.05
N GLU A 566 48.67 -25.63 -42.08
CA GLU A 566 49.72 -24.93 -41.35
C GLU A 566 50.87 -24.56 -42.27
N ALA A 567 51.16 -25.40 -43.26
CA ALA A 567 52.21 -25.09 -44.24
C ALA A 567 51.86 -23.88 -45.08
N VAL A 568 50.65 -23.84 -45.65
CA VAL A 568 50.27 -22.71 -46.49
C VAL A 568 50.05 -21.45 -45.65
N VAL A 569 49.65 -21.59 -44.38
CA VAL A 569 49.55 -20.45 -43.48
C VAL A 569 50.94 -19.88 -43.19
N GLN A 570 51.93 -20.75 -42.99
CA GLN A 570 53.28 -20.24 -42.71
C GLN A 570 53.94 -19.66 -43.96
N VAL A 571 53.63 -20.20 -45.15
CA VAL A 571 54.10 -19.56 -46.39
C VAL A 571 53.46 -18.19 -46.55
N ALA A 572 52.18 -18.05 -46.20
CA ALA A 572 51.55 -16.74 -46.24
C ALA A 572 52.09 -15.81 -45.15
N LEU A 573 52.56 -16.38 -44.04
CA LEU A 573 53.15 -15.57 -42.98
C LEU A 573 54.51 -15.04 -43.40
N ASP A 574 55.26 -15.84 -44.15
CA ASP A 574 56.48 -15.36 -44.77
C ASP A 574 56.20 -14.52 -46.02
N LYS A 575 54.97 -14.53 -46.53
CA LYS A 575 54.61 -13.65 -47.63
C LYS A 575 54.43 -12.20 -47.17
N ALA A 576 54.19 -11.99 -45.89
CA ALA A 576 53.86 -10.67 -45.38
C ALA A 576 54.74 -10.29 -44.19
N ARG A 577 55.93 -10.87 -44.10
CA ARG A 577 56.82 -10.60 -42.98
C ARG A 577 57.93 -9.61 -43.31
N LYS A 578 58.08 -9.22 -44.58
CA LYS A 578 59.27 -8.46 -44.98
C LYS A 578 59.19 -6.98 -44.60
N GLY A 579 57.99 -6.41 -44.57
CA GLY A 579 57.85 -5.03 -44.15
C GLY A 579 57.58 -4.83 -42.67
N ARG A 580 57.31 -5.90 -41.94
CA ARG A 580 56.86 -5.83 -40.56
C ARG A 580 57.79 -6.62 -39.64
N THR A 581 57.70 -6.32 -38.34
CA THR A 581 58.37 -7.07 -37.29
C THR A 581 57.41 -8.14 -36.77
N THR A 582 57.93 -9.31 -36.42
CA THR A 582 57.08 -10.46 -36.14
C THR A 582 57.64 -11.22 -34.94
N ILE A 583 56.75 -11.67 -34.05
CA ILE A 583 57.08 -12.59 -32.97
C ILE A 583 56.09 -13.75 -33.01
N VAL A 584 56.60 -14.97 -33.11
CA VAL A 584 55.77 -16.17 -33.23
C VAL A 584 56.02 -17.03 -32.01
N ILE A 585 54.94 -17.44 -31.33
CA ILE A 585 54.99 -18.40 -30.25
C ILE A 585 54.23 -19.63 -30.68
N ALA A 586 54.88 -20.80 -30.66
CA ALA A 586 54.22 -22.02 -31.10
C ALA A 586 54.90 -23.22 -30.46
N HIS A 587 54.17 -24.34 -30.44
CA HIS A 587 54.73 -25.61 -29.96
C HIS A 587 55.38 -26.43 -31.06
N ARG A 588 54.82 -26.39 -32.27
CA ARG A 588 55.41 -27.13 -33.39
C ARG A 588 56.67 -26.43 -33.89
N LEU A 589 57.74 -27.20 -34.04
CA LEU A 589 59.04 -26.68 -34.46
C LEU A 589 59.20 -26.64 -35.97
N SER A 590 58.17 -27.04 -36.73
CA SER A 590 58.25 -26.96 -38.18
C SER A 590 58.22 -25.52 -38.67
N THR A 591 57.45 -24.68 -37.99
CA THR A 591 57.35 -23.27 -38.34
C THR A 591 58.39 -22.41 -37.62
N VAL A 592 59.21 -23.02 -36.76
CA VAL A 592 60.19 -22.29 -35.97
C VAL A 592 61.59 -22.36 -36.61
N ARG A 593 61.88 -23.42 -37.36
CA ARG A 593 63.23 -23.63 -37.90
C ARG A 593 63.58 -22.62 -38.99
N ASN A 594 62.60 -21.98 -39.60
CA ASN A 594 62.83 -21.00 -40.66
C ASN A 594 62.70 -19.56 -40.17
N ALA A 595 62.96 -19.32 -38.88
CA ALA A 595 62.86 -18.00 -38.30
C ALA A 595 64.21 -17.28 -38.32
N ASP A 596 64.21 -16.03 -37.85
CA ASP A 596 65.45 -15.26 -37.75
C ASP A 596 66.21 -15.63 -36.48
N VAL A 597 65.60 -15.38 -35.32
CA VAL A 597 66.27 -15.58 -34.03
C VAL A 597 65.39 -16.47 -33.16
N ILE A 598 65.99 -17.47 -32.53
CA ILE A 598 65.33 -18.33 -31.56
C ILE A 598 65.86 -17.98 -30.18
N ALA A 599 64.97 -17.93 -29.19
CA ALA A 599 65.35 -17.63 -27.82
C ALA A 599 64.62 -18.58 -26.88
N GLY A 600 65.12 -18.66 -25.65
CA GLY A 600 64.55 -19.57 -24.68
C GLY A 600 64.26 -18.99 -23.30
N PHE A 601 63.02 -19.17 -22.82
CA PHE A 601 62.69 -18.75 -21.46
C PHE A 601 63.11 -19.80 -20.44
N ASP A 602 63.58 -19.32 -19.29
CA ASP A 602 63.81 -20.14 -18.10
C ASP A 602 63.56 -19.27 -16.89
N ASP A 603 62.54 -19.66 -16.10
CA ASP A 603 62.12 -18.96 -14.87
C ASP A 603 61.77 -17.50 -15.13
N GLY A 604 61.19 -17.21 -16.29
CA GLY A 604 60.87 -15.86 -16.69
C GLY A 604 61.98 -15.14 -17.41
N VAL A 605 63.23 -15.54 -17.20
CA VAL A 605 64.37 -14.83 -17.75
C VAL A 605 64.75 -15.47 -19.09
N ILE A 606 65.01 -14.64 -20.10
CA ILE A 606 65.44 -15.12 -21.41
C ILE A 606 66.92 -15.48 -21.29
N VAL A 607 67.23 -16.77 -21.38
CA VAL A 607 68.60 -17.19 -21.10
C VAL A 607 69.44 -17.39 -22.37
N GLU A 608 68.98 -18.21 -23.31
CA GLU A 608 69.76 -18.45 -24.53
C GLU A 608 69.36 -17.47 -25.62
N LYS A 609 70.36 -17.01 -26.37
CA LYS A 609 70.15 -16.09 -27.48
C LYS A 609 71.01 -16.56 -28.66
N GLY A 610 70.59 -16.17 -29.85
CA GLY A 610 71.33 -16.44 -31.06
C GLY A 610 70.51 -17.17 -32.08
N ASN A 611 71.17 -17.53 -33.18
CA ASN A 611 70.54 -18.22 -34.30
C ASN A 611 70.42 -19.72 -34.01
N HIS A 612 70.14 -20.49 -35.07
CA HIS A 612 69.94 -21.93 -34.92
C HIS A 612 71.24 -22.64 -34.57
N ASP A 613 72.29 -22.43 -35.36
CA ASP A 613 73.56 -23.11 -35.17
C ASP A 613 74.29 -22.66 -33.90
N GLU A 614 74.03 -21.43 -33.45
CA GLU A 614 74.63 -20.95 -32.21
C GLU A 614 74.11 -21.73 -31.01
N LEU A 615 72.80 -21.98 -30.97
CA LEU A 615 72.24 -22.85 -29.94
C LEU A 615 72.52 -24.32 -30.20
N MET A 616 72.88 -24.65 -31.44
CA MET A 616 73.17 -26.05 -31.83
C MET A 616 74.64 -26.38 -31.51
N LYS A 617 75.51 -25.36 -31.50
CA LYS A 617 76.95 -25.55 -31.21
C LYS A 617 77.19 -25.27 -29.71
N GLU A 618 76.14 -24.91 -28.98
CA GLU A 618 76.25 -24.62 -27.53
C GLU A 618 75.63 -25.78 -26.73
N LYS A 619 74.91 -26.67 -27.43
CA LYS A 619 74.23 -27.86 -26.84
C LYS A 619 73.55 -27.49 -25.51
N GLY A 620 72.66 -26.49 -25.55
CA GLY A 620 71.94 -26.04 -24.34
C GLY A 620 70.60 -26.75 -24.18
N ILE A 621 69.68 -26.14 -23.44
CA ILE A 621 68.32 -26.73 -23.19
C ILE A 621 67.71 -27.11 -24.55
N TYR A 622 67.60 -26.13 -25.44
CA TYR A 622 67.02 -26.31 -26.78
C TYR A 622 67.71 -27.41 -27.54
N PHE A 623 68.97 -27.68 -27.19
CA PHE A 623 69.73 -28.75 -27.83
C PHE A 623 69.07 -30.09 -27.52
N LYS A 624 68.64 -30.24 -26.27
CA LYS A 624 67.95 -31.44 -25.83
C LYS A 624 66.60 -31.55 -26.53
N LEU A 625 66.07 -30.42 -27.01
CA LEU A 625 64.78 -30.50 -27.71
C LEU A 625 64.96 -31.02 -29.14
N VAL A 626 65.89 -30.43 -29.90
CA VAL A 626 66.07 -30.87 -31.29
C VAL A 626 66.75 -32.22 -31.37
N THR A 627 67.54 -32.62 -30.37
CA THR A 627 68.13 -33.95 -30.37
C THR A 627 67.08 -35.00 -30.05
N MET A 628 66.09 -34.65 -29.23
CA MET A 628 65.03 -35.59 -28.97
C MET A 628 64.04 -35.66 -30.13
N GLN A 629 63.80 -34.55 -30.83
CA GLN A 629 62.85 -34.55 -31.93
C GLN A 629 63.35 -35.27 -33.18
N THR A 630 64.66 -35.37 -33.38
CA THR A 630 65.17 -35.99 -34.60
C THR A 630 65.19 -37.51 -34.46
N PRO A 694 -1.76 -27.37 -21.46
CA PRO A 694 -1.58 -27.90 -22.81
C PRO A 694 -2.14 -29.31 -22.98
N VAL A 695 -1.33 -30.32 -22.68
CA VAL A 695 -1.76 -31.70 -22.88
C VAL A 695 -2.64 -32.17 -21.72
N SER A 696 -2.67 -31.41 -20.63
CA SER A 696 -3.39 -31.80 -19.43
C SER A 696 -4.42 -30.73 -19.09
N PHE A 697 -5.59 -31.18 -18.62
CA PHE A 697 -6.70 -30.29 -18.28
C PHE A 697 -7.27 -30.66 -16.93
N TRP A 698 -6.80 -29.97 -15.88
CA TRP A 698 -7.31 -30.10 -14.52
C TRP A 698 -7.32 -31.55 -14.04
N ARG A 699 -6.18 -32.20 -14.17
CA ARG A 699 -5.88 -33.40 -13.38
C ARG A 699 -5.12 -33.06 -12.11
N ILE A 700 -4.87 -31.77 -11.86
CA ILE A 700 -4.13 -31.34 -10.69
C ILE A 700 -4.98 -31.28 -9.44
N MET A 701 -6.31 -31.38 -9.57
CA MET A 701 -7.19 -31.35 -8.41
C MET A 701 -6.88 -32.49 -7.46
N LYS A 702 -6.35 -33.60 -7.97
CA LYS A 702 -6.05 -34.75 -7.12
C LYS A 702 -4.70 -34.60 -6.42
N LEU A 703 -3.96 -33.52 -6.71
CA LEU A 703 -2.63 -33.39 -6.16
C LEU A 703 -2.66 -32.91 -4.72
N ASN A 704 -3.64 -32.07 -4.37
CA ASN A 704 -3.88 -31.69 -2.98
C ASN A 704 -5.02 -32.46 -2.34
N LEU A 705 -5.51 -33.51 -2.99
CA LEU A 705 -6.71 -34.21 -2.53
C LEU A 705 -6.55 -34.72 -1.11
N THR A 706 -5.34 -35.16 -0.74
CA THR A 706 -5.15 -35.80 0.57
C THR A 706 -5.32 -34.81 1.71
N GLU A 707 -5.04 -33.53 1.46
CA GLU A 707 -5.26 -32.50 2.48
C GLU A 707 -6.64 -31.86 2.34
N TRP A 708 -7.68 -32.69 2.23
CA TRP A 708 -9.02 -32.16 2.03
C TRP A 708 -9.59 -31.41 3.22
N PRO A 709 -9.24 -31.70 4.49
CA PRO A 709 -9.74 -30.83 5.57
C PRO A 709 -9.30 -29.38 5.40
N TYR A 710 -8.06 -29.18 4.96
CA TYR A 710 -7.60 -27.83 4.68
C TYR A 710 -8.46 -27.17 3.60
N PHE A 711 -8.78 -27.92 2.54
CA PHE A 711 -9.58 -27.35 1.46
C PHE A 711 -10.99 -27.00 1.93
N VAL A 712 -11.59 -27.85 2.77
CA VAL A 712 -12.98 -27.60 3.15
C VAL A 712 -13.07 -26.44 4.13
N VAL A 713 -12.17 -26.40 5.13
CA VAL A 713 -12.15 -25.26 6.03
C VAL A 713 -11.80 -23.98 5.26
N GLY A 714 -10.98 -24.12 4.21
CA GLY A 714 -10.62 -22.95 3.42
C GLY A 714 -11.78 -22.42 2.61
N VAL A 715 -12.56 -23.31 1.99
CA VAL A 715 -13.71 -22.86 1.20
C VAL A 715 -14.77 -22.25 2.11
N PHE A 716 -14.93 -22.81 3.31
CA PHE A 716 -15.88 -22.21 4.25
C PHE A 716 -15.43 -20.83 4.70
N CYS A 717 -14.15 -20.68 5.04
CA CYS A 717 -13.66 -19.37 5.43
C CYS A 717 -13.72 -18.39 4.26
N ALA A 718 -13.53 -18.88 3.04
CA ALA A 718 -13.63 -17.99 1.88
C ALA A 718 -15.07 -17.54 1.66
N ILE A 719 -16.03 -18.43 1.89
CA ILE A 719 -17.44 -18.03 1.80
C ILE A 719 -17.74 -16.93 2.81
N ILE A 720 -17.28 -17.10 4.06
CA ILE A 720 -17.56 -16.09 5.07
C ILE A 720 -16.84 -14.78 4.75
N ASN A 721 -15.61 -14.87 4.26
CA ASN A 721 -14.83 -13.66 3.99
C ASN A 721 -15.34 -12.94 2.75
N GLY A 722 -16.01 -13.66 1.86
CA GLY A 722 -16.68 -12.99 0.76
C GLY A 722 -17.99 -12.35 1.19
N GLY A 723 -18.77 -13.05 2.01
CA GLY A 723 -19.99 -12.46 2.53
C GLY A 723 -19.80 -11.41 3.59
N LEU A 724 -18.56 -11.18 4.02
CA LEU A 724 -18.30 -10.16 5.02
C LEU A 724 -18.62 -8.76 4.50
N GLN A 725 -18.69 -8.61 3.18
CA GLN A 725 -18.98 -7.29 2.60
C GLN A 725 -20.46 -6.91 2.69
N PRO A 726 -21.42 -7.73 2.22
CA PRO A 726 -22.81 -7.31 2.31
C PRO A 726 -23.29 -7.11 3.74
N ALA A 727 -22.70 -7.81 4.70
CA ALA A 727 -23.05 -7.55 6.10
C ALA A 727 -22.61 -6.16 6.51
N PHE A 728 -21.47 -5.70 6.00
CA PHE A 728 -21.07 -4.32 6.25
C PHE A 728 -22.01 -3.35 5.58
N ALA A 729 -22.43 -3.65 4.36
CA ALA A 729 -23.44 -2.81 3.71
C ALA A 729 -24.68 -2.69 4.57
N ILE A 730 -25.18 -3.81 5.08
CA ILE A 730 -26.38 -3.82 5.90
C ILE A 730 -26.19 -2.98 7.16
N ILE A 731 -25.11 -3.20 7.89
CA ILE A 731 -24.94 -2.50 9.17
C ILE A 731 -24.73 -1.01 8.94
N PHE A 732 -23.92 -0.64 7.94
CA PHE A 732 -23.69 0.76 7.65
C PHE A 732 -24.98 1.46 7.25
N SER A 733 -25.74 0.89 6.31
CA SER A 733 -26.98 1.50 5.89
C SER A 733 -27.97 1.59 7.03
N LYS A 734 -28.03 0.58 7.90
CA LYS A 734 -28.98 0.61 8.99
C LYS A 734 -28.61 1.68 10.01
N ILE A 735 -27.32 1.82 10.31
CA ILE A 735 -26.91 2.81 11.31
C ILE A 735 -27.07 4.22 10.77
N ILE A 736 -27.05 4.39 9.45
CA ILE A 736 -27.35 5.71 8.89
C ILE A 736 -28.86 5.96 8.89
N GLY A 737 -29.64 4.97 8.47
CA GLY A 737 -31.08 5.13 8.46
C GLY A 737 -31.67 5.32 9.84
N VAL A 738 -30.91 4.95 10.88
CA VAL A 738 -31.34 5.26 12.24
C VAL A 738 -31.37 6.77 12.45
N PHE A 739 -30.49 7.50 11.77
CA PHE A 739 -30.44 8.95 11.88
C PHE A 739 -31.11 9.64 10.71
N THR A 740 -31.66 8.88 9.76
CA THR A 740 -32.45 9.46 8.68
C THR A 740 -33.92 9.60 9.04
N ARG A 741 -34.41 8.90 10.07
CA ARG A 741 -35.81 8.94 10.46
C ARG A 741 -35.93 9.45 11.90
N ILE A 742 -37.15 9.82 12.28
CA ILE A 742 -37.38 10.29 13.65
C ILE A 742 -37.79 9.11 14.52
N ASP A 743 -37.44 9.19 15.79
CA ASP A 743 -37.75 8.15 16.76
C ASP A 743 -37.46 8.68 18.16
N ASP A 744 -37.84 7.91 19.16
CA ASP A 744 -37.53 8.26 20.53
C ASP A 744 -36.01 8.33 20.70
N PRO A 745 -35.51 9.20 21.59
CA PRO A 745 -34.05 9.23 21.80
C PRO A 745 -33.47 7.92 22.30
N GLU A 746 -34.21 7.19 23.15
CA GLU A 746 -33.66 5.96 23.72
C GLU A 746 -33.66 4.81 22.72
N THR A 747 -34.70 4.72 21.90
CA THR A 747 -34.68 3.74 20.81
C THR A 747 -33.53 4.01 19.85
N LYS A 748 -33.28 5.28 19.55
CA LYS A 748 -32.17 5.64 18.68
C LYS A 748 -30.84 5.27 19.30
N ARG A 749 -30.66 5.56 20.59
CA ARG A 749 -29.41 5.22 21.26
C ARG A 749 -29.22 3.70 21.32
N GLN A 750 -30.29 2.95 21.53
CA GLN A 750 -30.18 1.50 21.56
C GLN A 750 -29.78 0.94 20.21
N ASN A 751 -30.39 1.44 19.13
CA ASN A 751 -29.99 0.98 17.80
C ASN A 751 -28.53 1.32 17.52
N SER A 752 -28.09 2.53 17.88
CA SER A 752 -26.71 2.92 17.64
C SER A 752 -25.74 2.01 18.40
N ASN A 753 -26.07 1.71 19.66
CA ASN A 753 -25.19 0.85 20.46
C ASN A 753 -25.15 -0.56 19.90
N LEU A 754 -26.30 -1.09 19.49
CA LEU A 754 -26.35 -2.42 18.90
C LEU A 754 -25.51 -2.50 17.63
N PHE A 755 -25.54 -1.45 16.82
CA PHE A 755 -24.80 -1.51 15.56
C PHE A 755 -23.31 -1.30 15.77
N SER A 756 -22.92 -0.52 16.79
CA SER A 756 -21.51 -0.48 17.16
C SER A 756 -21.02 -1.85 17.62
N LEU A 757 -21.80 -2.54 18.44
CA LEU A 757 -21.43 -3.87 18.87
C LEU A 757 -21.35 -4.84 17.68
N LEU A 758 -22.27 -4.70 16.72
CA LEU A 758 -22.22 -5.56 15.54
C LEU A 758 -20.98 -5.28 14.70
N PHE A 759 -20.55 -4.03 14.63
CA PHE A 759 -19.29 -3.72 13.95
C PHE A 759 -18.13 -4.43 14.62
N LEU A 760 -18.04 -4.33 15.95
CA LEU A 760 -16.96 -5.02 16.65
C LEU A 760 -16.99 -6.52 16.39
N ALA A 761 -18.17 -7.13 16.45
CA ALA A 761 -18.28 -8.57 16.27
C ALA A 761 -17.92 -8.98 14.85
N LEU A 762 -18.32 -8.18 13.86
CA LEU A 762 -17.92 -8.44 12.49
C LEU A 762 -16.41 -8.36 12.34
N GLY A 763 -15.78 -7.43 13.05
CA GLY A 763 -14.32 -7.36 13.02
C GLY A 763 -13.65 -8.59 13.59
N ILE A 764 -14.18 -9.09 14.72
CA ILE A 764 -13.59 -10.28 15.32
C ILE A 764 -13.75 -11.49 14.41
N ILE A 765 -14.95 -11.65 13.83
CA ILE A 765 -15.16 -12.71 12.86
C ILE A 765 -14.17 -12.58 11.71
N SER A 766 -13.94 -11.35 11.24
CA SER A 766 -12.99 -11.14 10.14
C SER A 766 -11.59 -11.58 10.53
N PHE A 767 -11.17 -11.24 11.74
CA PHE A 767 -9.85 -11.66 12.21
C PHE A 767 -9.72 -13.17 12.17
N ILE A 768 -10.65 -13.87 12.83
CA ILE A 768 -10.58 -15.34 12.88
C ILE A 768 -10.58 -15.93 11.48
N THR A 769 -11.50 -15.47 10.63
CA THR A 769 -11.68 -16.10 9.33
C THR A 769 -10.51 -15.80 8.40
N PHE A 770 -9.92 -14.61 8.51
CA PHE A 770 -8.75 -14.30 7.70
C PHE A 770 -7.57 -15.17 8.12
N PHE A 771 -7.29 -15.24 9.42
CA PHE A 771 -6.27 -16.15 9.90
C PHE A 771 -6.49 -17.55 9.33
N LEU A 772 -7.70 -18.07 9.47
CA LEU A 772 -7.93 -19.47 9.12
C LEU A 772 -7.80 -19.72 7.63
N GLN A 773 -8.45 -18.91 6.80
CA GLN A 773 -8.35 -19.09 5.35
C GLN A 773 -6.89 -18.98 4.90
N GLY A 774 -6.20 -17.92 5.33
CA GLY A 774 -4.82 -17.76 4.92
C GLY A 774 -3.95 -18.92 5.33
N PHE A 775 -4.02 -19.31 6.61
CA PHE A 775 -3.18 -20.40 7.10
C PHE A 775 -3.48 -21.69 6.37
N THR A 776 -4.77 -22.03 6.20
CA THR A 776 -5.10 -23.32 5.60
C THR A 776 -4.68 -23.38 4.14
N PHE A 777 -4.94 -22.33 3.37
CA PHE A 777 -4.57 -22.39 1.96
C PHE A 777 -3.07 -22.34 1.80
N GLY A 778 -2.37 -21.53 2.61
CA GLY A 778 -0.92 -21.53 2.56
C GLY A 778 -0.32 -22.86 2.95
N LYS A 779 -0.91 -23.53 3.95
CA LYS A 779 -0.36 -24.80 4.40
C LYS A 779 -0.58 -25.89 3.36
N ALA A 780 -1.79 -25.98 2.80
CA ALA A 780 -2.01 -26.97 1.74
C ALA A 780 -1.12 -26.69 0.54
N GLY A 781 -0.93 -25.41 0.20
CA GLY A 781 -0.04 -25.09 -0.90
C GLY A 781 1.39 -25.50 -0.64
N GLU A 782 1.90 -25.22 0.55
CA GLU A 782 3.28 -25.57 0.85
C GLU A 782 3.47 -27.07 0.92
N ILE A 783 2.48 -27.79 1.44
CA ILE A 783 2.58 -29.25 1.46
C ILE A 783 2.60 -29.79 0.03
N LEU A 784 1.81 -29.20 -0.87
CA LEU A 784 1.85 -29.64 -2.25
C LEU A 784 3.18 -29.33 -2.91
N THR A 785 3.74 -28.15 -2.65
CA THR A 785 5.04 -27.82 -3.24
C THR A 785 6.12 -28.76 -2.74
N LYS A 786 6.07 -29.13 -1.45
CA LYS A 786 7.08 -30.04 -0.93
C LYS A 786 6.94 -31.42 -1.55
N ARG A 787 5.70 -31.91 -1.62
CA ARG A 787 5.41 -33.26 -2.19
C ARG A 787 5.77 -33.29 -3.69
N LEU A 788 5.67 -32.15 -4.38
CA LEU A 788 5.97 -32.10 -5.81
C LEU A 788 7.46 -31.96 -6.06
N ARG A 789 8.16 -31.14 -5.27
CA ARG A 789 9.61 -31.05 -5.41
C ARG A 789 10.27 -32.39 -5.11
N TYR A 790 9.87 -33.03 -4.02
CA TYR A 790 10.37 -34.37 -3.70
C TYR A 790 10.19 -35.32 -4.87
N MET A 791 8.99 -35.33 -5.46
CA MET A 791 8.68 -36.31 -6.49
C MET A 791 9.38 -36.00 -7.80
N VAL A 792 9.50 -34.72 -8.18
CA VAL A 792 10.18 -34.41 -9.43
C VAL A 792 11.67 -34.71 -9.29
N PHE A 793 12.25 -34.44 -8.12
CA PHE A 793 13.65 -34.79 -7.94
C PHE A 793 13.85 -36.30 -8.01
N ARG A 794 12.96 -37.07 -7.38
CA ARG A 794 13.10 -38.52 -7.44
C ARG A 794 12.92 -39.04 -8.86
N SER A 795 11.98 -38.47 -9.61
CA SER A 795 11.71 -38.95 -10.97
C SER A 795 12.82 -38.54 -11.93
N MET A 796 13.48 -37.41 -11.68
CA MET A 796 14.63 -37.05 -12.49
C MET A 796 15.84 -37.88 -12.14
N LEU A 797 16.03 -38.18 -10.84
CA LEU A 797 17.10 -39.08 -10.44
C LEU A 797 16.90 -40.47 -11.05
N ARG A 798 15.65 -40.82 -11.33
CA ARG A 798 15.38 -42.18 -11.88
C ARG A 798 15.66 -42.18 -13.39
N GLN A 799 16.08 -41.03 -13.95
CA GLN A 799 16.25 -40.97 -15.40
C GLN A 799 17.62 -41.52 -15.81
N ASP A 800 17.83 -41.57 -17.12
CA ASP A 800 19.09 -42.02 -17.70
C ASP A 800 19.97 -40.83 -18.06
N VAL A 801 21.24 -41.12 -18.38
CA VAL A 801 22.16 -40.06 -18.76
C VAL A 801 21.79 -39.51 -20.15
N SER A 802 21.20 -40.36 -20.99
CA SER A 802 20.72 -39.90 -22.29
C SER A 802 19.60 -38.88 -22.12
N TRP A 803 18.90 -38.91 -20.99
CA TRP A 803 17.84 -37.94 -20.76
C TRP A 803 18.42 -36.54 -20.55
N PHE A 804 19.31 -36.36 -19.57
CA PHE A 804 19.92 -35.06 -19.33
C PHE A 804 20.76 -34.62 -20.53
N ASP A 805 21.37 -35.57 -21.24
CA ASP A 805 22.25 -35.17 -22.34
C ASP A 805 21.48 -34.56 -23.50
N ASP A 806 20.15 -34.57 -23.44
CA ASP A 806 19.35 -33.84 -24.41
C ASP A 806 19.70 -32.36 -24.34
N PRO A 807 19.78 -31.66 -25.48
CA PRO A 807 20.21 -30.25 -25.44
C PRO A 807 19.27 -29.34 -24.67
N LYS A 808 17.98 -29.67 -24.57
CA LYS A 808 17.06 -28.81 -23.85
C LYS A 808 17.07 -29.12 -22.35
N ASN A 809 17.44 -30.35 -21.98
CA ASN A 809 17.51 -30.74 -20.58
C ASN A 809 18.83 -30.26 -19.96
N THR A 810 18.88 -28.96 -19.66
CA THR A 810 20.06 -28.40 -19.02
C THR A 810 19.87 -28.31 -17.51
N THR A 811 20.99 -28.30 -16.79
CA THR A 811 20.94 -28.37 -15.33
C THR A 811 20.27 -27.15 -14.72
N GLY A 812 20.88 -25.97 -14.86
CA GLY A 812 20.34 -24.76 -14.25
C GLY A 812 18.91 -24.49 -14.67
N ALA A 813 18.61 -24.72 -15.95
CA ALA A 813 17.23 -24.58 -16.41
C ALA A 813 16.30 -25.49 -15.64
N LEU A 814 16.77 -26.67 -15.26
CA LEU A 814 15.89 -27.62 -14.58
C LEU A 814 15.74 -27.27 -13.10
N THR A 815 16.81 -26.80 -12.45
CA THR A 815 16.64 -26.32 -11.08
C THR A 815 15.70 -25.13 -11.03
N THR A 816 15.76 -24.25 -12.04
CA THR A 816 14.85 -23.12 -12.09
C THR A 816 13.42 -23.58 -12.38
N ARG A 817 13.26 -24.57 -13.26
CA ARG A 817 11.94 -25.15 -13.50
C ARG A 817 11.36 -25.69 -12.20
N LEU A 818 12.14 -26.44 -11.44
CA LEU A 818 11.68 -26.90 -10.13
C LEU A 818 11.25 -25.72 -9.27
N ALA A 819 12.18 -24.81 -8.99
CA ALA A 819 11.94 -23.70 -8.08
C ALA A 819 10.66 -22.94 -8.44
N ASN A 820 10.45 -22.68 -9.73
CA ASN A 820 9.35 -21.81 -10.11
C ASN A 820 8.05 -22.60 -10.29
N ASP A 821 8.09 -23.69 -11.05
CA ASP A 821 6.87 -24.39 -11.39
C ASP A 821 6.28 -25.14 -10.20
N ALA A 822 7.11 -25.74 -9.35
CA ALA A 822 6.56 -26.43 -8.19
C ALA A 822 5.87 -25.46 -7.25
N ALA A 823 6.20 -24.17 -7.34
CA ALA A 823 5.53 -23.17 -6.51
C ALA A 823 4.39 -22.50 -7.27
N GLN A 824 4.34 -22.68 -8.59
CA GLN A 824 3.26 -22.10 -9.38
C GLN A 824 2.06 -23.04 -9.44
N VAL A 825 2.30 -24.35 -9.40
CA VAL A 825 1.20 -25.31 -9.55
C VAL A 825 0.36 -25.36 -8.29
N LYS A 826 0.88 -24.85 -7.16
CA LYS A 826 0.05 -24.74 -5.97
C LYS A 826 -0.99 -23.64 -6.15
N GLY A 827 -0.58 -22.51 -6.72
CA GLY A 827 -1.55 -21.47 -7.05
C GLY A 827 -2.57 -21.97 -8.05
N ALA A 828 -2.08 -22.65 -9.09
CA ALA A 828 -2.96 -23.13 -10.17
C ALA A 828 -4.16 -23.93 -9.64
N ILE A 829 -4.03 -24.52 -8.46
CA ILE A 829 -5.09 -25.34 -7.89
C ILE A 829 -5.85 -24.62 -6.78
N GLY A 830 -5.14 -23.98 -5.84
CA GLY A 830 -5.82 -23.42 -4.69
C GLY A 830 -6.42 -22.06 -4.97
N SER A 831 -5.70 -21.23 -5.72
CA SER A 831 -6.04 -19.81 -5.81
C SER A 831 -7.29 -19.58 -6.65
N ARG A 832 -7.43 -20.31 -7.76
CA ARG A 832 -8.63 -20.14 -8.58
C ARG A 832 -9.89 -20.44 -7.78
N LEU A 833 -9.89 -21.54 -7.04
CA LEU A 833 -11.05 -21.91 -6.23
C LEU A 833 -11.31 -20.88 -5.13
N ALA A 834 -10.26 -20.51 -4.38
CA ALA A 834 -10.44 -19.55 -3.29
C ALA A 834 -10.97 -18.22 -3.80
N VAL A 835 -10.43 -17.75 -4.93
CA VAL A 835 -10.81 -16.44 -5.44
C VAL A 835 -12.23 -16.48 -6.03
N ILE A 836 -12.57 -17.55 -6.72
CA ILE A 836 -13.93 -17.66 -7.26
C ILE A 836 -14.95 -17.66 -6.13
N THR A 837 -14.68 -18.43 -5.06
CA THR A 837 -15.64 -18.48 -3.96
C THR A 837 -15.73 -17.13 -3.25
N GLN A 838 -14.58 -16.49 -3.00
CA GLN A 838 -14.58 -15.15 -2.44
C GLN A 838 -15.45 -14.21 -3.26
N ASN A 839 -15.22 -14.16 -4.57
CA ASN A 839 -15.91 -13.18 -5.41
C ASN A 839 -17.40 -13.49 -5.50
N ILE A 840 -17.76 -14.77 -5.46
CA ILE A 840 -19.19 -15.11 -5.48
C ILE A 840 -19.85 -14.63 -4.20
N ALA A 841 -19.33 -15.04 -3.05
CA ALA A 841 -19.94 -14.63 -1.80
C ALA A 841 -19.80 -13.13 -1.56
N ASN A 842 -19.03 -12.44 -2.41
CA ASN A 842 -18.89 -10.99 -2.27
C ASN A 842 -19.90 -10.26 -3.16
N LEU A 843 -20.09 -10.70 -4.39
CA LEU A 843 -20.89 -9.92 -5.33
C LEU A 843 -22.25 -10.53 -5.62
N GLY A 844 -22.42 -11.86 -5.55
CA GLY A 844 -23.72 -12.43 -5.82
C GLY A 844 -24.76 -12.01 -4.81
N THR A 845 -24.49 -12.24 -3.52
CA THR A 845 -25.42 -11.82 -2.48
C THR A 845 -25.58 -10.31 -2.48
N GLY A 846 -24.58 -9.58 -2.95
CA GLY A 846 -24.71 -8.13 -3.04
C GLY A 846 -25.71 -7.71 -4.11
N ILE A 847 -25.58 -8.27 -5.31
CA ILE A 847 -26.54 -7.96 -6.37
C ILE A 847 -27.93 -8.40 -5.96
N ILE A 848 -28.03 -9.50 -5.21
CA ILE A 848 -29.36 -10.00 -4.82
C ILE A 848 -30.00 -9.07 -3.80
N ILE A 849 -29.28 -8.72 -2.73
CA ILE A 849 -29.83 -7.82 -1.73
C ILE A 849 -30.14 -6.46 -2.34
N SER A 850 -29.34 -6.03 -3.31
CA SER A 850 -29.62 -4.76 -3.97
C SER A 850 -30.89 -4.84 -4.82
N PHE A 851 -31.04 -5.92 -5.58
CA PHE A 851 -32.22 -6.09 -6.42
C PHE A 851 -33.49 -6.16 -5.57
N ILE A 852 -33.40 -6.75 -4.38
CA ILE A 852 -34.59 -6.89 -3.54
C ILE A 852 -35.06 -5.52 -3.08
N TYR A 853 -34.13 -4.63 -2.73
CA TYR A 853 -34.52 -3.36 -2.13
C TYR A 853 -34.68 -2.27 -3.19
N GLY A 854 -33.59 -1.93 -3.88
CA GLY A 854 -33.68 -0.94 -4.94
C GLY A 854 -33.46 -1.54 -6.31
N TRP A 855 -34.54 -1.67 -7.10
CA TRP A 855 -34.43 -2.38 -8.36
C TRP A 855 -33.85 -1.48 -9.47
N GLN A 856 -34.24 -0.20 -9.48
CA GLN A 856 -33.79 0.69 -10.54
C GLN A 856 -32.32 1.04 -10.39
N LEU A 857 -31.93 1.49 -9.20
CA LEU A 857 -30.54 1.89 -8.99
C LEU A 857 -29.60 0.71 -9.16
N THR A 858 -30.06 -0.51 -8.86
CA THR A 858 -29.21 -1.68 -9.03
C THR A 858 -28.89 -1.91 -10.50
N LEU A 859 -29.87 -1.69 -11.39
CA LEU A 859 -29.59 -1.78 -12.82
C LEU A 859 -28.65 -0.66 -13.26
N LEU A 860 -28.92 0.56 -12.80
CA LEU A 860 -28.07 1.69 -13.16
C LEU A 860 -26.61 1.44 -12.78
N LEU A 861 -26.39 0.81 -11.62
CA LEU A 861 -25.02 0.59 -11.16
C LEU A 861 -24.45 -0.72 -11.72
N LEU A 862 -25.32 -1.65 -12.12
CA LEU A 862 -24.88 -2.78 -12.92
C LEU A 862 -24.26 -2.30 -14.22
N ALA A 863 -24.75 -1.17 -14.73
CA ALA A 863 -24.16 -0.62 -15.95
C ALA A 863 -22.82 0.07 -15.68
N ILE A 864 -22.29 -0.06 -14.46
CA ILE A 864 -21.01 0.57 -14.12
C ILE A 864 -20.03 -0.39 -13.43
N VAL A 865 -20.52 -1.49 -12.84
CA VAL A 865 -19.64 -2.35 -12.03
C VAL A 865 -18.39 -2.84 -12.76
N PRO A 866 -18.40 -3.15 -14.06
CA PRO A 866 -17.15 -3.62 -14.68
C PRO A 866 -16.00 -2.62 -14.60
N ILE A 867 -16.28 -1.34 -14.89
CA ILE A 867 -15.21 -0.35 -14.90
C ILE A 867 -14.70 -0.10 -13.49
N ILE A 868 -15.56 -0.25 -12.49
CA ILE A 868 -15.14 -0.05 -11.11
C ILE A 868 -14.24 -1.21 -10.66
N ALA A 869 -14.62 -2.44 -11.01
CA ALA A 869 -13.72 -3.57 -10.79
C ALA A 869 -12.37 -3.35 -11.49
N ILE A 870 -12.41 -2.81 -12.71
CA ILE A 870 -11.18 -2.57 -13.45
C ILE A 870 -10.32 -1.54 -12.74
N ALA A 871 -10.94 -0.49 -12.21
CA ALA A 871 -10.19 0.51 -11.47
C ALA A 871 -9.55 -0.09 -10.22
N GLY A 872 -10.27 -0.96 -9.54
CA GLY A 872 -9.69 -1.63 -8.39
C GLY A 872 -8.48 -2.47 -8.74
N VAL A 873 -8.61 -3.28 -9.80
CA VAL A 873 -7.50 -4.15 -10.19
C VAL A 873 -6.30 -3.32 -10.64
N VAL A 874 -6.55 -2.16 -11.26
CA VAL A 874 -5.45 -1.34 -11.76
C VAL A 874 -4.74 -0.66 -10.60
N GLU A 875 -5.52 -0.19 -9.64
CA GLU A 875 -4.96 0.48 -8.43
C GLU A 875 -4.11 -0.54 -7.67
N MET A 876 -4.57 -1.79 -7.59
CA MET A 876 -3.81 -2.84 -6.92
C MET A 876 -2.51 -3.16 -7.66
N LYS A 877 -2.59 -3.40 -8.97
CA LYS A 877 -1.37 -3.66 -9.73
C LYS A 877 -0.42 -2.46 -9.68
N MET A 878 -0.94 -1.27 -9.37
CA MET A 878 -0.09 -0.11 -9.20
C MET A 878 0.52 -0.03 -7.81
N LEU A 879 -0.09 -0.66 -6.81
CA LEU A 879 0.46 -0.58 -5.46
C LEU A 879 1.87 -1.15 -5.40
N SER A 880 2.09 -2.31 -6.01
CA SER A 880 3.45 -2.84 -6.13
C SER A 880 3.57 -3.87 -7.24
N GLY A 881 4.21 -3.48 -8.34
CA GLY A 881 4.56 -4.43 -9.39
C GLY A 881 3.53 -4.59 -10.48
N GLN A 882 3.82 -4.06 -11.67
CA GLN A 882 2.85 -4.10 -12.76
C GLN A 882 3.28 -5.00 -13.91
N ALA A 883 4.47 -4.75 -14.48
CA ALA A 883 4.91 -5.41 -15.69
C ALA A 883 6.43 -5.55 -15.69
N LEU A 884 6.91 -6.62 -16.32
CA LEU A 884 8.33 -6.89 -16.46
C LEU A 884 8.81 -6.85 -17.90
N LYS A 885 7.94 -6.45 -18.84
CA LYS A 885 8.23 -6.65 -20.26
C LYS A 885 9.39 -5.77 -20.72
N ASP A 886 9.61 -4.63 -20.07
CA ASP A 886 10.75 -3.79 -20.42
C ASP A 886 12.06 -4.53 -20.21
N LYS A 887 12.17 -5.27 -19.10
CA LYS A 887 13.34 -6.11 -18.88
C LYS A 887 13.47 -7.16 -19.98
N LYS A 888 12.34 -7.68 -20.47
CA LYS A 888 12.40 -8.72 -21.50
C LYS A 888 12.90 -8.17 -22.81
N GLU A 889 12.46 -6.96 -23.17
CA GLU A 889 12.98 -6.31 -24.37
C GLU A 889 14.47 -6.01 -24.22
N LEU A 890 14.86 -5.44 -23.07
CA LEU A 890 16.28 -5.15 -22.84
C LEU A 890 17.13 -6.41 -22.91
N GLU A 891 16.62 -7.53 -22.38
CA GLU A 891 17.37 -8.78 -22.42
C GLU A 891 17.48 -9.32 -23.83
N GLY A 892 16.36 -9.38 -24.55
CA GLY A 892 16.41 -9.81 -25.95
C GLY A 892 17.30 -8.93 -26.79
N ALA A 893 17.55 -7.71 -26.33
CA ALA A 893 18.51 -6.82 -26.97
C ALA A 893 19.78 -6.60 -26.16
N GLY A 894 20.02 -7.42 -25.13
CA GLY A 894 21.12 -7.18 -24.22
C GLY A 894 22.32 -8.10 -24.35
N LYS A 895 22.26 -9.08 -25.27
CA LYS A 895 23.36 -10.03 -25.38
C LYS A 895 24.63 -9.38 -25.90
N ILE A 896 24.49 -8.25 -26.61
CA ILE A 896 25.66 -7.61 -27.21
C ILE A 896 26.56 -7.00 -26.13
N ALA A 897 25.97 -6.42 -25.09
CA ALA A 897 26.78 -5.87 -24.01
C ALA A 897 27.45 -7.00 -23.23
N THR A 898 26.73 -8.11 -23.03
CA THR A 898 27.35 -9.30 -22.45
C THR A 898 28.58 -9.73 -23.24
N GLU A 899 28.44 -9.82 -24.57
CA GLU A 899 29.53 -10.36 -25.38
C GLU A 899 30.70 -9.37 -25.48
N ALA A 900 30.39 -8.07 -25.48
CA ALA A 900 31.47 -7.08 -25.52
C ALA A 900 32.06 -6.86 -24.13
N ILE A 901 31.45 -7.44 -23.10
CA ILE A 901 32.05 -7.40 -21.78
C ILE A 901 32.95 -8.62 -21.55
N GLU A 902 32.43 -9.82 -21.85
CA GLU A 902 33.21 -11.03 -21.64
C GLU A 902 34.49 -11.02 -22.47
N ASN A 903 34.39 -10.65 -23.73
CA ASN A 903 35.53 -10.67 -24.65
C ASN A 903 36.24 -9.31 -24.68
N PHE A 904 36.62 -8.85 -23.49
CA PHE A 904 37.39 -7.61 -23.38
C PHE A 904 38.73 -7.74 -24.10
N ARG A 905 39.19 -8.98 -24.30
CA ARG A 905 40.51 -9.22 -24.87
C ARG A 905 40.61 -8.67 -26.28
N THR A 906 39.74 -9.12 -27.17
CA THR A 906 39.81 -8.71 -28.57
C THR A 906 39.54 -7.22 -28.72
N VAL A 907 38.70 -6.65 -27.85
CA VAL A 907 38.30 -5.26 -28.01
C VAL A 907 39.36 -4.32 -27.48
N VAL A 908 40.22 -4.79 -26.57
CA VAL A 908 41.26 -3.91 -26.05
C VAL A 908 42.40 -3.78 -27.06
N SER A 909 42.48 -4.71 -28.01
CA SER A 909 43.54 -4.63 -29.01
C SER A 909 43.02 -4.07 -30.33
N LEU A 910 41.82 -4.50 -30.75
CA LEU A 910 41.33 -4.15 -32.08
C LEU A 910 41.11 -2.65 -32.22
N THR A 911 41.02 -1.92 -31.11
CA THR A 911 40.72 -0.49 -31.11
C THR A 911 39.43 -0.21 -31.89
N GLN A 912 38.36 -0.90 -31.50
CA GLN A 912 37.05 -0.75 -32.14
C GLN A 912 35.95 -0.59 -31.10
N GLU A 913 36.33 -0.10 -29.91
CA GLU A 913 35.40 -0.01 -28.79
C GLU A 913 34.20 0.88 -29.12
N GLN A 914 34.45 2.02 -29.77
CA GLN A 914 33.37 2.95 -30.06
C GLN A 914 32.34 2.34 -31.00
N LYS A 915 32.76 1.38 -31.83
CA LYS A 915 31.80 0.73 -32.72
C LYS A 915 30.82 -0.13 -31.93
N PHE A 916 31.30 -0.80 -30.89
CA PHE A 916 30.40 -1.61 -30.07
C PHE A 916 29.58 -0.75 -29.12
N GLU A 917 30.10 0.42 -28.73
CA GLU A 917 29.27 1.37 -27.99
C GLU A 917 28.15 1.92 -28.87
N HIS A 918 28.44 2.18 -30.15
CA HIS A 918 27.38 2.61 -31.07
C HIS A 918 26.39 1.49 -31.32
N MET A 919 26.87 0.24 -31.33
CA MET A 919 25.96 -0.89 -31.44
C MET A 919 25.05 -1.00 -30.22
N TYR A 920 25.59 -0.69 -29.04
CA TYR A 920 24.74 -0.66 -27.85
C TYR A 920 23.70 0.45 -27.93
N ALA A 921 24.08 1.61 -28.46
CA ALA A 921 23.11 2.67 -28.66
C ALA A 921 22.00 2.24 -29.62
N GLN A 922 22.39 1.59 -30.74
CA GLN A 922 21.39 1.08 -31.68
C GLN A 922 20.50 0.03 -31.03
N SER A 923 21.04 -0.72 -30.06
CA SER A 923 20.23 -1.69 -29.34
C SER A 923 19.28 -1.00 -28.36
N LEU A 924 19.69 0.15 -27.83
CA LEU A 924 18.88 0.84 -26.83
C LEU A 924 17.79 1.71 -27.44
N GLN A 925 17.91 2.06 -28.72
CA GLN A 925 17.01 3.07 -29.29
C GLN A 925 15.53 2.69 -29.14
N VAL A 926 15.10 1.58 -29.75
CA VAL A 926 13.66 1.33 -29.91
C VAL A 926 12.94 1.09 -28.59
N PRO A 927 13.48 0.28 -27.66
CA PRO A 927 12.81 0.17 -26.35
C PRO A 927 12.56 1.52 -25.68
N TYR A 928 13.37 2.53 -25.98
CA TYR A 928 13.18 3.85 -25.39
C TYR A 928 11.92 4.52 -25.92
N ARG A 929 11.72 4.48 -27.24
CA ARG A 929 10.48 4.98 -27.82
C ARG A 929 9.27 4.22 -27.28
N ASN A 930 9.38 2.90 -27.20
CA ASN A 930 8.27 2.11 -26.68
C ASN A 930 7.98 2.47 -25.23
N SER A 931 9.03 2.73 -24.45
CA SER A 931 8.83 3.09 -23.05
C SER A 931 8.11 4.43 -22.92
N LEU A 932 8.42 5.39 -23.79
CA LEU A 932 7.71 6.66 -23.71
C LEU A 932 6.24 6.51 -24.07
N ARG A 933 5.96 5.78 -25.16
CA ARG A 933 4.57 5.53 -25.53
C ARG A 933 3.81 4.81 -24.41
N LYS A 934 4.49 3.87 -23.73
CA LYS A 934 3.83 3.12 -22.67
C LYS A 934 3.60 3.99 -21.44
N ALA A 935 4.53 4.92 -21.15
CA ALA A 935 4.30 5.85 -20.06
C ALA A 935 3.04 6.67 -20.31
N HIS A 936 2.87 7.17 -21.53
CA HIS A 936 1.66 7.95 -21.83
C HIS A 936 0.40 7.10 -21.69
N ILE A 937 0.41 5.90 -22.27
CA ILE A 937 -0.78 5.05 -22.22
C ILE A 937 -1.14 4.70 -20.77
N PHE A 938 -0.13 4.36 -19.97
CA PHE A 938 -0.37 3.97 -18.58
C PHE A 938 -0.94 5.13 -17.78
N GLY A 939 -0.39 6.33 -17.96
CA GLY A 939 -0.99 7.50 -17.31
C GLY A 939 -2.45 7.67 -17.67
N ILE A 940 -2.77 7.56 -18.96
CA ILE A 940 -4.16 7.76 -19.37
C ILE A 940 -5.08 6.74 -18.71
N THR A 941 -4.69 5.47 -18.70
CA THR A 941 -5.57 4.44 -18.14
C THR A 941 -5.79 4.66 -16.64
N PHE A 942 -4.70 4.87 -15.89
CA PHE A 942 -4.83 5.10 -14.46
C PHE A 942 -5.78 6.26 -14.16
N SER A 943 -5.56 7.39 -14.86
CA SER A 943 -6.40 8.55 -14.62
C SER A 943 -7.86 8.27 -14.94
N PHE A 944 -8.12 7.62 -16.08
CA PHE A 944 -9.51 7.39 -16.47
C PHE A 944 -10.24 6.50 -15.47
N THR A 945 -9.58 5.43 -14.99
CA THR A 945 -10.25 4.54 -14.05
C THR A 945 -10.57 5.26 -12.75
N GLN A 946 -9.60 5.99 -12.20
CA GLN A 946 -9.90 6.71 -10.96
C GLN A 946 -11.00 7.74 -11.18
N ALA A 947 -11.03 8.39 -12.34
CA ALA A 947 -12.07 9.38 -12.60
C ALA A 947 -13.45 8.74 -12.67
N MET A 948 -13.54 7.53 -13.24
CA MET A 948 -14.84 6.87 -13.28
C MET A 948 -15.29 6.48 -11.87
N MET A 949 -14.33 6.10 -11.01
CA MET A 949 -14.68 5.88 -9.61
C MET A 949 -15.17 7.16 -8.95
N TYR A 950 -14.70 8.32 -9.44
CA TYR A 950 -15.16 9.58 -8.88
C TYR A 950 -16.53 9.98 -9.41
N PHE A 951 -16.89 9.53 -10.61
CA PHE A 951 -18.16 9.95 -11.21
C PHE A 951 -19.31 9.02 -10.83
N SER A 952 -18.99 7.80 -10.38
CA SER A 952 -20.03 6.91 -9.86
C SER A 952 -20.84 7.58 -8.76
N TYR A 953 -20.17 8.33 -7.87
CA TYR A 953 -20.87 9.08 -6.83
C TYR A 953 -21.98 9.93 -7.42
N ALA A 954 -21.62 10.81 -8.37
CA ALA A 954 -22.58 11.76 -8.93
C ALA A 954 -23.75 11.03 -9.58
N GLY A 955 -23.46 10.09 -10.46
CA GLY A 955 -24.55 9.39 -11.14
C GLY A 955 -25.48 8.68 -10.17
N CYS A 956 -24.90 7.83 -9.30
CA CYS A 956 -25.71 7.03 -8.39
C CYS A 956 -26.56 7.92 -7.50
N PHE A 957 -26.00 9.01 -6.99
CA PHE A 957 -26.75 9.78 -6.00
C PHE A 957 -27.75 10.72 -6.66
N ARG A 958 -27.52 11.13 -7.91
CA ARG A 958 -28.55 11.90 -8.60
C ARG A 958 -29.76 11.02 -8.90
N PHE A 959 -29.53 9.83 -9.44
CA PHE A 959 -30.67 8.94 -9.66
C PHE A 959 -31.33 8.55 -8.35
N GLY A 960 -30.54 8.39 -7.28
CA GLY A 960 -31.12 8.08 -5.99
C GLY A 960 -31.97 9.20 -5.46
N ALA A 961 -31.58 10.45 -5.70
CA ALA A 961 -32.40 11.57 -5.26
C ALA A 961 -33.71 11.65 -6.04
N TYR A 962 -33.64 11.41 -7.36
CA TYR A 962 -34.88 11.36 -8.13
C TYR A 962 -35.80 10.26 -7.62
N LEU A 963 -35.23 9.12 -7.20
CA LEU A 963 -36.05 8.03 -6.69
C LEU A 963 -36.66 8.37 -5.34
N VAL A 964 -35.85 8.92 -4.43
CA VAL A 964 -36.36 9.28 -3.10
C VAL A 964 -37.47 10.31 -3.21
N ALA A 965 -37.34 11.24 -4.16
CA ALA A 965 -38.33 12.31 -4.27
C ALA A 965 -39.69 11.79 -4.71
N HIS A 966 -39.72 10.69 -5.45
CA HIS A 966 -40.98 10.14 -5.95
C HIS A 966 -41.51 8.99 -5.11
N LYS A 967 -41.07 8.84 -3.86
CA LYS A 967 -41.57 7.84 -2.92
C LYS A 967 -41.27 6.40 -3.34
N LEU A 968 -40.41 6.20 -4.33
CA LEU A 968 -40.15 4.85 -4.80
C LEU A 968 -39.22 4.10 -3.85
N MET A 969 -38.43 4.82 -3.06
CA MET A 969 -37.51 4.19 -2.12
C MET A 969 -37.01 5.22 -1.12
N SER A 970 -36.46 4.73 -0.02
CA SER A 970 -35.91 5.59 1.02
C SER A 970 -34.44 5.89 0.74
N PHE A 971 -33.84 6.69 1.63
CA PHE A 971 -32.43 7.02 1.48
C PHE A 971 -31.54 5.91 2.02
N GLU A 972 -31.97 5.27 3.12
CA GLU A 972 -31.30 4.07 3.59
C GLU A 972 -31.18 3.04 2.47
N ASP A 973 -32.15 3.00 1.57
CA ASP A 973 -32.14 2.02 0.50
C ASP A 973 -31.10 2.34 -0.58
N VAL A 974 -31.02 3.60 -0.99
CA VAL A 974 -30.01 3.97 -1.99
C VAL A 974 -28.62 3.85 -1.39
N LEU A 975 -28.47 4.17 -0.11
CA LEU A 975 -27.19 3.95 0.56
C LEU A 975 -26.82 2.47 0.56
N LEU A 976 -27.80 1.59 0.81
CA LEU A 976 -27.53 0.16 0.74
C LEU A 976 -27.09 -0.26 -0.65
N VAL A 977 -27.84 0.12 -1.68
CA VAL A 977 -27.49 -0.29 -3.03
C VAL A 977 -26.09 0.18 -3.39
N PHE A 978 -25.78 1.44 -3.10
CA PHE A 978 -24.45 1.98 -3.34
C PHE A 978 -23.39 1.15 -2.63
N SER A 979 -23.45 1.12 -1.29
CA SER A 979 -22.39 0.52 -0.50
C SER A 979 -22.28 -0.99 -0.71
N ALA A 980 -23.29 -1.60 -1.32
CA ALA A 980 -23.26 -3.04 -1.52
C ALA A 980 -22.87 -3.44 -2.93
N VAL A 981 -23.13 -2.60 -3.94
CA VAL A 981 -22.81 -2.92 -5.33
C VAL A 981 -21.50 -2.28 -5.76
N VAL A 982 -21.32 -0.99 -5.49
CA VAL A 982 -20.11 -0.31 -5.99
C VAL A 982 -18.90 -0.79 -5.23
N PHE A 983 -18.98 -0.84 -3.89
CA PHE A 983 -17.86 -1.35 -3.10
C PHE A 983 -17.73 -2.86 -3.26
N GLY A 984 -18.84 -3.53 -3.58
CA GLY A 984 -18.74 -4.92 -3.99
C GLY A 984 -17.82 -5.10 -5.19
N ALA A 985 -18.03 -4.31 -6.23
CA ALA A 985 -17.21 -4.44 -7.43
C ALA A 985 -15.78 -3.98 -7.16
N MET A 986 -15.60 -2.96 -6.32
CA MET A 986 -14.25 -2.52 -5.99
C MET A 986 -13.48 -3.61 -5.25
N ALA A 987 -14.12 -4.27 -4.29
CA ALA A 987 -13.48 -5.37 -3.59
C ALA A 987 -13.24 -6.55 -4.52
N VAL A 988 -14.17 -6.80 -5.45
CA VAL A 988 -13.96 -7.84 -6.45
C VAL A 988 -12.67 -7.59 -7.21
N GLY A 989 -12.47 -6.36 -7.68
CA GLY A 989 -11.22 -6.03 -8.36
C GLY A 989 -10.00 -6.18 -7.47
N GLN A 990 -10.05 -5.59 -6.27
CA GLN A 990 -8.91 -5.62 -5.36
C GLN A 990 -8.49 -7.06 -5.07
N VAL A 991 -9.45 -7.95 -4.85
CA VAL A 991 -9.11 -9.33 -4.51
C VAL A 991 -8.66 -10.11 -5.73
N SER A 992 -9.39 -10.01 -6.85
CA SER A 992 -9.00 -10.75 -8.04
C SER A 992 -7.68 -10.24 -8.61
N SER A 993 -7.16 -9.14 -8.05
CA SER A 993 -5.82 -8.70 -8.43
C SER A 993 -4.74 -9.59 -7.81
N PHE A 994 -4.83 -9.84 -6.50
CA PHE A 994 -3.77 -10.59 -5.82
C PHE A 994 -3.69 -12.02 -6.32
N ALA A 995 -4.68 -12.46 -7.10
CA ALA A 995 -4.65 -13.81 -7.62
C ALA A 995 -3.57 -13.94 -8.70
N PRO A 996 -2.76 -14.99 -8.66
CA PRO A 996 -1.80 -15.22 -9.74
C PRO A 996 -2.50 -15.72 -10.99
N ASP A 997 -2.00 -15.26 -12.14
CA ASP A 997 -2.65 -15.57 -13.41
C ASP A 997 -2.53 -17.06 -13.73
N TYR A 998 -3.31 -17.51 -14.70
CA TYR A 998 -3.71 -18.91 -14.74
C TYR A 998 -3.10 -19.65 -15.92
N ALA A 999 -2.77 -18.95 -17.01
CA ALA A 999 -2.30 -19.63 -18.22
C ALA A 999 -0.89 -20.18 -18.02
N LYS A 1000 0.02 -19.35 -17.50
CA LYS A 1000 1.37 -19.82 -17.23
C LYS A 1000 1.37 -20.92 -16.17
N ALA A 1001 0.50 -20.79 -15.17
CA ALA A 1001 0.34 -21.84 -14.18
C ALA A 1001 -0.10 -23.16 -14.82
N LYS A 1002 -1.01 -23.09 -15.79
CA LYS A 1002 -1.47 -24.30 -16.46
C LYS A 1002 -0.35 -24.94 -17.28
N ILE A 1003 0.38 -24.12 -18.05
CA ILE A 1003 1.54 -24.64 -18.78
C ILE A 1003 2.53 -25.29 -17.84
N SER A 1004 2.75 -24.66 -16.69
CA SER A 1004 3.65 -25.20 -15.66
C SER A 1004 3.19 -26.58 -15.20
N ALA A 1005 1.92 -26.70 -14.82
CA ALA A 1005 1.41 -27.99 -14.36
C ALA A 1005 1.52 -29.05 -15.45
N ALA A 1006 1.25 -28.66 -16.70
CA ALA A 1006 1.37 -29.61 -17.80
C ALA A 1006 2.79 -30.15 -17.92
N HIS A 1007 3.79 -29.26 -17.90
CA HIS A 1007 5.17 -29.71 -18.03
C HIS A 1007 5.59 -30.54 -16.83
N ILE A 1008 5.15 -30.17 -15.62
CA ILE A 1008 5.52 -30.92 -14.42
C ILE A 1008 4.97 -32.33 -14.51
N ILE A 1009 3.71 -32.48 -14.91
CA ILE A 1009 3.11 -33.80 -15.01
C ILE A 1009 3.78 -34.61 -16.11
N MET A 1010 4.11 -33.95 -17.23
CA MET A 1010 4.85 -34.62 -18.30
C MET A 1010 6.15 -35.21 -17.77
N ILE A 1011 6.96 -34.42 -17.06
CA ILE A 1011 8.26 -34.89 -16.62
C ILE A 1011 8.11 -35.95 -15.53
N ILE A 1012 7.12 -35.79 -14.65
CA ILE A 1012 6.87 -36.80 -13.63
C ILE A 1012 6.51 -38.13 -14.27
N GLU A 1013 5.62 -38.04 -15.27
CA GLU A 1013 5.08 -39.19 -16.04
C GLU A 1013 6.17 -39.91 -16.86
N LYS A 1014 7.13 -39.15 -17.39
CA LYS A 1014 8.18 -39.76 -18.26
C LYS A 1014 8.93 -40.84 -17.47
N THR A 1015 9.12 -42.00 -18.11
CA THR A 1015 9.84 -43.15 -17.49
C THR A 1015 11.06 -43.49 -18.37
N PRO A 1016 12.27 -43.62 -17.79
CA PRO A 1016 13.46 -43.95 -18.57
C PRO A 1016 13.41 -45.38 -19.12
N LEU A 1017 14.06 -45.62 -20.26
CA LEU A 1017 14.07 -46.97 -20.90
C LEU A 1017 14.72 -47.98 -19.94
N ILE A 1018 15.79 -47.57 -19.25
CA ILE A 1018 16.48 -48.45 -18.26
C ILE A 1018 16.10 -47.97 -16.86
N ASP A 1019 15.57 -48.88 -16.03
CA ASP A 1019 15.13 -48.52 -14.65
C ASP A 1019 16.27 -48.84 -13.68
N SER A 1020 16.68 -47.86 -12.87
CA SER A 1020 17.77 -48.08 -11.93
C SER A 1020 17.31 -48.81 -10.68
N TYR A 1021 16.03 -48.73 -10.33
CA TYR A 1021 15.52 -49.34 -9.11
C TYR A 1021 15.12 -50.80 -9.28
N SER A 1022 14.98 -51.30 -10.51
CA SER A 1022 14.56 -52.68 -10.71
C SER A 1022 15.72 -53.64 -10.53
N THR A 1023 15.42 -54.82 -10.00
CA THR A 1023 16.39 -55.87 -9.77
C THR A 1023 16.36 -56.94 -10.86
N GLU A 1024 15.40 -56.87 -11.78
CA GLU A 1024 15.24 -57.91 -12.79
C GLU A 1024 16.35 -57.85 -13.83
N GLY A 1025 16.72 -59.02 -14.31
CA GLY A 1025 17.83 -59.19 -15.22
C GLY A 1025 18.55 -60.49 -14.92
N LEU A 1026 19.76 -60.62 -15.43
CA LEU A 1026 20.59 -61.79 -15.19
C LEU A 1026 21.46 -61.52 -13.97
N MET A 1027 21.25 -62.33 -12.92
CA MET A 1027 22.06 -62.28 -11.70
C MET A 1027 22.79 -63.61 -11.56
N PRO A 1028 24.00 -63.70 -12.11
CA PRO A 1028 24.87 -64.83 -11.77
C PRO A 1028 25.59 -64.57 -10.45
N ASN A 1029 25.94 -65.65 -9.77
CA ASN A 1029 26.62 -65.51 -8.50
C ASN A 1029 28.12 -65.24 -8.68
N THR A 1030 28.67 -65.60 -9.84
CA THR A 1030 30.11 -65.53 -10.07
C THR A 1030 30.41 -64.77 -11.35
N LEU A 1031 31.71 -64.49 -11.54
CA LEU A 1031 32.25 -63.80 -12.69
C LEU A 1031 33.72 -64.19 -12.82
N GLU A 1032 34.37 -63.69 -13.87
CA GLU A 1032 35.81 -63.83 -14.03
C GLU A 1032 36.52 -62.51 -14.21
N GLY A 1033 36.05 -61.66 -15.11
CA GLY A 1033 36.66 -60.37 -15.37
C GLY A 1033 37.23 -60.19 -16.77
N ASN A 1034 36.60 -60.80 -17.78
CA ASN A 1034 37.02 -60.70 -19.16
C ASN A 1034 35.97 -59.93 -19.95
N VAL A 1035 36.41 -58.96 -20.75
CA VAL A 1035 35.51 -58.08 -21.51
C VAL A 1035 35.83 -58.23 -23.00
N THR A 1036 34.79 -58.28 -23.83
CA THR A 1036 34.98 -58.45 -25.28
C THR A 1036 34.04 -57.51 -26.03
N PHE A 1037 34.60 -56.47 -26.62
CA PHE A 1037 33.88 -55.58 -27.53
C PHE A 1037 34.01 -56.10 -28.95
N GLY A 1038 32.90 -56.12 -29.69
CA GLY A 1038 32.94 -56.49 -31.08
C GLY A 1038 32.00 -55.71 -31.97
N GLU A 1039 32.57 -55.01 -32.97
CA GLU A 1039 31.83 -54.26 -34.00
C GLU A 1039 30.92 -53.20 -33.37
N VAL A 1040 31.37 -52.62 -32.27
CA VAL A 1040 30.54 -51.67 -31.53
C VAL A 1040 30.60 -50.30 -32.22
N VAL A 1041 29.43 -49.79 -32.59
CA VAL A 1041 29.29 -48.46 -33.18
C VAL A 1041 28.46 -47.62 -32.23
N PHE A 1042 28.76 -46.32 -32.14
CA PHE A 1042 27.99 -45.44 -31.29
C PHE A 1042 27.89 -44.06 -31.94
N ASN A 1043 26.68 -43.53 -32.00
CA ASN A 1043 26.41 -42.16 -32.39
C ASN A 1043 25.73 -41.43 -31.24
N TYR A 1044 26.11 -40.18 -31.02
CA TYR A 1044 25.51 -39.41 -29.94
C TYR A 1044 24.07 -39.05 -30.30
N PRO A 1045 23.16 -39.04 -29.32
CA PRO A 1045 21.76 -38.68 -29.64
C PRO A 1045 21.59 -37.20 -29.95
N THR A 1046 22.45 -36.34 -29.41
CA THR A 1046 22.38 -34.92 -29.74
C THR A 1046 23.04 -34.63 -31.09
N ARG A 1047 23.95 -35.48 -31.56
CA ARG A 1047 24.59 -35.36 -32.85
C ARG A 1047 24.32 -36.63 -33.65
N PRO A 1048 23.14 -36.75 -34.26
CA PRO A 1048 22.81 -37.99 -34.98
C PRO A 1048 23.48 -38.10 -36.34
N ASP A 1049 23.89 -36.98 -36.94
CA ASP A 1049 24.50 -37.01 -38.26
C ASP A 1049 26.00 -37.28 -38.21
N ILE A 1050 26.64 -36.96 -37.09
CA ILE A 1050 28.10 -37.08 -36.96
C ILE A 1050 28.40 -38.38 -36.23
N PRO A 1051 29.05 -39.35 -36.87
CA PRO A 1051 29.47 -40.55 -36.13
C PRO A 1051 30.88 -40.38 -35.53
N VAL A 1052 30.99 -40.64 -34.23
CA VAL A 1052 32.28 -40.66 -33.58
C VAL A 1052 32.90 -42.05 -33.56
N LEU A 1053 32.09 -43.10 -33.76
CA LEU A 1053 32.57 -44.47 -33.81
C LEU A 1053 32.21 -45.11 -35.15
N GLN A 1054 33.06 -46.03 -35.58
CA GLN A 1054 32.89 -46.75 -36.84
C GLN A 1054 33.18 -48.25 -36.64
N GLY A 1055 32.71 -48.81 -35.53
CA GLY A 1055 32.79 -50.24 -35.33
C GLY A 1055 34.06 -50.76 -34.69
N LEU A 1056 34.36 -50.33 -33.47
CA LEU A 1056 35.59 -50.79 -32.84
C LEU A 1056 35.40 -52.19 -32.25
N SER A 1057 36.50 -52.79 -31.85
CA SER A 1057 36.50 -54.10 -31.19
C SER A 1057 37.70 -54.16 -30.26
N LEU A 1058 37.57 -54.97 -29.20
CA LEU A 1058 38.60 -55.04 -28.17
C LEU A 1058 38.45 -56.35 -27.41
N GLU A 1059 39.57 -56.86 -26.90
CA GLU A 1059 39.60 -58.07 -26.09
C GLU A 1059 40.43 -57.79 -24.86
N VAL A 1060 39.80 -57.89 -23.69
CA VAL A 1060 40.46 -57.64 -22.42
C VAL A 1060 40.34 -58.89 -21.56
N LYS A 1061 41.47 -59.32 -21.00
CA LYS A 1061 41.54 -60.45 -20.08
C LYS A 1061 41.91 -59.96 -18.69
N LYS A 1062 42.12 -60.93 -17.79
CA LYS A 1062 42.33 -60.62 -16.37
C LYS A 1062 43.69 -59.97 -16.14
N GLY A 1063 43.66 -58.82 -15.46
CA GLY A 1063 44.87 -58.12 -15.08
C GLY A 1063 45.61 -57.48 -16.23
N GLN A 1064 44.91 -57.15 -17.31
CA GLN A 1064 45.52 -56.67 -18.54
C GLN A 1064 45.48 -55.16 -18.56
N THR A 1065 46.60 -54.53 -18.26
CA THR A 1065 46.74 -53.07 -18.27
C THR A 1065 46.63 -52.59 -19.71
N LEU A 1066 45.44 -52.13 -20.06
CA LEU A 1066 45.10 -51.77 -21.44
C LEU A 1066 45.12 -50.26 -21.56
N ALA A 1067 46.12 -49.74 -22.26
CA ALA A 1067 46.25 -48.31 -22.52
C ALA A 1067 45.49 -47.97 -23.79
N LEU A 1068 44.83 -46.82 -23.79
CA LEU A 1068 44.10 -46.33 -24.96
C LEU A 1068 44.65 -44.95 -25.32
N VAL A 1069 45.37 -44.89 -26.44
CA VAL A 1069 46.04 -43.66 -26.84
C VAL A 1069 45.40 -43.18 -28.15
N GLY A 1070 45.26 -41.87 -28.27
CA GLY A 1070 44.71 -41.28 -29.47
C GLY A 1070 44.69 -39.77 -29.36
N SER A 1071 44.06 -39.14 -30.35
CA SER A 1071 43.93 -37.70 -30.36
C SER A 1071 42.89 -37.23 -29.36
N SER A 1072 42.90 -35.94 -29.07
CA SER A 1072 41.91 -35.34 -28.18
C SER A 1072 40.57 -35.29 -28.91
N GLY A 1073 39.65 -36.17 -28.51
CA GLY A 1073 38.35 -36.24 -29.15
C GLY A 1073 38.25 -37.30 -30.21
N CYS A 1074 38.79 -38.49 -29.94
CA CYS A 1074 38.70 -39.63 -30.85
C CYS A 1074 37.96 -40.81 -30.23
N GLY A 1075 37.16 -40.55 -29.19
CA GLY A 1075 36.48 -41.62 -28.49
C GLY A 1075 37.33 -42.23 -27.40
N LYS A 1076 37.77 -41.41 -26.44
CA LYS A 1076 38.56 -41.88 -25.31
C LYS A 1076 37.72 -42.22 -24.09
N SER A 1077 36.83 -41.31 -23.67
CA SER A 1077 35.89 -41.60 -22.61
C SER A 1077 34.63 -42.28 -23.12
N THR A 1078 34.49 -42.44 -24.44
CA THR A 1078 33.33 -43.09 -25.00
C THR A 1078 33.29 -44.57 -24.64
N VAL A 1079 34.45 -45.23 -24.58
CA VAL A 1079 34.48 -46.63 -24.17
C VAL A 1079 34.12 -46.77 -22.69
N VAL A 1080 34.46 -45.77 -21.88
CA VAL A 1080 34.05 -45.72 -20.48
C VAL A 1080 32.53 -45.59 -20.38
N GLN A 1081 31.94 -44.71 -21.18
CA GLN A 1081 30.49 -44.53 -21.14
C GLN A 1081 29.75 -45.72 -21.75
N LEU A 1082 30.40 -46.45 -22.65
CA LEU A 1082 29.82 -47.70 -23.14
C LEU A 1082 29.89 -48.79 -22.09
N LEU A 1083 30.91 -48.77 -21.24
CA LEU A 1083 30.97 -49.77 -20.17
C LEU A 1083 29.96 -49.46 -19.06
N GLU A 1084 29.88 -48.22 -18.61
CA GLU A 1084 29.18 -47.88 -17.37
C GLU A 1084 27.67 -47.72 -17.54
N ARG A 1085 27.08 -48.29 -18.59
CA ARG A 1085 25.63 -48.31 -18.84
C ARG A 1085 25.02 -46.91 -18.95
N PHE A 1086 25.81 -45.94 -19.40
CA PHE A 1086 25.25 -44.63 -19.71
C PHE A 1086 24.51 -44.70 -21.05
N TYR A 1087 25.24 -45.01 -22.12
CA TYR A 1087 24.67 -45.18 -23.44
C TYR A 1087 24.66 -46.65 -23.82
N ASP A 1088 23.56 -47.10 -24.37
CA ASP A 1088 23.54 -48.42 -24.97
C ASP A 1088 23.68 -48.27 -26.48
N PRO A 1089 24.61 -48.99 -27.12
CA PRO A 1089 24.87 -48.75 -28.55
C PRO A 1089 23.77 -49.31 -29.43
N LEU A 1090 23.65 -48.72 -30.62
CA LEU A 1090 22.64 -49.17 -31.58
C LEU A 1090 23.03 -50.50 -32.21
N ALA A 1091 24.34 -50.69 -32.45
CA ALA A 1091 24.86 -51.93 -33.00
C ALA A 1091 26.11 -52.34 -32.24
N GLY A 1092 26.48 -53.60 -32.39
CA GLY A 1092 27.66 -54.16 -31.75
C GLY A 1092 27.28 -55.25 -30.75
N LYS A 1093 28.33 -55.86 -30.19
CA LYS A 1093 28.13 -56.92 -29.20
C LYS A 1093 29.22 -56.82 -28.14
N VAL A 1094 28.79 -56.79 -26.88
CA VAL A 1094 29.71 -56.68 -25.75
C VAL A 1094 29.45 -57.88 -24.84
N LEU A 1095 30.48 -58.68 -24.62
CA LEU A 1095 30.42 -59.87 -23.77
C LEU A 1095 31.25 -59.63 -22.52
N LEU A 1096 30.61 -59.63 -21.37
CA LEU A 1096 31.31 -59.52 -20.09
C LEU A 1096 31.35 -60.93 -19.51
N ASP A 1097 32.48 -61.62 -19.73
CA ASP A 1097 32.70 -63.02 -19.33
C ASP A 1097 31.66 -63.95 -19.93
N GLY A 1098 31.33 -63.75 -21.21
CA GLY A 1098 30.29 -64.55 -21.81
C GLY A 1098 28.90 -64.22 -21.35
N LYS A 1099 28.73 -63.07 -20.68
CA LYS A 1099 27.42 -62.60 -20.23
C LYS A 1099 27.21 -61.21 -20.82
N GLU A 1100 26.15 -61.06 -21.60
CA GLU A 1100 25.87 -59.79 -22.24
C GLU A 1100 25.34 -58.81 -21.20
N ILE A 1101 25.80 -57.56 -21.29
CA ILE A 1101 25.42 -56.56 -20.29
C ILE A 1101 23.96 -56.15 -20.39
N LYS A 1102 23.32 -56.39 -21.55
CA LYS A 1102 21.95 -55.94 -21.75
C LYS A 1102 20.95 -56.83 -21.04
N ARG A 1103 21.35 -58.05 -20.67
CA ARG A 1103 20.47 -58.96 -19.97
C ARG A 1103 20.72 -59.00 -18.47
N LEU A 1104 21.82 -58.43 -17.98
CA LEU A 1104 22.17 -58.51 -16.57
C LEU A 1104 21.33 -57.57 -15.71
N ASN A 1105 21.65 -57.55 -14.43
CA ASN A 1105 21.16 -56.52 -13.52
C ASN A 1105 21.90 -55.22 -13.76
N VAL A 1106 21.17 -54.11 -13.75
CA VAL A 1106 21.75 -52.82 -14.10
C VAL A 1106 22.59 -52.28 -12.96
N GLN A 1107 22.11 -52.41 -11.73
CA GLN A 1107 22.85 -51.86 -10.59
C GLN A 1107 24.06 -52.70 -10.20
N TRP A 1108 24.10 -53.96 -10.62
CA TRP A 1108 25.20 -54.84 -10.21
C TRP A 1108 26.50 -54.46 -10.91
N LEU A 1109 26.42 -54.13 -12.19
CA LEU A 1109 27.59 -53.65 -12.92
C LEU A 1109 28.05 -52.30 -12.39
N ARG A 1110 27.10 -51.45 -11.99
CA ARG A 1110 27.46 -50.16 -11.42
C ARG A 1110 27.96 -50.28 -9.99
N ALA A 1111 27.69 -51.41 -9.33
CA ALA A 1111 28.24 -51.66 -8.01
C ALA A 1111 29.65 -52.25 -8.06
N HIS A 1112 29.92 -53.12 -9.05
CA HIS A 1112 31.17 -53.87 -9.02
C HIS A 1112 32.38 -53.02 -9.41
N LEU A 1113 32.23 -52.17 -10.42
CA LEU A 1113 33.37 -51.38 -10.88
C LEU A 1113 33.42 -50.02 -10.18
N GLY A 1114 34.49 -49.28 -10.45
CA GLY A 1114 34.67 -47.96 -9.87
C GLY A 1114 35.77 -47.17 -10.55
N ILE A 1115 35.47 -45.93 -10.98
CA ILE A 1115 36.38 -45.16 -11.82
C ILE A 1115 36.77 -43.84 -11.16
N VAL A 1116 37.65 -43.09 -11.82
CA VAL A 1116 37.97 -41.72 -11.47
C VAL A 1116 37.54 -40.84 -12.64
N SER A 1117 36.89 -39.72 -12.32
CA SER A 1117 36.31 -38.85 -13.34
C SER A 1117 37.39 -38.10 -14.11
N GLN A 1118 36.98 -37.48 -15.22
CA GLN A 1118 37.90 -36.66 -16.00
C GLN A 1118 38.22 -35.35 -15.28
N GLU A 1119 37.29 -34.86 -14.46
CA GLU A 1119 37.53 -33.71 -13.59
C GLU A 1119 37.00 -34.06 -12.21
N PRO A 1120 37.80 -33.87 -11.15
CA PRO A 1120 37.34 -34.27 -9.81
C PRO A 1120 36.26 -33.34 -9.27
N ILE A 1121 35.13 -33.93 -8.89
CA ILE A 1121 34.01 -33.19 -8.28
C ILE A 1121 33.70 -33.82 -6.93
N LEU A 1122 33.61 -32.98 -5.91
CA LEU A 1122 33.21 -33.39 -4.57
C LEU A 1122 31.93 -32.67 -4.18
N PHE A 1123 31.38 -33.06 -3.04
CA PHE A 1123 30.11 -32.50 -2.59
C PHE A 1123 30.32 -31.55 -1.41
N ASP A 1124 29.24 -30.83 -1.08
CA ASP A 1124 29.28 -29.76 -0.08
C ASP A 1124 29.28 -30.32 1.34
N CYS A 1125 30.37 -30.99 1.69
CA CYS A 1125 30.59 -31.44 3.06
C CYS A 1125 32.09 -31.55 3.28
N SER A 1126 32.47 -32.34 4.28
CA SER A 1126 33.87 -32.50 4.62
C SER A 1126 34.52 -33.55 3.72
N ILE A 1127 35.80 -33.81 3.98
CA ILE A 1127 36.54 -34.76 3.15
C ILE A 1127 36.22 -36.19 3.56
N ALA A 1128 35.82 -36.39 4.82
CA ALA A 1128 35.39 -37.71 5.26
C ALA A 1128 34.13 -38.15 4.53
N GLU A 1129 33.20 -37.22 4.29
CA GLU A 1129 32.06 -37.49 3.43
C GLU A 1129 32.37 -37.40 1.95
N ASN A 1130 33.54 -36.84 1.58
CA ASN A 1130 33.97 -36.93 0.19
C ASN A 1130 34.41 -38.35 -0.13
N ILE A 1131 35.29 -38.93 0.68
CA ILE A 1131 35.71 -40.30 0.45
C ILE A 1131 34.60 -41.28 0.84
N ALA A 1132 33.72 -40.90 1.77
CA ALA A 1132 32.68 -41.81 2.25
C ALA A 1132 31.60 -42.03 1.21
N TYR A 1133 31.48 -41.15 0.22
CA TYR A 1133 30.50 -41.32 -0.84
C TYR A 1133 30.84 -42.48 -1.77
N GLY A 1134 32.09 -42.95 -1.74
CA GLY A 1134 32.51 -43.98 -2.68
C GLY A 1134 31.81 -45.31 -2.46
N ASP A 1135 31.54 -45.66 -1.21
CA ASP A 1135 30.79 -46.86 -0.86
C ASP A 1135 29.44 -46.45 -0.28
N ASN A 1136 28.37 -46.99 -0.85
CA ASN A 1136 27.02 -46.73 -0.39
C ASN A 1136 26.32 -48.04 -0.09
N SER A 1137 25.18 -47.93 0.61
CA SER A 1137 24.39 -49.05 1.12
C SER A 1137 25.24 -49.97 1.98
N ARG A 1138 26.14 -49.36 2.76
CA ARG A 1138 27.14 -50.13 3.50
C ARG A 1138 27.67 -49.27 4.63
N VAL A 1139 27.94 -49.91 5.77
CA VAL A 1139 28.49 -49.22 6.93
C VAL A 1139 29.97 -48.91 6.66
N VAL A 1140 30.28 -47.62 6.54
CA VAL A 1140 31.60 -47.18 6.11
C VAL A 1140 32.51 -47.11 7.33
N SER A 1141 33.57 -47.91 7.33
CA SER A 1141 34.50 -47.95 8.45
C SER A 1141 35.60 -46.89 8.29
N GLN A 1142 35.93 -46.23 9.39
CA GLN A 1142 36.95 -45.17 9.36
C GLN A 1142 38.36 -45.72 9.22
N GLU A 1143 38.58 -46.99 9.57
CA GLU A 1143 39.88 -47.60 9.32
C GLU A 1143 40.14 -47.73 7.83
N GLU A 1144 39.09 -48.02 7.05
CA GLU A 1144 39.23 -48.00 5.59
C GLU A 1144 39.45 -46.59 5.07
N ILE A 1145 38.88 -45.59 5.76
CA ILE A 1145 39.10 -44.20 5.37
C ILE A 1145 40.56 -43.80 5.55
N VAL A 1146 41.13 -44.08 6.72
CA VAL A 1146 42.53 -43.68 6.94
C VAL A 1146 43.48 -44.56 6.14
N ARG A 1147 43.09 -45.82 5.87
CA ARG A 1147 43.92 -46.69 5.04
C ARG A 1147 43.94 -46.20 3.59
N ALA A 1148 42.79 -45.77 3.06
CA ALA A 1148 42.76 -45.24 1.72
C ALA A 1148 43.45 -43.90 1.61
N ALA A 1149 43.38 -43.08 2.68
CA ALA A 1149 44.10 -41.81 2.66
C ALA A 1149 45.61 -42.01 2.73
N LYS A 1150 46.06 -43.06 3.43
CA LYS A 1150 47.48 -43.39 3.42
C LYS A 1150 47.91 -43.98 2.08
N GLU A 1151 47.04 -44.77 1.45
CA GLU A 1151 47.39 -45.41 0.19
C GLU A 1151 47.39 -44.43 -0.97
N ALA A 1152 46.56 -43.40 -0.92
CA ALA A 1152 46.55 -42.37 -1.96
C ALA A 1152 47.53 -41.25 -1.68
N ASN A 1153 48.24 -41.31 -0.55
CA ASN A 1153 49.16 -40.27 -0.06
C ASN A 1153 48.44 -38.92 0.06
N ILE A 1154 47.20 -38.97 0.51
CA ILE A 1154 46.47 -37.76 0.87
C ILE A 1154 46.29 -37.69 2.39
N HIS A 1155 46.84 -38.68 3.11
CA HIS A 1155 46.75 -38.72 4.58
C HIS A 1155 47.48 -37.55 5.20
N ALA A 1156 48.57 -37.09 4.58
CA ALA A 1156 49.36 -35.99 5.11
C ALA A 1156 48.58 -34.68 5.03
N PHE A 1157 47.99 -34.39 3.87
CA PHE A 1157 47.24 -33.16 3.70
C PHE A 1157 45.94 -33.14 4.48
N ILE A 1158 45.40 -34.30 4.84
CA ILE A 1158 44.23 -34.32 5.71
C ILE A 1158 44.64 -34.14 7.17
N GLU A 1159 45.67 -34.86 7.62
CA GLU A 1159 46.10 -34.77 9.01
C GLU A 1159 46.75 -33.42 9.33
N SER A 1160 47.18 -32.68 8.32
CA SER A 1160 47.68 -31.33 8.56
C SER A 1160 46.57 -30.33 8.81
N LEU A 1161 45.39 -30.53 8.22
CA LEU A 1161 44.35 -29.52 8.26
C LEU A 1161 43.66 -29.50 9.62
N PRO A 1162 43.28 -28.32 10.12
CA PRO A 1162 42.49 -28.26 11.35
C PRO A 1162 41.06 -28.71 11.09
N ASN A 1163 40.48 -29.36 12.11
CA ASN A 1163 39.25 -30.13 12.01
C ASN A 1163 39.36 -31.13 10.85
N LYS A 1164 40.32 -32.05 11.03
CA LYS A 1164 40.99 -32.75 9.94
C LYS A 1164 40.03 -33.57 9.08
N TYR A 1165 39.12 -34.29 9.72
CA TYR A 1165 38.11 -35.05 8.99
C TYR A 1165 36.74 -34.39 9.07
N SER A 1166 36.67 -33.15 9.53
CA SER A 1166 35.44 -32.37 9.52
C SER A 1166 35.59 -31.04 8.80
N THR A 1167 36.68 -30.86 8.06
CA THR A 1167 36.96 -29.58 7.39
C THR A 1167 36.01 -29.37 6.22
N LYS A 1168 35.18 -28.34 6.31
CA LYS A 1168 34.13 -28.11 5.32
C LYS A 1168 34.73 -27.67 4.00
N VAL A 1169 34.50 -28.46 2.96
CA VAL A 1169 34.93 -28.14 1.61
C VAL A 1169 33.76 -27.49 0.88
N GLY A 1170 34.05 -26.43 0.11
CA GLY A 1170 33.02 -25.75 -0.67
C GLY A 1170 32.61 -26.49 -1.92
N ASP A 1171 32.16 -25.75 -2.91
CA ASP A 1171 31.66 -26.36 -4.14
C ASP A 1171 32.82 -26.79 -5.04
N LYS A 1172 32.77 -28.05 -5.49
CA LYS A 1172 33.70 -28.66 -6.45
C LYS A 1172 35.15 -28.65 -5.97
N GLY A 1173 35.38 -28.56 -4.66
CA GLY A 1173 36.72 -28.46 -4.13
C GLY A 1173 37.45 -27.18 -4.48
N THR A 1174 36.74 -26.04 -4.45
CA THR A 1174 37.33 -24.78 -4.85
C THR A 1174 38.27 -24.18 -3.80
N GLN A 1175 38.25 -24.71 -2.58
CA GLN A 1175 39.14 -24.22 -1.53
C GLN A 1175 40.54 -24.79 -1.65
N LEU A 1176 40.64 -26.09 -1.88
CA LEU A 1176 41.92 -26.78 -1.97
C LEU A 1176 42.35 -26.96 -3.42
N SER A 1177 43.58 -27.44 -3.60
CA SER A 1177 44.26 -27.40 -4.89
C SER A 1177 43.82 -28.58 -5.76
N GLY A 1178 44.27 -28.55 -7.02
CA GLY A 1178 43.80 -29.52 -7.99
C GLY A 1178 44.43 -30.89 -7.85
N GLY A 1179 45.72 -30.93 -7.51
CA GLY A 1179 46.37 -32.21 -7.27
C GLY A 1179 45.85 -32.89 -6.03
N GLN A 1180 45.49 -32.11 -5.01
CA GLN A 1180 44.95 -32.69 -3.77
C GLN A 1180 43.55 -33.25 -3.99
N LYS A 1181 42.69 -32.56 -4.75
CA LYS A 1181 41.38 -33.13 -5.04
C LYS A 1181 41.48 -34.27 -6.02
N GLN A 1182 42.51 -34.28 -6.87
CA GLN A 1182 42.73 -35.44 -7.73
C GLN A 1182 43.14 -36.65 -6.90
N ARG A 1183 43.98 -36.43 -5.90
CA ARG A 1183 44.36 -37.51 -4.99
C ARG A 1183 43.17 -37.98 -4.15
N ILE A 1184 42.28 -37.05 -3.76
CA ILE A 1184 41.12 -37.50 -2.99
C ILE A 1184 40.12 -38.18 -3.90
N ALA A 1185 40.14 -37.89 -5.21
CA ALA A 1185 39.35 -38.69 -6.15
C ALA A 1185 39.92 -40.09 -6.29
N ILE A 1186 41.25 -40.22 -6.26
CA ILE A 1186 41.90 -41.52 -6.23
C ILE A 1186 41.49 -42.27 -4.96
N ALA A 1187 41.48 -41.58 -3.82
CA ALA A 1187 41.08 -42.20 -2.55
C ALA A 1187 39.59 -42.57 -2.55
N ARG A 1188 38.76 -41.76 -3.22
CA ARG A 1188 37.32 -42.04 -3.26
C ARG A 1188 37.02 -43.21 -4.17
N ALA A 1189 37.76 -43.37 -5.27
CA ALA A 1189 37.59 -44.56 -6.09
C ALA A 1189 38.22 -45.78 -5.42
N LEU A 1190 39.20 -45.55 -4.54
CA LEU A 1190 39.97 -46.63 -3.95
C LEU A 1190 39.18 -47.41 -2.89
N VAL A 1191 38.17 -46.80 -2.27
CA VAL A 1191 37.38 -47.49 -1.27
C VAL A 1191 36.39 -48.47 -1.91
N ARG A 1192 36.17 -48.34 -3.22
CA ARG A 1192 35.25 -49.23 -3.92
C ARG A 1192 35.78 -50.65 -4.02
N GLN A 1193 37.13 -50.80 -4.07
CA GLN A 1193 37.86 -52.03 -4.38
C GLN A 1193 37.29 -52.72 -5.61
N PRO A 1194 37.38 -52.10 -6.79
CA PRO A 1194 36.62 -52.63 -7.93
C PRO A 1194 37.32 -53.79 -8.63
N HIS A 1195 36.51 -54.73 -9.11
CA HIS A 1195 37.08 -55.82 -9.90
C HIS A 1195 37.42 -55.35 -11.31
N ILE A 1196 36.81 -54.26 -11.76
CA ILE A 1196 37.15 -53.60 -13.01
C ILE A 1196 37.45 -52.14 -12.70
N LEU A 1197 38.65 -51.69 -13.05
CA LEU A 1197 39.11 -50.36 -12.70
C LEU A 1197 39.44 -49.59 -13.98
N LEU A 1198 38.93 -48.37 -14.08
CA LEU A 1198 39.23 -47.49 -15.21
C LEU A 1198 39.82 -46.19 -14.68
N LEU A 1199 40.83 -45.68 -15.38
CA LEU A 1199 41.42 -44.38 -15.10
C LEU A 1199 41.29 -43.53 -16.37
N ASP A 1200 40.78 -42.32 -16.22
CA ASP A 1200 40.67 -41.37 -17.34
C ASP A 1200 41.43 -40.11 -16.94
N GLU A 1201 42.63 -39.96 -17.50
CA GLU A 1201 43.55 -38.85 -17.23
C GLU A 1201 43.89 -38.76 -15.74
N ALA A 1202 44.64 -39.75 -15.28
CA ALA A 1202 44.99 -39.91 -13.87
C ALA A 1202 46.05 -38.92 -13.39
N THR A 1203 46.75 -38.24 -14.30
CA THR A 1203 47.80 -37.30 -13.95
C THR A 1203 47.66 -36.05 -14.82
N SER A 1204 46.48 -35.43 -14.78
CA SER A 1204 46.28 -34.19 -15.54
C SER A 1204 46.94 -33.01 -14.86
N ALA A 1205 46.77 -32.87 -13.55
CA ALA A 1205 47.40 -31.81 -12.76
C ALA A 1205 47.94 -32.45 -11.49
N LEU A 1206 49.18 -32.94 -11.55
CA LEU A 1206 49.76 -33.67 -10.45
C LEU A 1206 51.28 -33.63 -10.58
N ASP A 1207 51.95 -33.67 -9.43
CA ASP A 1207 53.41 -33.56 -9.41
C ASP A 1207 54.06 -34.89 -9.79
N THR A 1208 55.36 -34.81 -10.09
CA THR A 1208 56.08 -35.99 -10.57
C THR A 1208 56.43 -36.95 -9.45
N GLU A 1209 56.60 -36.47 -8.22
CA GLU A 1209 56.78 -37.37 -7.10
C GLU A 1209 55.45 -37.95 -6.63
N SER A 1210 54.36 -37.24 -6.91
CA SER A 1210 53.04 -37.73 -6.53
C SER A 1210 52.50 -38.77 -7.51
N GLU A 1211 52.96 -38.76 -8.76
CA GLU A 1211 52.51 -39.74 -9.72
C GLU A 1211 53.01 -41.14 -9.36
N LYS A 1212 54.23 -41.23 -8.84
CA LYS A 1212 54.77 -42.53 -8.40
C LYS A 1212 54.02 -43.06 -7.18
N VAL A 1213 53.68 -42.18 -6.23
CA VAL A 1213 53.00 -42.66 -5.03
C VAL A 1213 51.52 -42.92 -5.31
N VAL A 1214 50.95 -42.32 -6.36
CA VAL A 1214 49.65 -42.76 -6.84
C VAL A 1214 49.77 -44.12 -7.50
N GLN A 1215 50.79 -44.32 -8.33
CA GLN A 1215 50.89 -45.54 -9.13
C GLN A 1215 51.39 -46.75 -8.35
N GLU A 1216 52.00 -46.58 -7.17
CA GLU A 1216 52.45 -47.75 -6.43
C GLU A 1216 51.28 -48.53 -5.83
N ALA A 1217 50.26 -47.82 -5.36
CA ALA A 1217 49.03 -48.48 -4.91
C ALA A 1217 48.32 -49.14 -6.07
N LEU A 1218 48.39 -48.51 -7.25
CA LEU A 1218 47.80 -49.10 -8.45
C LEU A 1218 48.53 -50.38 -8.86
N ASP A 1219 49.85 -50.36 -8.84
CA ASP A 1219 50.64 -51.51 -9.29
C ASP A 1219 50.56 -52.65 -8.28
N LYS A 1220 50.49 -52.36 -6.99
CA LYS A 1220 50.27 -53.45 -6.04
C LYS A 1220 48.83 -53.95 -6.10
N ALA A 1221 47.90 -53.13 -6.59
CA ALA A 1221 46.50 -53.52 -6.64
C ALA A 1221 46.01 -53.78 -8.06
N ARG A 1222 46.90 -53.73 -9.07
CA ARG A 1222 46.48 -54.11 -10.42
C ARG A 1222 46.31 -55.61 -10.58
N GLU A 1223 46.90 -56.41 -9.70
CA GLU A 1223 46.67 -57.83 -9.70
C GLU A 1223 45.28 -58.15 -9.18
N GLY A 1224 44.63 -59.14 -9.79
CA GLY A 1224 43.29 -59.50 -9.40
C GLY A 1224 42.23 -58.80 -10.21
N ARG A 1225 42.42 -57.51 -10.49
CA ARG A 1225 41.42 -56.72 -11.18
C ARG A 1225 41.90 -56.33 -12.56
N THR A 1226 40.94 -56.27 -13.49
CA THR A 1226 41.17 -55.71 -14.82
C THR A 1226 41.38 -54.21 -14.68
N CYS A 1227 42.46 -53.69 -15.27
CA CYS A 1227 42.82 -52.29 -15.16
C CYS A 1227 42.96 -51.68 -16.54
N ILE A 1228 42.30 -50.54 -16.78
CA ILE A 1228 42.31 -49.86 -18.06
C ILE A 1228 42.62 -48.38 -17.80
N VAL A 1229 43.80 -47.91 -18.19
CA VAL A 1229 44.22 -46.54 -17.96
C VAL A 1229 44.28 -45.81 -19.30
N ILE A 1230 43.72 -44.60 -19.34
CA ILE A 1230 43.78 -43.70 -20.49
C ILE A 1230 44.42 -42.41 -20.03
N ALA A 1231 45.56 -42.06 -20.63
CA ALA A 1231 46.28 -40.85 -20.25
C ALA A 1231 47.12 -40.36 -21.42
N HIS A 1232 47.53 -39.10 -21.33
CA HIS A 1232 48.43 -38.51 -22.32
C HIS A 1232 49.90 -38.64 -21.94
N ARG A 1233 50.20 -38.76 -20.64
CA ARG A 1233 51.57 -38.98 -20.20
C ARG A 1233 51.97 -40.42 -20.48
N LEU A 1234 53.16 -40.61 -21.04
CA LEU A 1234 53.59 -41.92 -21.50
C LEU A 1234 54.15 -42.80 -20.38
N SER A 1235 54.27 -42.27 -19.16
CA SER A 1235 54.90 -43.01 -18.07
C SER A 1235 54.07 -44.22 -17.63
N THR A 1236 52.75 -44.10 -17.63
CA THR A 1236 51.88 -45.24 -17.38
C THR A 1236 51.61 -46.06 -18.63
N ILE A 1237 52.01 -45.56 -19.80
CA ILE A 1237 51.79 -46.27 -21.05
C ILE A 1237 52.96 -47.22 -21.35
N GLN A 1238 54.17 -46.89 -20.89
CA GLN A 1238 55.32 -47.76 -21.13
C GLN A 1238 55.19 -49.09 -20.38
N ASN A 1239 54.69 -49.05 -19.16
CA ASN A 1239 54.56 -50.26 -18.35
C ASN A 1239 53.23 -50.97 -18.55
N ALA A 1240 52.42 -50.56 -19.52
CA ALA A 1240 51.11 -51.16 -19.71
C ALA A 1240 51.25 -52.54 -20.37
N ASP A 1241 50.17 -53.34 -20.25
CA ASP A 1241 50.19 -54.68 -20.82
C ASP A 1241 49.95 -54.63 -22.32
N LEU A 1242 48.78 -54.13 -22.75
CA LEU A 1242 48.51 -54.01 -24.17
C LEU A 1242 48.02 -52.59 -24.45
N ILE A 1243 48.39 -52.08 -25.62
CA ILE A 1243 48.20 -50.68 -25.99
C ILE A 1243 47.38 -50.62 -27.27
N VAL A 1244 46.34 -49.80 -27.28
CA VAL A 1244 45.42 -49.65 -28.41
C VAL A 1244 45.42 -48.19 -28.84
N VAL A 1245 45.73 -47.95 -30.11
CA VAL A 1245 45.74 -46.60 -30.67
C VAL A 1245 44.48 -46.42 -31.49
N PHE A 1246 43.84 -45.27 -31.32
CA PHE A 1246 42.61 -44.93 -32.02
C PHE A 1246 42.89 -43.87 -33.10
N GLN A 1247 42.08 -43.94 -34.14
CA GLN A 1247 42.10 -42.94 -35.22
C GLN A 1247 40.68 -42.81 -35.74
N ASN A 1248 40.03 -41.69 -35.40
CA ASN A 1248 38.65 -41.38 -35.78
C ASN A 1248 37.66 -42.46 -35.32
N GLY A 1249 37.93 -43.08 -34.17
CA GLY A 1249 37.12 -44.15 -33.65
C GLY A 1249 37.58 -45.54 -34.05
N ARG A 1250 38.49 -45.65 -35.02
CA ARG A 1250 38.93 -46.95 -35.51
C ARG A 1250 40.19 -47.40 -34.79
N VAL A 1251 40.20 -48.67 -34.40
CA VAL A 1251 41.37 -49.32 -33.80
C VAL A 1251 42.42 -49.51 -34.89
N LYS A 1252 43.56 -48.83 -34.78
CA LYS A 1252 44.59 -49.03 -35.79
C LYS A 1252 45.60 -50.11 -35.41
N GLU A 1253 46.22 -50.00 -34.23
CA GLU A 1253 47.24 -50.94 -33.80
C GLU A 1253 46.89 -51.50 -32.42
N HIS A 1254 47.19 -52.78 -32.21
CA HIS A 1254 46.94 -53.43 -30.93
C HIS A 1254 47.97 -54.52 -30.71
N GLY A 1255 48.20 -54.84 -29.45
CA GLY A 1255 49.17 -55.86 -29.08
C GLY A 1255 50.10 -55.40 -27.98
N THR A 1256 51.27 -56.03 -27.88
CA THR A 1256 52.25 -55.67 -26.86
C THR A 1256 53.02 -54.43 -27.29
N HIS A 1257 53.68 -53.79 -26.30
CA HIS A 1257 54.36 -52.53 -26.53
C HIS A 1257 55.60 -52.72 -27.41
N GLN A 1258 56.30 -53.84 -27.28
CA GLN A 1258 57.47 -54.10 -28.09
C GLN A 1258 57.10 -54.35 -29.55
N GLN A 1259 55.91 -54.91 -29.80
CA GLN A 1259 55.47 -55.13 -31.17
C GLN A 1259 55.15 -53.81 -31.86
N LEU A 1260 54.53 -52.88 -31.14
CA LEU A 1260 54.29 -51.55 -31.72
C LEU A 1260 55.57 -50.73 -31.82
N LEU A 1261 56.56 -50.99 -30.97
CA LEU A 1261 57.85 -50.32 -31.12
C LEU A 1261 58.69 -50.94 -32.23
N ALA A 1262 58.41 -52.18 -32.62
CA ALA A 1262 59.12 -52.78 -33.74
C ALA A 1262 58.62 -52.24 -35.07
N GLN A 1263 57.33 -52.41 -35.36
CA GLN A 1263 56.72 -51.89 -36.58
C GLN A 1263 56.43 -50.41 -36.37
N LYS A 1264 57.20 -49.56 -37.03
CA LYS A 1264 57.12 -48.11 -36.84
C LYS A 1264 55.89 -47.57 -37.56
N GLY A 1265 54.86 -47.22 -36.79
CA GLY A 1265 53.66 -46.62 -37.35
C GLY A 1265 53.34 -45.27 -36.76
N ILE A 1266 52.05 -45.04 -36.47
CA ILE A 1266 51.64 -43.78 -35.85
C ILE A 1266 51.95 -43.78 -34.36
N TYR A 1267 51.97 -44.96 -33.73
CA TYR A 1267 52.33 -45.04 -32.32
C TYR A 1267 53.80 -44.72 -32.09
N PHE A 1268 54.66 -45.09 -33.02
CA PHE A 1268 56.08 -44.80 -32.85
C PHE A 1268 56.30 -43.31 -33.07
N SER A 1269 55.38 -42.68 -33.80
CA SER A 1269 55.44 -41.24 -34.04
C SER A 1269 55.30 -40.53 -32.70
N MET A 1270 54.38 -41.02 -31.87
CA MET A 1270 54.14 -40.49 -30.53
C MET A 1270 55.10 -41.10 -29.50
N VAL A 1271 55.82 -42.16 -29.90
CA VAL A 1271 56.77 -42.81 -28.98
C VAL A 1271 58.20 -42.29 -29.12
N SER A 1272 58.42 -41.38 -30.07
CA SER A 1272 59.75 -40.82 -30.30
C SER A 1272 59.74 -39.29 -30.27
N VAL A 1273 58.76 -38.74 -29.56
CA VAL A 1273 58.61 -37.26 -29.44
C VAL A 1273 59.54 -36.76 -28.33
N GLN A 1274 59.43 -37.35 -27.13
CA GLN A 1274 60.28 -36.96 -25.98
C GLN A 1274 60.89 -38.22 -25.36
N ALA A 1275 61.21 -39.22 -26.20
CA ALA A 1275 61.80 -40.50 -25.72
C ALA A 1275 63.11 -40.21 -24.99
N GLY A 1276 63.25 -40.74 -23.77
CA GLY A 1276 64.47 -40.54 -22.96
C GLY A 1276 64.27 -40.96 -21.52
N GLN B 1 -56.15 17.35 17.00
CA GLN B 1 -56.62 18.46 17.81
C GLN B 1 -57.07 18.03 19.19
N VAL B 2 -56.12 17.54 19.99
CA VAL B 2 -56.43 17.26 21.39
C VAL B 2 -56.52 18.58 22.14
N VAL B 3 -57.24 18.56 23.26
CA VAL B 3 -57.47 19.77 24.05
C VAL B 3 -57.15 19.46 25.51
N MET B 4 -56.02 19.96 25.98
CA MET B 4 -55.59 19.76 27.36
C MET B 4 -56.40 20.64 28.28
N THR B 5 -56.70 20.13 29.46
CA THR B 5 -57.39 20.88 30.50
C THR B 5 -56.61 20.75 31.80
N GLN B 6 -56.02 21.85 32.24
CA GLN B 6 -55.27 21.88 33.49
C GLN B 6 -56.23 22.20 34.61
N SER B 7 -56.39 21.26 35.54
CA SER B 7 -57.57 21.28 36.41
C SER B 7 -57.69 22.55 37.25
N PRO B 8 -56.73 22.88 38.13
CA PRO B 8 -56.87 24.13 38.88
C PRO B 8 -56.23 25.31 38.16
N LEU B 9 -56.99 26.39 37.96
CA LEU B 9 -56.41 27.59 37.37
C LEU B 9 -55.53 28.33 38.37
N SER B 10 -55.63 27.96 39.64
CA SER B 10 -54.79 28.51 40.70
C SER B 10 -54.84 27.54 41.86
N LEU B 11 -53.71 27.35 42.54
CA LEU B 11 -53.61 26.39 43.61
C LEU B 11 -53.14 27.07 44.90
N PRO B 12 -54.01 27.21 45.90
CA PRO B 12 -53.57 27.84 47.15
C PRO B 12 -52.71 26.90 47.98
N VAL B 13 -51.41 27.15 48.00
CA VAL B 13 -50.45 26.28 48.66
C VAL B 13 -49.69 27.11 49.70
N SER B 14 -49.22 26.45 50.75
CA SER B 14 -48.34 27.10 51.71
C SER B 14 -46.89 26.73 51.44
N LEU B 15 -46.01 27.22 52.31
CA LEU B 15 -44.61 26.83 52.24
C LEU B 15 -44.29 25.84 53.37
N GLY B 16 -43.87 24.63 52.99
CA GLY B 16 -43.63 23.56 53.93
C GLY B 16 -44.50 22.34 53.74
N ASP B 17 -45.53 22.41 52.91
CA ASP B 17 -46.34 21.27 52.53
C ASP B 17 -46.29 21.11 51.02
N GLN B 18 -47.06 20.18 50.47
CA GLN B 18 -46.94 19.83 49.07
C GLN B 18 -48.25 20.07 48.31
N ALA B 19 -48.12 20.20 46.99
CA ALA B 19 -49.25 20.40 46.09
C ALA B 19 -49.15 19.42 44.93
N SER B 20 -50.23 19.37 44.15
CA SER B 20 -50.28 18.51 42.97
C SER B 20 -51.16 19.15 41.90
N ILE B 21 -50.63 19.19 40.69
CA ILE B 21 -51.28 19.79 39.53
C ILE B 21 -51.53 18.70 38.51
N SER B 22 -52.70 18.74 37.87
CA SER B 22 -53.16 17.64 37.03
C SER B 22 -53.65 18.14 35.69
N CYS B 23 -53.22 17.47 34.61
CA CYS B 23 -53.67 17.76 33.26
C CYS B 23 -54.49 16.59 32.74
N ARG B 24 -55.61 16.90 32.09
CA ARG B 24 -56.46 15.90 31.45
C ARG B 24 -56.48 16.14 29.95
N SER B 25 -56.17 15.11 29.18
CA SER B 25 -56.18 15.19 27.72
C SER B 25 -57.54 14.72 27.21
N SER B 26 -58.01 15.35 26.13
CA SER B 26 -59.28 14.93 25.54
C SER B 26 -59.14 13.59 24.83
N GLN B 27 -57.92 13.26 24.39
CA GLN B 27 -57.66 12.00 23.71
C GLN B 27 -56.65 11.17 24.50
N SER B 28 -56.47 9.93 24.08
CA SER B 28 -55.47 9.07 24.70
C SER B 28 -54.07 9.50 24.30
N LEU B 29 -53.22 9.79 25.28
CA LEU B 29 -51.87 10.26 25.04
C LEU B 29 -50.85 9.13 25.04
N LEU B 30 -51.27 7.91 24.70
CA LEU B 30 -50.30 6.89 24.34
C LEU B 30 -49.84 7.07 22.90
N HIS B 31 -48.87 6.28 22.45
CA HIS B 31 -48.44 6.35 21.07
C HIS B 31 -48.37 4.95 20.49
N SER B 32 -48.44 4.83 19.17
CA SER B 32 -48.42 3.51 18.54
C SER B 32 -47.13 2.75 18.86
N ASN B 33 -46.08 3.47 19.25
CA ASN B 33 -44.84 2.79 19.60
C ASN B 33 -44.91 2.19 21.00
N GLY B 34 -45.50 2.92 21.96
CA GLY B 34 -45.64 2.43 23.31
C GLY B 34 -45.18 3.37 24.40
N ASN B 35 -44.92 4.63 24.08
CA ASN B 35 -44.51 5.62 25.06
C ASN B 35 -45.51 6.76 25.07
N THR B 36 -45.59 7.48 26.18
CA THR B 36 -46.51 8.61 26.32
C THR B 36 -45.72 9.90 26.45
N TYR B 37 -46.09 10.91 25.67
CA TYR B 37 -45.38 12.18 25.61
C TYR B 37 -46.28 13.26 26.20
N LEU B 38 -45.93 13.73 27.39
CA LEU B 38 -46.65 14.79 28.08
C LEU B 38 -45.66 15.49 28.99
N HIS B 39 -45.17 16.65 28.56
CA HIS B 39 -44.09 17.34 29.23
C HIS B 39 -44.64 18.49 30.07
N TRP B 40 -44.01 18.76 31.21
CA TRP B 40 -44.40 19.85 32.08
C TRP B 40 -43.32 20.92 32.09
N TYR B 41 -43.72 22.16 31.81
CA TYR B 41 -42.82 23.31 31.80
C TYR B 41 -43.20 24.27 32.91
N LEU B 42 -42.21 25.10 33.29
CA LEU B 42 -42.37 26.16 34.28
C LEU B 42 -42.02 27.49 33.62
N GLN B 43 -42.87 28.50 33.83
CA GLN B 43 -42.67 29.85 33.33
C GLN B 43 -42.71 30.82 34.52
N LYS B 44 -41.77 31.75 34.54
CA LYS B 44 -41.75 32.77 35.59
C LYS B 44 -42.17 34.11 35.02
N PRO B 45 -42.71 35.01 35.86
CA PRO B 45 -43.20 36.29 35.35
C PRO B 45 -42.05 37.16 34.84
N GLY B 46 -42.07 37.40 33.52
CA GLY B 46 -41.05 38.21 32.89
C GLY B 46 -39.82 37.47 32.44
N GLN B 47 -39.88 36.14 32.37
CA GLN B 47 -38.73 35.33 32.00
C GLN B 47 -39.15 34.33 30.94
N SER B 48 -38.26 33.39 30.66
CA SER B 48 -38.55 32.36 29.68
C SER B 48 -39.02 31.09 30.38
N PRO B 49 -39.95 30.34 29.77
CA PRO B 49 -40.37 29.08 30.39
C PRO B 49 -39.28 28.02 30.32
N LYS B 50 -39.10 27.33 31.44
CA LYS B 50 -38.12 26.26 31.55
C LYS B 50 -38.83 24.92 31.44
N LEU B 51 -38.05 23.88 31.11
CA LEU B 51 -38.57 22.52 31.03
C LEU B 51 -38.32 21.81 32.35
N LEU B 52 -39.40 21.39 33.00
CA LEU B 52 -39.33 20.72 34.30
C LEU B 52 -39.30 19.22 34.17
N ILE B 53 -40.30 18.64 33.51
CA ILE B 53 -40.38 17.19 33.39
C ILE B 53 -40.77 16.70 32.00
N TYR B 54 -39.80 16.19 31.24
CA TYR B 54 -40.12 15.71 29.89
C TYR B 54 -40.68 14.29 29.86
N LYS B 55 -41.27 13.94 28.73
CA LYS B 55 -41.86 12.63 28.47
C LYS B 55 -42.95 12.17 29.43
N VAL B 56 -42.83 10.92 29.88
CA VAL B 56 -43.81 10.30 30.77
C VAL B 56 -43.58 10.68 32.24
N SER B 57 -42.53 10.12 32.81
CA SER B 57 -42.10 10.33 34.19
C SER B 57 -40.65 10.76 34.36
N ASN B 58 -39.99 11.08 33.24
CA ASN B 58 -38.57 11.44 33.28
C ASN B 58 -38.27 12.83 33.81
N ARG B 59 -37.03 13.03 34.24
CA ARG B 59 -36.59 14.33 34.73
C ARG B 59 -35.47 14.92 33.87
N PHE B 60 -35.62 16.19 33.53
CA PHE B 60 -34.64 16.90 32.72
C PHE B 60 -33.36 17.14 33.50
N SER B 61 -32.23 17.07 32.80
CA SER B 61 -30.93 17.32 33.43
C SER B 61 -30.82 18.80 33.82
N GLY B 62 -30.44 19.03 35.06
CA GLY B 62 -30.28 20.38 35.56
C GLY B 62 -31.41 20.89 36.42
N VAL B 63 -32.31 20.02 36.85
CA VAL B 63 -33.38 20.39 37.76
C VAL B 63 -33.18 19.56 39.03
N PRO B 64 -33.62 20.06 40.18
CA PRO B 64 -33.62 19.21 41.38
C PRO B 64 -34.58 18.06 41.22
N ASP B 65 -34.64 17.22 42.25
CA ASP B 65 -35.51 16.06 42.22
C ASP B 65 -36.74 16.22 43.09
N ARG B 66 -36.96 17.43 43.64
CA ARG B 66 -38.21 17.71 44.32
C ARG B 66 -39.41 17.46 43.42
N PHE B 67 -39.27 17.77 42.13
CA PHE B 67 -40.36 17.61 41.18
C PHE B 67 -40.51 16.15 40.77
N SER B 68 -41.75 15.70 40.66
CA SER B 68 -42.05 14.34 40.25
C SER B 68 -43.32 14.34 39.42
N GLY B 69 -43.46 13.34 38.56
CA GLY B 69 -44.59 13.27 37.65
C GLY B 69 -45.09 11.87 37.39
N SER B 70 -46.39 11.68 37.55
CA SER B 70 -47.01 10.37 37.40
C SER B 70 -48.35 10.52 36.68
N GLY B 71 -48.66 9.60 35.79
CA GLY B 71 -49.90 9.70 35.04
C GLY B 71 -50.18 8.43 34.25
N SER B 72 -51.40 8.38 33.71
CA SER B 72 -51.87 7.24 32.93
C SER B 72 -52.90 7.72 31.92
N GLY B 73 -52.75 7.29 30.67
CA GLY B 73 -53.81 7.48 29.69
C GLY B 73 -54.09 8.94 29.43
N THR B 74 -55.25 9.40 29.90
CA THR B 74 -55.67 10.78 29.71
C THR B 74 -55.71 11.58 31.00
N ASP B 75 -54.94 11.20 32.02
CA ASP B 75 -54.89 11.94 33.27
C ASP B 75 -53.47 11.85 33.83
N PHE B 76 -52.80 13.00 33.94
CA PHE B 76 -51.43 13.06 34.44
C PHE B 76 -51.36 14.08 35.57
N THR B 77 -50.28 14.01 36.36
CA THR B 77 -50.15 14.83 37.56
C THR B 77 -48.67 15.09 37.82
N LEU B 78 -48.40 16.29 38.34
CA LEU B 78 -47.07 16.67 38.81
C LEU B 78 -47.13 16.82 40.32
N LYS B 79 -45.98 16.62 40.96
CA LYS B 79 -45.90 16.72 42.41
C LYS B 79 -44.64 17.47 42.81
N ILE B 80 -44.82 18.50 43.64
CA ILE B 80 -43.73 19.28 44.20
C ILE B 80 -43.51 18.81 45.63
N SER B 81 -42.31 18.30 45.90
CA SER B 81 -41.94 17.90 47.25
C SER B 81 -41.00 18.95 47.83
N ARG B 82 -41.27 19.32 49.09
CA ARG B 82 -40.54 20.38 49.78
C ARG B 82 -40.57 21.68 48.99
N VAL B 83 -41.79 22.22 48.82
CA VAL B 83 -41.97 23.46 48.07
C VAL B 83 -41.12 24.58 48.68
N GLU B 84 -40.60 25.45 47.83
CA GLU B 84 -39.78 26.58 48.24
C GLU B 84 -40.46 27.87 47.82
N ALA B 85 -39.73 28.99 47.98
CA ALA B 85 -40.28 30.29 47.61
C ALA B 85 -39.81 30.70 46.22
N GLU B 86 -38.74 30.09 45.72
CA GLU B 86 -38.25 30.43 44.39
C GLU B 86 -39.07 29.74 43.31
N ASP B 87 -39.55 28.53 43.59
CA ASP B 87 -40.24 27.72 42.59
C ASP B 87 -41.75 28.00 42.66
N LEU B 88 -42.08 29.30 42.62
CA LEU B 88 -43.45 29.77 42.64
C LEU B 88 -43.67 30.60 41.37
N GLY B 89 -44.31 29.98 40.38
CA GLY B 89 -44.58 30.66 39.14
C GLY B 89 -45.83 30.11 38.49
N VAL B 90 -45.86 30.17 37.16
CA VAL B 90 -46.91 29.49 36.42
C VAL B 90 -46.34 28.20 35.83
N TYR B 91 -47.16 27.16 35.84
CA TYR B 91 -46.78 25.89 35.23
C TYR B 91 -47.63 25.71 33.98
N PHE B 92 -47.25 24.75 33.15
CA PHE B 92 -48.18 24.27 32.13
C PHE B 92 -47.71 22.92 31.61
N CYS B 93 -48.63 22.22 30.97
CA CYS B 93 -48.35 20.92 30.37
C CYS B 93 -48.37 21.07 28.86
N SER B 94 -47.85 20.06 28.17
CA SER B 94 -47.73 20.12 26.73
C SER B 94 -47.76 18.72 26.15
N GLN B 95 -48.66 18.52 25.19
CA GLN B 95 -48.85 17.26 24.50
C GLN B 95 -47.97 17.29 23.27
N SER B 96 -47.42 16.13 22.89
CA SER B 96 -46.60 16.04 21.70
C SER B 96 -46.83 14.76 20.90
N THR B 97 -47.83 13.96 21.26
CA THR B 97 -48.00 12.67 20.59
C THR B 97 -48.82 12.81 19.31
N HIS B 98 -49.70 13.82 19.22
CA HIS B 98 -50.49 14.06 18.05
C HIS B 98 -50.14 15.50 17.79
N ILE B 99 -49.21 15.74 16.87
CA ILE B 99 -48.75 17.10 16.66
C ILE B 99 -48.89 17.78 15.30
N PRO B 100 -50.12 17.81 14.75
CA PRO B 100 -50.22 18.63 13.53
C PRO B 100 -49.93 20.07 13.93
N PRO B 101 -50.56 20.52 15.04
CA PRO B 101 -50.45 21.78 15.77
C PRO B 101 -50.07 21.41 17.20
N TRP B 102 -49.02 21.97 17.75
CA TRP B 102 -48.64 21.64 19.13
C TRP B 102 -49.70 22.17 20.09
N THR B 103 -49.95 21.42 21.17
CA THR B 103 -50.96 21.84 22.14
C THR B 103 -50.39 22.02 23.55
N PHE B 104 -50.87 23.06 24.24
CA PHE B 104 -50.44 23.37 25.58
C PHE B 104 -51.65 23.45 26.51
N GLY B 105 -51.39 23.87 27.75
CA GLY B 105 -52.47 23.95 28.72
C GLY B 105 -52.80 25.38 29.11
N GLY B 106 -53.72 25.54 30.05
CA GLY B 106 -54.09 26.89 30.48
C GLY B 106 -53.14 27.46 31.51
N GLY B 107 -52.44 26.59 32.23
CA GLY B 107 -51.50 27.03 33.24
C GLY B 107 -52.10 27.05 34.63
N THR B 108 -51.21 27.21 35.61
CA THR B 108 -51.62 27.33 37.00
C THR B 108 -50.60 28.16 37.77
N LYS B 109 -51.10 29.16 38.47
CA LYS B 109 -50.30 29.97 39.38
C LYS B 109 -50.36 29.35 40.76
N LEU B 110 -49.38 29.64 41.59
CA LEU B 110 -49.42 29.17 42.98
C LEU B 110 -49.67 30.33 43.93
N ASP B 111 -50.05 30.00 45.16
CA ASP B 111 -50.32 30.99 46.19
C ASP B 111 -49.41 30.75 47.39
N ILE B 112 -49.54 31.61 48.40
CA ILE B 112 -48.69 31.50 49.57
C ILE B 112 -49.50 31.07 50.80
N LYS B 113 -50.82 31.12 50.70
CA LYS B 113 -51.72 30.57 51.72
C LYS B 113 -51.43 31.17 53.10
N ARG B 114 -51.69 32.48 53.24
CA ARG B 114 -51.39 33.17 54.48
C ARG B 114 -52.59 33.09 55.44
N ALA B 115 -52.52 33.89 56.50
CA ALA B 115 -53.60 33.99 57.47
C ALA B 115 -54.71 34.88 56.93
N ASP B 116 -55.94 34.65 57.39
CA ASP B 116 -57.10 35.33 56.84
C ASP B 116 -57.33 36.68 57.51
N ALA B 117 -58.01 37.56 56.79
CA ALA B 117 -58.37 38.90 57.26
C ALA B 117 -59.34 39.50 56.25
N ALA B 118 -59.92 40.62 56.64
CA ALA B 118 -60.85 41.39 55.81
C ALA B 118 -60.25 42.75 55.47
N PRO B 119 -60.57 43.29 54.30
CA PRO B 119 -59.97 44.56 53.87
C PRO B 119 -60.59 45.75 54.57
N THR B 120 -59.85 46.87 54.54
CA THR B 120 -60.29 48.14 55.09
C THR B 120 -60.69 49.04 53.93
N VAL B 121 -61.99 49.28 53.79
CA VAL B 121 -62.51 50.06 52.67
C VAL B 121 -62.06 51.51 52.80
N SER B 122 -61.57 52.07 51.70
CA SER B 122 -61.22 53.48 51.62
C SER B 122 -61.88 54.09 50.40
N ILE B 123 -62.56 55.21 50.61
CA ILE B 123 -63.33 55.87 49.56
C ILE B 123 -63.03 57.36 49.60
N PHE B 124 -62.97 57.96 48.42
CA PHE B 124 -62.63 59.37 48.27
C PHE B 124 -63.70 60.11 47.46
N PRO B 125 -64.00 61.36 47.81
CA PRO B 125 -64.75 62.20 46.88
C PRO B 125 -63.90 62.57 45.70
N PRO B 126 -64.51 62.96 44.58
CA PRO B 126 -63.73 63.25 43.37
C PRO B 126 -62.73 64.37 43.59
N SER B 127 -61.74 64.45 42.70
CA SER B 127 -60.70 65.46 42.82
C SER B 127 -61.18 66.80 42.30
N SER B 128 -60.65 67.88 42.87
CA SER B 128 -61.09 69.22 42.49
C SER B 128 -60.82 69.51 41.02
N GLU B 129 -59.64 69.10 40.54
CA GLU B 129 -59.32 69.29 39.13
C GLU B 129 -60.33 68.58 38.23
N GLN B 130 -60.94 67.50 38.73
CA GLN B 130 -61.92 66.77 37.94
C GLN B 130 -63.27 67.49 37.93
N LEU B 131 -63.69 68.03 39.07
CA LEU B 131 -64.90 68.84 39.11
C LEU B 131 -64.77 70.06 38.22
N THR B 132 -63.61 70.72 38.26
CA THR B 132 -63.37 71.84 37.34
C THR B 132 -63.39 71.37 35.89
N SER B 133 -62.74 70.25 35.60
CA SER B 133 -62.73 69.69 34.26
C SER B 133 -63.97 68.89 33.92
N GLY B 134 -64.95 68.84 34.82
CA GLY B 134 -66.19 68.12 34.54
C GLY B 134 -66.06 66.61 34.60
N GLY B 135 -65.77 66.07 35.77
CA GLY B 135 -65.66 64.62 35.91
C GLY B 135 -65.61 64.20 37.36
N LEU B 136 -65.82 62.90 37.57
CA LEU B 136 -65.73 62.28 38.89
C LEU B 136 -64.88 61.03 38.79
N SER B 137 -64.15 60.74 39.87
CA SER B 137 -63.37 59.49 39.97
C SER B 137 -63.34 59.09 41.44
N VAL B 138 -64.27 58.21 41.82
CA VAL B 138 -64.35 57.69 43.18
C VAL B 138 -63.74 56.30 43.18
N VAL B 139 -62.65 56.13 43.93
CA VAL B 139 -61.92 54.88 43.99
C VAL B 139 -62.24 54.21 45.32
N CYS B 140 -62.36 52.89 45.28
CA CYS B 140 -62.66 52.08 46.46
C CYS B 140 -61.45 51.18 46.72
N PHE B 141 -60.50 51.70 47.49
CA PHE B 141 -59.39 50.88 47.96
C PHE B 141 -59.89 49.85 48.96
N LEU B 142 -59.23 48.69 48.99
CA LEU B 142 -59.53 47.68 49.99
C LEU B 142 -58.22 46.98 50.34
N ASN B 143 -57.57 47.47 51.39
CA ASN B 143 -56.27 46.97 51.79
C ASN B 143 -56.41 45.80 52.75
N ASN B 144 -55.41 44.92 52.73
CA ASN B 144 -55.31 43.78 53.64
C ASN B 144 -56.50 42.83 53.46
N PHE B 145 -56.61 42.30 52.23
CA PHE B 145 -57.62 41.32 51.90
C PHE B 145 -56.96 40.01 51.45
N TYR B 146 -57.69 38.92 51.62
CA TYR B 146 -57.15 37.57 51.44
C TYR B 146 -58.27 36.55 51.35
N PRO B 147 -58.26 35.64 50.35
CA PRO B 147 -57.28 35.51 49.27
C PRO B 147 -57.66 36.34 48.05
N LYS B 148 -56.89 36.24 46.97
CA LYS B 148 -57.08 37.14 45.83
C LYS B 148 -58.17 36.67 44.88
N ASP B 149 -59.35 36.36 45.41
CA ASP B 149 -60.56 36.16 44.60
C ASP B 149 -61.72 36.80 45.37
N ILE B 150 -61.90 38.11 45.15
CA ILE B 150 -62.94 38.89 45.81
C ILE B 150 -63.75 39.61 44.75
N ASN B 151 -65.05 39.76 44.99
CA ASN B 151 -65.94 40.42 44.05
C ASN B 151 -66.59 41.61 44.75
N VAL B 152 -66.09 42.80 44.45
CA VAL B 152 -66.66 44.06 44.95
C VAL B 152 -67.74 44.50 43.97
N LYS B 153 -68.59 45.40 44.43
CA LYS B 153 -69.75 45.83 43.64
C LYS B 153 -69.96 47.33 43.82
N TRP B 154 -69.78 48.08 42.74
CA TRP B 154 -70.16 49.50 42.72
C TRP B 154 -71.67 49.59 42.55
N LYS B 155 -72.30 50.50 43.29
CA LYS B 155 -73.75 50.63 43.30
C LYS B 155 -74.14 52.11 43.31
N ILE B 156 -75.09 52.47 42.47
CA ILE B 156 -75.61 53.83 42.41
C ILE B 156 -77.14 53.77 42.39
N ASP B 157 -77.77 54.27 43.45
CA ASP B 157 -79.22 54.34 43.57
C ASP B 157 -79.88 52.98 43.34
N GLY B 158 -79.21 51.90 43.77
CA GLY B 158 -79.72 50.57 43.58
C GLY B 158 -79.36 49.92 42.26
N SER B 159 -78.37 50.45 41.54
CA SER B 159 -77.99 49.92 40.23
C SER B 159 -76.50 49.60 40.24
N GLU B 160 -76.18 48.35 39.91
CA GLU B 160 -74.79 47.93 39.88
C GLU B 160 -74.07 48.55 38.69
N ARG B 161 -72.88 49.07 38.95
CA ARG B 161 -72.07 49.72 37.92
C ARG B 161 -71.17 48.68 37.26
N GLN B 162 -71.31 48.53 35.95
CA GLN B 162 -70.56 47.55 35.18
C GLN B 162 -69.67 48.20 34.11
N ASN B 163 -69.60 49.52 34.08
CA ASN B 163 -68.84 50.24 33.06
C ASN B 163 -67.81 51.15 33.72
N GLY B 164 -66.72 51.39 32.99
CA GLY B 164 -65.67 52.28 33.45
C GLY B 164 -64.97 51.85 34.72
N VAL B 165 -65.14 50.60 35.15
CA VAL B 165 -64.52 50.11 36.36
C VAL B 165 -63.87 48.76 36.07
N LEU B 166 -62.63 48.61 36.52
CA LEU B 166 -61.96 47.32 36.54
C LEU B 166 -61.18 47.24 37.85
N ASN B 167 -60.66 46.05 38.16
CA ASN B 167 -59.96 45.81 39.41
C ASN B 167 -58.47 45.63 39.15
N SER B 168 -57.66 46.31 39.96
CA SER B 168 -56.20 46.29 39.83
C SER B 168 -55.67 45.26 40.82
N TRP B 169 -55.75 43.98 40.44
CA TRP B 169 -55.37 42.90 41.34
C TRP B 169 -53.86 42.86 41.51
N THR B 170 -53.37 43.56 42.55
CA THR B 170 -51.97 43.48 42.93
C THR B 170 -51.67 42.09 43.49
N ASP B 171 -50.44 41.63 43.31
CA ASP B 171 -50.03 40.33 43.82
C ASP B 171 -49.74 40.44 45.32
N GLN B 172 -49.33 39.33 45.93
CA GLN B 172 -49.06 39.31 47.36
C GLN B 172 -47.83 40.14 47.68
N ASP B 173 -47.89 40.86 48.80
CA ASP B 173 -46.78 41.69 49.23
C ASP B 173 -45.63 40.84 49.73
N SER B 174 -44.51 41.50 50.03
CA SER B 174 -43.30 40.77 50.43
C SER B 174 -43.32 40.41 51.91
N LYS B 175 -43.31 41.42 52.78
CA LYS B 175 -43.16 41.16 54.21
C LYS B 175 -44.51 40.94 54.88
N ASP B 176 -45.38 41.94 54.85
CA ASP B 176 -46.75 41.74 55.33
C ASP B 176 -47.52 40.76 54.47
N SER B 177 -47.24 40.73 53.17
CA SER B 177 -47.69 39.65 52.27
C SER B 177 -49.21 39.52 52.25
N THR B 178 -49.89 40.64 52.09
CA THR B 178 -51.33 40.61 51.89
C THR B 178 -51.67 41.24 50.53
N TYR B 179 -52.94 41.13 50.14
CA TYR B 179 -53.37 41.45 48.79
C TYR B 179 -54.10 42.79 48.77
N SER B 180 -54.31 43.31 47.56
CA SER B 180 -54.99 44.58 47.37
C SER B 180 -55.54 44.66 45.96
N MET B 181 -56.53 45.55 45.77
CA MET B 181 -57.09 45.81 44.46
C MET B 181 -57.76 47.17 44.47
N SER B 182 -58.11 47.67 43.28
CA SER B 182 -58.61 49.03 43.11
C SER B 182 -59.75 49.03 42.11
N SER B 183 -60.96 49.33 42.60
CA SER B 183 -62.14 49.52 41.75
C SER B 183 -62.46 51.00 41.70
N THR B 184 -62.43 51.59 40.50
CA THR B 184 -62.58 53.03 40.36
C THR B 184 -63.76 53.34 39.44
N LEU B 185 -64.76 54.02 40.01
CA LEU B 185 -65.94 54.44 39.26
C LEU B 185 -65.74 55.88 38.79
N THR B 186 -65.89 56.10 37.49
CA THR B 186 -65.73 57.42 36.89
C THR B 186 -66.89 57.70 35.96
N LEU B 187 -67.38 58.94 35.97
CA LEU B 187 -68.43 59.38 35.08
C LEU B 187 -68.29 60.89 34.88
N THR B 188 -68.98 61.40 33.87
CA THR B 188 -68.93 62.82 33.56
C THR B 188 -69.84 63.60 34.53
N LYS B 189 -69.65 64.92 34.57
CA LYS B 189 -70.35 65.79 35.50
C LYS B 189 -71.85 65.84 35.26
N ASP B 190 -72.37 65.21 34.20
CA ASP B 190 -73.82 65.23 33.96
C ASP B 190 -74.54 64.19 34.83
N GLU B 191 -74.12 62.93 34.72
CA GLU B 191 -74.74 61.88 35.54
C GLU B 191 -74.18 61.86 36.96
N TYR B 192 -73.14 62.65 37.24
CA TYR B 192 -72.67 62.80 38.62
C TYR B 192 -73.77 63.32 39.52
N GLU B 193 -74.65 64.17 38.98
CA GLU B 193 -75.71 64.78 39.76
C GLU B 193 -76.98 63.95 39.82
N ARG B 194 -77.32 63.22 38.75
CA ARG B 194 -78.53 62.40 38.74
C ARG B 194 -78.48 61.24 39.72
N HIS B 195 -77.31 60.99 40.32
CA HIS B 195 -77.17 59.96 41.34
C HIS B 195 -76.49 60.58 42.55
N ASN B 196 -76.74 59.99 43.72
CA ASN B 196 -76.17 60.52 44.95
C ASN B 196 -75.33 59.47 45.67
N SER B 197 -75.82 58.23 45.71
CA SER B 197 -75.14 57.16 46.42
C SER B 197 -74.11 56.51 45.51
N TYR B 198 -72.85 56.57 45.91
CA TYR B 198 -71.77 55.85 45.23
C TYR B 198 -71.23 54.85 46.24
N THR B 199 -71.86 53.68 46.33
CA THR B 199 -71.58 52.72 47.39
C THR B 199 -70.73 51.59 46.87
N CYS B 200 -69.61 51.33 47.56
CA CYS B 200 -68.75 50.20 47.26
C CYS B 200 -68.66 49.31 48.48
N GLU B 201 -68.64 48.00 48.26
CA GLU B 201 -68.55 47.01 49.32
C GLU B 201 -67.40 46.05 49.01
N ALA B 202 -67.34 44.96 49.78
CA ALA B 202 -66.33 43.92 49.58
C ALA B 202 -66.95 42.59 49.95
N THR B 203 -67.49 41.88 48.95
CA THR B 203 -68.09 40.56 49.16
C THR B 203 -66.99 39.51 48.97
N HIS B 204 -66.64 38.86 50.07
CA HIS B 204 -65.54 37.92 50.09
C HIS B 204 -65.91 36.68 50.90
N LYS B 205 -64.91 35.85 51.16
CA LYS B 205 -65.12 34.68 52.01
C LYS B 205 -64.83 35.00 53.47
N THR B 206 -63.89 35.92 53.73
CA THR B 206 -63.59 36.32 55.09
C THR B 206 -64.78 37.00 55.76
N SER B 207 -65.66 37.62 54.99
CA SER B 207 -66.86 38.26 55.54
C SER B 207 -67.90 38.35 54.43
N THR B 208 -69.00 37.61 54.59
CA THR B 208 -70.14 37.73 53.68
C THR B 208 -70.81 39.09 53.75
N SER B 209 -70.71 39.79 54.89
CA SER B 209 -71.36 41.08 55.07
C SER B 209 -70.62 42.17 54.33
N PRO B 210 -71.33 43.05 53.63
CA PRO B 210 -70.68 44.19 52.96
C PRO B 210 -70.18 45.22 53.97
N ILE B 211 -68.89 45.51 53.92
CA ILE B 211 -68.29 46.56 54.74
C ILE B 211 -68.49 47.86 53.96
N VAL B 212 -69.54 48.59 54.30
CA VAL B 212 -69.97 49.75 53.52
C VAL B 212 -69.25 51.00 54.02
N LYS B 213 -68.80 51.82 53.08
CA LYS B 213 -68.19 53.12 53.38
C LYS B 213 -68.51 54.04 52.20
N SER B 214 -69.44 54.97 52.40
CA SER B 214 -69.93 55.82 51.34
C SER B 214 -70.02 57.27 51.80
N PHE B 215 -70.18 58.16 50.83
CA PHE B 215 -70.43 59.58 51.06
C PHE B 215 -71.56 60.03 50.15
N ASN B 216 -72.05 61.24 50.40
CA ASN B 216 -73.13 61.83 49.62
C ASN B 216 -72.62 63.11 48.95
N ARG B 217 -72.95 63.26 47.66
CA ARG B 217 -72.54 64.41 46.86
C ARG B 217 -72.75 65.72 47.61
N ASN B 218 -73.91 65.87 48.27
CA ASN B 218 -74.18 67.10 49.01
C ASN B 218 -73.37 67.17 50.30
N GLU B 219 -73.35 66.08 51.07
CA GLU B 219 -72.64 66.08 52.34
C GLU B 219 -71.14 66.07 52.12
N CYS B 220 -70.48 67.17 52.47
CA CYS B 220 -69.03 67.21 52.41
C CYS B 220 -68.51 68.37 53.25
N GLU C 1 -26.23 24.38 28.56
CA GLU C 1 -26.20 25.83 28.74
C GLU C 1 -26.47 26.53 27.41
N VAL C 2 -27.74 26.60 27.05
CA VAL C 2 -28.18 27.19 25.79
C VAL C 2 -28.98 28.43 26.15
N GLN C 3 -28.76 29.51 25.41
CA GLN C 3 -29.38 30.80 25.68
C GLN C 3 -29.89 31.39 24.38
N LEU C 4 -31.21 31.45 24.23
CA LEU C 4 -31.85 32.24 23.20
C LEU C 4 -32.46 33.47 23.86
N GLN C 5 -32.40 34.61 23.18
CA GLN C 5 -33.04 35.82 23.66
C GLN C 5 -33.64 36.60 22.50
N GLU C 6 -34.66 37.40 22.80
CA GLU C 6 -35.44 38.03 21.75
C GLU C 6 -35.16 39.54 21.69
N SER C 7 -35.80 40.18 20.71
CA SER C 7 -35.57 41.60 20.47
C SER C 7 -35.99 42.46 21.65
N GLY C 8 -37.28 42.46 21.97
CA GLY C 8 -37.84 43.40 22.91
C GLY C 8 -39.13 43.97 22.39
N PRO C 9 -39.86 44.74 23.21
CA PRO C 9 -41.20 45.17 22.82
C PRO C 9 -41.21 46.07 21.59
N GLU C 10 -42.29 46.05 20.82
CA GLU C 10 -42.41 46.83 19.60
C GLU C 10 -43.82 47.38 19.47
N LEU C 11 -44.02 48.61 19.96
CA LEU C 11 -45.32 49.28 19.90
C LEU C 11 -45.53 49.86 18.50
N VAL C 12 -46.14 49.05 17.63
CA VAL C 12 -46.35 49.46 16.26
C VAL C 12 -47.81 49.84 16.04
N LYS C 13 -48.08 50.49 14.91
CA LYS C 13 -49.43 50.88 14.56
C LYS C 13 -50.13 49.79 13.76
N THR C 14 -51.42 49.98 13.53
CA THR C 14 -52.21 49.00 12.78
C THR C 14 -51.68 48.87 11.35
N GLY C 15 -52.11 47.80 10.68
CA GLY C 15 -51.82 47.61 9.27
C GLY C 15 -50.38 47.69 8.85
N ALA C 16 -49.44 47.61 9.80
CA ALA C 16 -48.02 47.74 9.51
C ALA C 16 -47.36 46.38 9.47
N SER C 17 -46.03 46.40 9.37
CA SER C 17 -45.22 45.19 9.42
C SER C 17 -44.21 45.33 10.56
N VAL C 18 -43.87 44.21 11.18
CA VAL C 18 -42.90 44.18 12.26
C VAL C 18 -42.11 42.88 12.18
N LYS C 19 -40.79 42.98 12.39
CA LYS C 19 -39.91 41.82 12.40
C LYS C 19 -39.50 41.51 13.84
N ILE C 20 -39.65 40.25 14.24
CA ILE C 20 -39.26 39.78 15.56
C ILE C 20 -38.06 38.86 15.40
N SER C 21 -37.11 39.00 16.32
CA SER C 21 -35.78 38.39 16.19
C SER C 21 -35.49 37.50 17.39
N CYS C 22 -35.07 36.27 17.11
CA CYS C 22 -34.63 35.32 18.13
C CYS C 22 -33.17 34.99 17.88
N LYS C 23 -32.32 35.28 18.86
CA LYS C 23 -30.88 35.09 18.75
C LYS C 23 -30.46 33.95 19.67
N ALA C 24 -29.77 32.97 19.10
CA ALA C 24 -29.39 31.75 19.79
C ALA C 24 -27.87 31.67 19.94
N SER C 25 -27.41 31.39 21.16
CA SER C 25 -25.99 31.26 21.41
C SER C 25 -25.70 29.96 22.16
N GLY C 26 -24.45 29.53 22.08
CA GLY C 26 -23.96 28.45 22.90
C GLY C 26 -24.22 27.04 22.39
N TYR C 27 -24.60 26.87 21.12
CA TYR C 27 -24.88 25.54 20.61
C TYR C 27 -24.82 25.55 19.09
N SER C 28 -25.15 24.40 18.50
CA SER C 28 -25.10 24.23 17.06
C SER C 28 -26.42 24.70 16.45
N PHE C 29 -26.34 25.74 15.61
CA PHE C 29 -27.56 26.32 15.05
C PHE C 29 -28.13 25.45 13.93
N SER C 30 -27.29 24.63 13.30
CA SER C 30 -27.68 23.97 12.07
C SER C 30 -28.72 22.88 12.29
N ASN C 31 -28.84 22.39 13.53
CA ASN C 31 -29.62 21.18 13.76
C ASN C 31 -31.09 21.48 14.04
N TYR C 32 -31.37 22.26 15.09
CA TYR C 32 -32.70 22.36 15.64
C TYR C 32 -33.64 23.14 14.72
N TYR C 33 -34.93 22.85 14.84
CA TYR C 33 -35.99 23.72 14.34
C TYR C 33 -36.25 24.81 15.36
N ILE C 34 -36.65 25.98 14.89
CA ILE C 34 -37.16 27.02 15.78
C ILE C 34 -38.68 27.08 15.61
N HIS C 35 -39.38 26.96 16.72
CA HIS C 35 -40.83 26.95 16.75
C HIS C 35 -41.30 28.30 17.26
N TRP C 36 -42.23 28.92 16.54
CA TRP C 36 -42.84 30.17 16.95
C TRP C 36 -44.22 29.88 17.51
N VAL C 37 -44.47 30.44 18.70
CA VAL C 37 -45.64 30.16 19.50
C VAL C 37 -46.19 31.48 20.02
N LYS C 38 -47.50 31.68 19.90
CA LYS C 38 -48.15 32.92 20.31
C LYS C 38 -48.79 32.72 21.68
N GLN C 39 -48.99 33.81 22.42
CA GLN C 39 -49.71 33.77 23.69
C GLN C 39 -50.46 35.08 23.87
N SER C 40 -51.77 35.05 23.77
CA SER C 40 -52.54 36.22 24.13
C SER C 40 -52.55 36.39 25.65
N HIS C 41 -53.28 37.40 26.11
CA HIS C 41 -53.30 37.67 27.53
C HIS C 41 -54.38 36.83 28.23
N GLY C 42 -53.98 36.15 29.30
CA GLY C 42 -54.94 35.40 30.09
C GLY C 42 -55.57 34.24 29.35
N LYS C 43 -54.88 33.71 28.34
CA LYS C 43 -55.38 32.60 27.55
C LYS C 43 -54.26 31.58 27.36
N SER C 44 -54.64 30.41 26.88
CA SER C 44 -53.68 29.33 26.67
C SER C 44 -52.74 29.69 25.53
N LEU C 45 -51.55 29.09 25.53
CA LEU C 45 -50.59 29.32 24.46
C LEU C 45 -51.14 28.76 23.15
N GLU C 46 -50.56 29.20 22.05
CA GLU C 46 -51.02 28.85 20.71
C GLU C 46 -49.82 28.69 19.80
N TRP C 47 -49.88 27.69 18.93
CA TRP C 47 -48.75 27.33 18.08
C TRP C 47 -48.89 28.06 16.74
N ILE C 48 -47.83 28.76 16.33
CA ILE C 48 -47.84 29.46 15.05
C ILE C 48 -47.24 28.57 13.97
N GLY C 49 -46.02 28.08 14.18
CA GLY C 49 -45.42 27.25 13.17
C GLY C 49 -43.94 27.01 13.46
N PHE C 50 -43.25 26.41 12.50
CA PHE C 50 -41.83 26.16 12.70
C PHE C 50 -41.02 26.44 11.44
N ILE C 51 -39.77 26.84 11.68
CA ILE C 51 -38.79 27.15 10.65
C ILE C 51 -37.59 26.22 10.86
N SER C 52 -37.14 25.58 9.78
CA SER C 52 -35.99 24.70 9.85
C SER C 52 -34.72 25.53 9.78
N CYS C 53 -33.94 25.53 10.86
CA CYS C 53 -32.74 26.36 10.93
C CYS C 53 -31.68 25.89 9.96
N TYR C 54 -31.89 24.74 9.32
CA TYR C 54 -30.88 24.20 8.41
C TYR C 54 -30.96 24.86 7.04
N ASN C 55 -32.09 24.71 6.36
CA ASN C 55 -32.26 25.23 5.01
C ASN C 55 -33.41 26.23 4.88
N GLY C 56 -34.17 26.48 5.93
CA GLY C 56 -35.21 27.48 5.88
C GLY C 56 -36.60 26.99 5.52
N ALA C 57 -36.82 25.68 5.49
CA ALA C 57 -38.15 25.16 5.20
C ALA C 57 -39.09 25.42 6.35
N THR C 58 -40.33 25.79 6.03
CA THR C 58 -41.29 26.26 7.02
C THR C 58 -42.54 25.39 7.02
N PHE C 59 -43.29 25.48 8.11
CA PHE C 59 -44.64 24.94 8.19
C PHE C 59 -45.48 25.85 9.08
N TYR C 60 -46.69 26.15 8.64
CA TYR C 60 -47.55 27.15 9.25
C TYR C 60 -48.81 26.49 9.81
N ASN C 61 -49.25 26.96 10.97
CA ASN C 61 -50.58 26.60 11.44
C ASN C 61 -51.63 27.18 10.51
N GLN C 62 -52.80 26.55 10.48
CA GLN C 62 -53.83 26.93 9.52
C GLN C 62 -54.29 28.37 9.74
N LYS C 63 -54.49 28.76 11.00
CA LYS C 63 -54.93 30.12 11.29
C LYS C 63 -53.93 31.16 10.81
N PHE C 64 -52.64 30.91 11.04
CA PHE C 64 -51.62 31.92 10.85
C PHE C 64 -51.01 31.94 9.45
N LYS C 65 -51.29 30.94 8.62
CA LYS C 65 -50.71 30.94 7.28
C LYS C 65 -51.30 32.08 6.46
N GLY C 66 -50.46 32.79 5.73
CA GLY C 66 -50.85 34.00 5.04
C GLY C 66 -50.83 35.24 5.90
N LYS C 67 -50.56 35.12 7.19
CA LYS C 67 -50.39 36.28 8.07
C LYS C 67 -49.00 36.36 8.69
N ALA C 68 -48.12 35.40 8.39
CA ALA C 68 -46.79 35.39 8.96
C ALA C 68 -45.81 34.78 7.97
N THR C 69 -44.57 35.26 8.03
CA THR C 69 -43.48 34.75 7.21
C THR C 69 -42.26 34.54 8.10
N PHE C 70 -41.67 33.35 8.02
CA PHE C 70 -40.50 33.00 8.80
C PHE C 70 -39.27 33.02 7.91
N THR C 71 -38.18 33.57 8.43
CA THR C 71 -36.90 33.57 7.72
C THR C 71 -35.78 33.32 8.73
N VAL C 72 -34.60 33.02 8.23
CA VAL C 72 -33.49 32.63 9.09
C VAL C 72 -32.20 33.25 8.55
N ASP C 73 -31.29 33.59 9.45
CA ASP C 73 -29.97 34.10 9.11
C ASP C 73 -28.93 33.21 9.77
N ASN C 74 -28.23 32.41 8.97
CA ASN C 74 -27.32 31.42 9.53
C ASN C 74 -26.02 32.06 10.01
N SER C 75 -25.46 32.98 9.22
CA SER C 75 -24.21 33.61 9.58
C SER C 75 -24.36 34.42 10.87
N SER C 76 -25.57 34.93 11.14
CA SER C 76 -25.81 35.64 12.37
C SER C 76 -26.43 34.75 13.44
N SER C 77 -26.75 33.49 13.10
CA SER C 77 -27.40 32.54 14.01
C SER C 77 -28.66 33.14 14.63
N THR C 78 -29.57 33.62 13.79
CA THR C 78 -30.81 34.24 14.26
C THR C 78 -31.97 33.77 13.41
N ALA C 79 -33.17 33.90 13.97
CA ALA C 79 -34.41 33.61 13.27
C ALA C 79 -35.33 34.83 13.34
N TYR C 80 -36.17 34.99 12.33
CA TYR C 80 -36.98 36.19 12.14
C TYR C 80 -38.40 35.80 11.78
N MET C 81 -39.36 36.51 12.39
CA MET C 81 -40.78 36.32 12.14
C MET C 81 -41.40 37.66 11.79
N LYS C 82 -42.05 37.74 10.63
CA LYS C 82 -42.62 39.00 10.16
C LYS C 82 -44.11 38.84 9.89
N PHE C 83 -44.87 39.84 10.31
CA PHE C 83 -46.30 39.88 10.07
C PHE C 83 -46.58 40.65 8.79
N ASN C 84 -47.85 40.64 8.38
CA ASN C 84 -48.32 41.43 7.24
C ASN C 84 -49.68 41.99 7.57
N SER C 85 -49.75 43.32 7.75
CA SER C 85 -50.99 44.03 8.06
C SER C 85 -51.58 43.54 9.38
N LEU C 86 -50.75 43.53 10.41
CA LEU C 86 -51.17 43.03 11.71
C LEU C 86 -52.35 43.83 12.25
N THR C 87 -53.34 43.12 12.79
CA THR C 87 -54.56 43.70 13.30
C THR C 87 -54.45 43.97 14.80
N PHE C 88 -55.60 44.27 15.41
CA PHE C 88 -55.65 44.44 16.86
C PHE C 88 -55.54 43.10 17.57
N GLU C 89 -55.80 42.00 16.85
CA GLU C 89 -55.85 40.70 17.49
C GLU C 89 -54.46 40.10 17.65
N ASP C 90 -53.43 40.81 17.17
CA ASP C 90 -52.08 40.26 17.23
C ASP C 90 -51.25 40.90 18.34
N SER C 91 -51.90 41.64 19.23
CA SER C 91 -51.22 42.13 20.42
C SER C 91 -51.14 41.01 21.45
N ALA C 92 -49.91 40.56 21.74
CA ALA C 92 -49.70 39.36 22.53
C ALA C 92 -48.22 39.26 22.87
N VAL C 93 -47.85 38.14 23.50
CA VAL C 93 -46.44 37.84 23.72
C VAL C 93 -46.05 36.63 22.89
N TYR C 94 -44.96 36.74 22.15
CA TYR C 94 -44.57 35.72 21.20
C TYR C 94 -43.27 35.07 21.67
N TYR C 95 -43.12 33.78 21.38
CA TYR C 95 -42.02 32.97 21.89
C TYR C 95 -41.38 32.17 20.77
N CYS C 96 -40.08 31.99 20.87
CA CYS C 96 -39.33 31.09 20.01
C CYS C 96 -38.77 29.97 20.87
N ALA C 97 -38.80 28.74 20.35
CA ALA C 97 -38.39 27.58 21.10
C ALA C 97 -37.58 26.65 20.21
N ARG C 98 -36.86 25.73 20.83
CA ARG C 98 -35.86 24.90 20.18
C ARG C 98 -36.35 23.46 20.13
N LEU C 99 -36.16 22.80 18.99
CA LEU C 99 -36.54 21.40 18.95
C LEU C 99 -35.66 20.63 17.98
N PRO C 100 -34.91 19.63 18.45
CA PRO C 100 -33.91 18.97 17.59
C PRO C 100 -34.53 18.34 16.35
N ILE C 101 -33.68 18.04 15.38
CA ILE C 101 -34.16 17.59 14.08
C ILE C 101 -34.21 16.07 14.01
N GLN C 102 -33.43 15.40 14.88
CA GLN C 102 -33.42 13.95 14.85
C GLN C 102 -34.64 13.36 15.56
N PHE C 103 -34.98 13.90 16.73
CA PHE C 103 -36.09 13.35 17.49
C PHE C 103 -37.43 13.74 16.88
N GLY C 104 -37.69 15.03 16.74
CA GLY C 104 -38.84 15.46 15.98
C GLY C 104 -40.18 15.12 16.59
N ASN C 105 -40.53 15.81 17.67
CA ASN C 105 -41.75 15.72 18.49
C ASN C 105 -41.73 14.54 19.46
N PHE C 106 -40.71 13.69 19.43
CA PHE C 106 -40.50 12.74 20.50
C PHE C 106 -39.59 13.30 21.58
N TYR C 107 -39.26 14.58 21.49
CA TYR C 107 -38.51 15.34 22.46
C TYR C 107 -39.23 16.64 22.75
N PRO C 108 -39.13 17.19 23.97
CA PRO C 108 -39.82 18.44 24.28
C PRO C 108 -39.15 19.64 23.61
N MET C 109 -39.74 20.81 23.84
CA MET C 109 -39.12 22.07 23.47
C MET C 109 -38.25 22.50 24.63
N ASP C 110 -37.03 21.96 24.66
CA ASP C 110 -36.06 22.10 25.79
C ASP C 110 -35.80 23.53 26.25
N TYR C 111 -35.54 24.47 25.34
CA TYR C 111 -35.12 25.81 25.70
C TYR C 111 -35.98 26.84 24.98
N TRP C 112 -36.31 27.92 25.69
CA TRP C 112 -37.30 28.90 25.27
C TRP C 112 -36.67 30.28 25.18
N GLY C 113 -37.14 31.09 24.24
CA GLY C 113 -36.82 32.50 24.26
C GLY C 113 -37.56 33.21 25.36
N GLN C 114 -37.10 34.43 25.67
CA GLN C 114 -37.62 35.12 26.86
C GLN C 114 -38.98 35.76 26.60
N GLY C 115 -39.30 36.04 25.34
CA GLY C 115 -40.60 36.57 24.99
C GLY C 115 -40.63 38.08 24.86
N THR C 116 -41.20 38.52 23.74
CA THR C 116 -41.27 39.93 23.38
C THR C 116 -42.72 40.31 23.09
N THR C 117 -43.26 41.26 23.86
CA THR C 117 -44.67 41.61 23.77
C THR C 117 -44.89 42.70 22.74
N VAL C 118 -45.77 42.42 21.78
CA VAL C 118 -46.18 43.36 20.75
C VAL C 118 -47.45 44.05 21.25
N THR C 119 -47.69 45.29 20.79
CA THR C 119 -48.88 46.05 21.14
C THR C 119 -49.27 46.93 19.96
N VAL C 120 -50.49 46.73 19.46
CA VAL C 120 -51.02 47.57 18.39
C VAL C 120 -51.67 48.79 19.00
N SER C 121 -51.38 49.97 18.45
CA SER C 121 -51.87 51.22 19.03
C SER C 121 -51.93 52.29 17.96
N SER C 122 -52.90 53.20 18.10
CA SER C 122 -53.09 54.31 17.17
C SER C 122 -52.99 55.67 17.86
N ALA C 123 -53.16 55.73 19.17
CA ALA C 123 -53.14 57.00 19.88
C ALA C 123 -51.73 57.58 19.91
N LYS C 124 -51.60 58.74 20.57
CA LYS C 124 -50.33 59.44 20.64
C LYS C 124 -50.08 59.96 22.05
N THR C 125 -48.91 60.59 22.23
CA THR C 125 -48.48 61.04 23.54
C THR C 125 -49.47 62.00 24.16
N THR C 126 -49.69 61.86 25.47
CA THR C 126 -50.62 62.69 26.21
C THR C 126 -50.01 63.09 27.54
N ALA C 127 -50.44 64.24 28.07
CA ALA C 127 -50.08 64.65 29.41
C ALA C 127 -50.97 63.97 30.44
N PRO C 128 -50.37 63.47 31.52
CA PRO C 128 -51.17 62.78 32.56
C PRO C 128 -52.06 63.74 33.33
N SER C 129 -53.23 63.23 33.74
CA SER C 129 -54.21 64.00 34.48
C SER C 129 -54.07 63.67 35.97
N VAL C 130 -53.12 64.35 36.62
CA VAL C 130 -52.80 64.11 38.02
C VAL C 130 -53.93 64.61 38.91
N TYR C 131 -54.72 63.69 39.43
CA TYR C 131 -55.89 64.08 40.23
C TYR C 131 -55.58 63.99 41.71
N PRO C 132 -55.64 65.08 42.46
CA PRO C 132 -55.39 65.03 43.90
C PRO C 132 -56.65 64.59 44.66
N LEU C 133 -56.60 63.37 45.20
CA LEU C 133 -57.71 62.84 45.98
C LEU C 133 -57.69 63.41 47.40
N ALA C 134 -58.68 63.01 48.18
CA ALA C 134 -58.85 63.48 49.54
C ALA C 134 -59.75 62.52 50.29
N PRO C 135 -59.60 62.40 51.62
CA PRO C 135 -60.37 61.40 52.37
C PRO C 135 -61.86 61.72 52.41
N VAL C 136 -62.63 60.85 53.08
CA VAL C 136 -64.05 61.14 53.29
C VAL C 136 -64.19 62.47 54.00
N CYS C 137 -65.18 63.26 53.58
CA CYS C 137 -65.38 64.57 54.17
C CYS C 137 -65.82 64.45 55.62
N GLY C 138 -65.18 65.23 56.49
CA GLY C 138 -65.58 65.29 57.88
C GLY C 138 -64.93 64.22 58.76
N ASP C 139 -65.68 63.15 59.03
CA ASP C 139 -65.27 62.11 59.97
C ASP C 139 -63.90 61.52 59.65
N THR C 140 -63.19 61.06 60.68
CA THR C 140 -61.87 60.48 60.53
C THR C 140 -61.94 58.98 60.79
N THR C 141 -61.07 58.22 60.12
CA THR C 141 -60.97 56.80 60.38
C THR C 141 -60.17 56.48 61.63
N GLY C 142 -59.72 57.50 62.37
CA GLY C 142 -58.89 57.29 63.54
C GLY C 142 -57.44 57.64 63.26
N SER C 143 -56.52 56.75 63.61
CA SER C 143 -55.12 56.95 63.27
C SER C 143 -54.92 56.86 61.76
N SER C 144 -55.33 55.74 61.16
CA SER C 144 -55.09 55.49 59.74
C SER C 144 -56.02 56.36 58.91
N VAL C 145 -55.56 57.54 58.53
CA VAL C 145 -56.28 58.42 57.62
C VAL C 145 -55.68 58.24 56.24
N THR C 146 -56.54 57.97 55.25
CA THR C 146 -56.07 57.60 53.93
C THR C 146 -56.01 58.81 53.01
N LEU C 147 -55.16 58.72 51.99
CA LEU C 147 -55.00 59.75 50.97
C LEU C 147 -54.62 59.04 49.67
N GLY C 148 -54.71 59.77 48.56
CA GLY C 148 -54.41 59.15 47.28
C GLY C 148 -54.17 60.18 46.21
N CYS C 149 -53.74 59.67 45.07
CA CYS C 149 -53.49 60.45 43.86
C CYS C 149 -53.47 59.51 42.67
N LEU C 150 -54.13 59.91 41.58
CA LEU C 150 -54.34 59.01 40.45
C LEU C 150 -54.20 59.77 39.14
N VAL C 151 -54.42 59.04 38.05
CA VAL C 151 -54.35 59.58 36.70
C VAL C 151 -55.45 58.91 35.88
N LYS C 152 -55.77 59.52 34.74
CA LYS C 152 -56.78 58.97 33.84
C LYS C 152 -56.41 59.33 32.41
N GLY C 153 -56.38 58.31 31.56
CA GLY C 153 -56.19 58.52 30.14
C GLY C 153 -54.84 59.05 29.71
N TYR C 154 -53.78 58.26 29.86
CA TYR C 154 -52.47 58.67 29.37
C TYR C 154 -51.91 57.61 28.41
N PHE C 155 -51.17 58.07 27.40
CA PHE C 155 -50.56 57.21 26.41
C PHE C 155 -49.20 57.77 26.06
N PRO C 156 -48.17 56.93 25.97
CA PRO C 156 -48.21 55.52 26.39
C PRO C 156 -47.50 55.31 27.73
N GLU C 157 -47.46 54.06 28.19
CA GLU C 157 -46.85 53.67 29.45
C GLU C 157 -45.39 54.12 29.51
N PRO C 158 -44.75 54.13 30.70
CA PRO C 158 -45.23 53.92 32.06
C PRO C 158 -45.57 55.21 32.80
N VAL C 159 -45.72 55.10 34.11
CA VAL C 159 -45.81 56.26 35.01
C VAL C 159 -45.20 55.84 36.34
N THR C 160 -44.36 56.71 36.92
CA THR C 160 -43.74 56.46 38.22
C THR C 160 -44.40 57.37 39.25
N LEU C 161 -44.82 56.79 40.37
CA LEU C 161 -45.49 57.53 41.43
C LEU C 161 -44.72 57.33 42.74
N THR C 162 -44.25 58.44 43.33
CA THR C 162 -43.63 58.42 44.65
C THR C 162 -44.39 59.40 45.53
N TRP C 163 -44.01 59.46 46.81
CA TRP C 163 -44.73 60.29 47.77
C TRP C 163 -43.74 61.04 48.66
N ASN C 164 -43.98 62.35 48.80
CA ASN C 164 -43.13 63.24 49.60
C ASN C 164 -41.67 63.16 49.14
N SER C 165 -41.48 63.19 47.83
CA SER C 165 -40.17 63.13 47.19
C SER C 165 -39.34 61.94 47.67
N GLY C 166 -40.00 60.87 48.11
CA GLY C 166 -39.30 59.71 48.62
C GLY C 166 -39.10 59.72 50.12
N SER C 167 -39.37 60.86 50.75
CA SER C 167 -39.21 60.99 52.21
C SER C 167 -40.33 60.35 52.99
N LEU C 168 -41.35 59.79 52.33
CA LEU C 168 -42.47 59.13 53.01
C LEU C 168 -42.45 57.66 52.61
N SER C 169 -42.21 56.78 53.59
CA SER C 169 -42.19 55.35 53.34
C SER C 169 -43.12 54.62 54.30
N SER C 170 -44.17 55.32 54.72
CA SER C 170 -45.15 54.75 55.65
C SER C 170 -46.57 54.76 55.07
N GLY C 171 -47.28 53.65 55.20
CA GLY C 171 -48.63 53.54 54.71
C GLY C 171 -48.77 53.82 53.22
N VAL C 172 -47.83 53.30 52.43
CA VAL C 172 -47.86 53.50 50.99
C VAL C 172 -48.28 52.23 50.26
N HIS C 173 -49.27 52.37 49.37
CA HIS C 173 -49.78 51.25 48.60
C HIS C 173 -49.78 51.58 47.11
N THR C 174 -49.15 50.71 46.33
CA THR C 174 -49.08 50.91 44.88
C THR C 174 -49.90 49.84 44.18
N PHE C 175 -50.58 50.25 43.09
CA PHE C 175 -51.44 49.36 42.32
C PHE C 175 -51.14 49.55 40.83
N PRO C 176 -51.06 48.47 40.05
CA PRO C 176 -50.68 48.59 38.63
C PRO C 176 -51.66 49.39 37.79
N ALA C 177 -51.32 49.56 36.52
CA ALA C 177 -52.11 50.34 35.57
C ALA C 177 -52.96 49.42 34.70
N VAL C 178 -53.82 50.03 33.89
CA VAL C 178 -54.76 49.32 33.04
C VAL C 178 -54.90 50.08 31.72
N LEU C 179 -54.88 49.35 30.61
CA LEU C 179 -55.14 49.95 29.30
C LEU C 179 -56.62 49.86 28.96
N GLN C 180 -57.14 50.93 28.37
CA GLN C 180 -58.55 51.01 27.99
C GLN C 180 -58.69 52.02 26.86
N SER C 181 -59.34 51.60 25.78
CA SER C 181 -59.58 52.43 24.59
C SER C 181 -58.34 53.22 24.19
N ASP C 182 -57.24 52.48 24.02
CA ASP C 182 -55.98 53.03 23.51
C ASP C 182 -55.36 54.06 24.43
N LEU C 183 -55.74 54.04 25.72
CA LEU C 183 -55.17 54.94 26.72
C LEU C 183 -54.91 54.13 27.99
N TYR C 184 -54.49 54.81 29.05
CA TYR C 184 -54.07 54.14 30.29
C TYR C 184 -54.79 54.74 31.50
N THR C 185 -54.72 54.03 32.62
CA THR C 185 -55.34 54.45 33.87
C THR C 185 -54.55 53.87 35.03
N LEU C 186 -54.47 54.63 36.13
CA LEU C 186 -53.69 54.26 37.30
C LEU C 186 -54.36 54.77 38.56
N SER C 187 -53.86 54.30 39.71
CA SER C 187 -54.32 54.73 41.02
C SER C 187 -53.34 54.23 42.07
N SER C 188 -53.33 54.89 43.23
CA SER C 188 -52.44 54.53 44.33
C SER C 188 -52.95 55.18 45.61
N SER C 189 -52.59 54.58 46.75
CA SER C 189 -53.06 55.07 48.05
C SER C 189 -51.89 55.16 49.03
N VAL C 190 -52.04 56.01 50.05
CA VAL C 190 -51.10 56.09 51.16
C VAL C 190 -51.88 56.36 52.44
N THR C 191 -51.61 55.59 53.48
CA THR C 191 -52.22 55.79 54.79
C THR C 191 -51.21 56.49 55.68
N VAL C 192 -51.67 57.52 56.40
CA VAL C 192 -50.82 58.27 57.32
C VAL C 192 -51.56 58.35 58.66
N THR C 193 -50.89 58.87 59.69
CA THR C 193 -51.56 59.04 60.96
C THR C 193 -52.12 60.47 61.07
N SER C 194 -52.82 60.74 62.16
CA SER C 194 -53.39 62.06 62.39
C SER C 194 -52.33 63.13 62.61
N SER C 195 -51.23 62.80 63.30
CA SER C 195 -50.13 63.74 63.46
C SER C 195 -49.27 63.86 62.22
N THR C 196 -49.59 63.12 61.15
CA THR C 196 -48.94 63.32 59.86
C THR C 196 -49.86 63.93 58.82
N TRP C 197 -51.17 63.92 59.07
CA TRP C 197 -52.15 64.55 58.20
C TRP C 197 -53.43 64.80 58.99
N PRO C 198 -53.99 66.02 58.94
CA PRO C 198 -53.51 67.15 58.13
C PRO C 198 -52.44 68.01 58.82
N SER C 199 -51.45 67.35 59.44
CA SER C 199 -50.36 68.05 60.11
C SER C 199 -49.09 68.13 59.30
N GLN C 200 -48.92 67.28 58.29
CA GLN C 200 -47.75 67.29 57.41
C GLN C 200 -48.18 67.14 55.96
N SER C 201 -47.23 67.38 55.06
CA SER C 201 -47.49 67.40 53.63
C SER C 201 -47.45 66.00 53.05
N ILE C 202 -48.28 65.75 52.04
CA ILE C 202 -48.39 64.46 51.37
C ILE C 202 -48.52 64.72 49.87
N THR C 203 -47.46 64.47 49.12
CA THR C 203 -47.36 64.87 47.72
C THR C 203 -47.18 63.66 46.82
N CYS C 204 -48.05 63.53 45.83
CA CYS C 204 -47.89 62.52 44.79
C CYS C 204 -47.08 63.08 43.62
N ASN C 205 -46.49 62.16 42.85
CA ASN C 205 -45.62 62.52 41.74
C ASN C 205 -45.92 61.65 40.54
N VAL C 206 -45.83 62.21 39.34
CA VAL C 206 -46.02 61.48 38.10
C VAL C 206 -44.90 61.82 37.14
N ALA C 207 -44.57 60.87 36.27
CA ALA C 207 -43.52 61.07 35.28
C ALA C 207 -43.84 60.24 34.04
N HIS C 208 -44.24 60.90 32.96
CA HIS C 208 -44.51 60.22 31.71
C HIS C 208 -43.43 60.59 30.70
N PRO C 209 -42.71 59.61 30.13
CA PRO C 209 -41.58 59.96 29.25
C PRO C 209 -41.99 60.74 28.01
N ALA C 210 -42.98 60.25 27.26
CA ALA C 210 -43.34 60.91 26.01
C ALA C 210 -44.04 62.24 26.23
N SER C 211 -44.10 62.70 27.48
CA SER C 211 -44.66 64.01 27.80
C SER C 211 -43.75 64.82 28.72
N SER C 212 -42.81 64.18 29.40
CA SER C 212 -41.77 64.85 30.20
C SER C 212 -42.36 65.67 31.36
N THR C 213 -43.64 65.50 31.65
CA THR C 213 -44.31 66.28 32.69
C THR C 213 -43.91 65.76 34.06
N LYS C 214 -42.75 66.21 34.54
CA LYS C 214 -42.29 65.89 35.90
C LYS C 214 -43.08 66.77 36.87
N VAL C 215 -44.34 66.40 37.08
CA VAL C 215 -45.28 67.17 37.89
C VAL C 215 -45.34 66.59 39.29
N ASP C 216 -45.62 67.46 40.26
CA ASP C 216 -45.85 67.07 41.64
C ASP C 216 -47.17 67.68 42.11
N LYS C 217 -47.82 67.04 43.07
CA LYS C 217 -49.13 67.50 43.51
C LYS C 217 -49.36 67.15 44.97
N LYS C 218 -49.46 68.15 45.82
CA LYS C 218 -49.75 67.96 47.23
C LYS C 218 -51.26 67.82 47.44
N ILE C 219 -51.63 66.87 48.30
CA ILE C 219 -53.03 66.56 48.58
C ILE C 219 -53.43 67.34 49.83
N GLU C 220 -54.47 68.16 49.69
CA GLU C 220 -54.90 69.12 50.69
C GLU C 220 -56.11 68.60 51.44
N PRO C 221 -56.34 69.07 52.68
CA PRO C 221 -57.52 68.64 53.44
C PRO C 221 -58.78 69.26 52.86
N ARG C 222 -59.82 68.44 52.73
CA ARG C 222 -61.07 68.87 52.12
C ARG C 222 -62.01 69.39 53.19
N GLY C 223 -62.67 70.51 52.90
CA GLY C 223 -63.57 71.15 53.83
C GLY C 223 -65.02 71.06 53.41
N PRO C 224 -65.55 72.15 52.85
CA PRO C 224 -66.95 72.14 52.40
C PRO C 224 -67.16 71.45 51.07
N THR C 225 -66.12 71.31 50.26
CA THR C 225 -66.23 70.64 48.97
C THR C 225 -65.66 69.22 49.06
C10 V5Q D . -7.67 4.29 -3.32
C13 V5Q D . -10.24 4.04 -0.53
C15 V5Q D . -10.07 1.89 -1.60
C20 V5Q D . -12.97 0.77 1.36
C22 V5Q D . -13.67 -0.55 1.85
C24 V5Q D . -13.48 -2.89 2.49
C26 V5Q D . -11.99 -4.46 1.52
C01 V5Q D . -14.10 5.57 -1.48
C03 V5Q D . -13.06 6.16 -3.54
C04 V5Q D . -12.37 4.96 -3.74
C05 V5Q D . -11.15 4.94 -4.54
C06 V5Q D . -10.69 6.06 -5.07
C07 V5Q D . -9.42 6.03 -5.90
C09 V5Q D . -8.30 5.43 -4.16
C11 V5Q D . -8.72 3.72 -2.36
C12 V5Q D . -9.28 4.54 -1.39
C14 V5Q D . -10.63 2.70 -0.63
C16 V5Q D . -9.12 2.40 -2.48
C23 V5Q D . -12.89 -1.70 2.05
C27 V5Q D . -14.87 -2.93 2.73
C29 V5Q D . -15.67 -4.18 4.57
C30 V5Q D . -15.65 -1.79 2.52
C31 V5Q D . -15.04 -0.59 2.09
C33 V5Q D . -17.29 0.52 1.57
C35 V5Q D . -18.10 1.80 1.34
C36 V5Q D . -19.39 2.01 2.07
C37 V5Q D . -19.78 3.35 2.38
C39 V5Q D . -18.84 4.45 2.09
C40 V5Q D . -17.74 4.25 1.23
C42 V5Q D . -16.85 5.32 0.97
C43 V5Q D . -17.06 6.58 1.58
C44 V5Q D . -18.16 6.77 2.45
C45 V5Q D . -19.05 5.71 2.71
C46 V5Q D . -9.03 3.80 -5.52
C47 V5Q D . -10.40 3.61 -4.76
C48 V5Q D . -11.41 7.31 -4.86
C49 V5Q D . -12.58 7.33 -4.10
C51 V5Q D . -13.64 8.80 -2.55
N08 V5Q D . -8.53 5.11 -5.40
N17 V5Q D . -11.66 2.17 0.29
N18 V5Q D . -12.41 2.90 1.13
N19 V5Q D . -13.23 2.03 1.80
N21 V5Q D . -11.99 0.86 0.42
N32 V5Q D . -15.86 0.62 1.87
O02 V5Q D . -14.25 6.17 -2.75
O25 V5Q D . -12.68 -4.05 2.70
O28 V5Q D . -15.47 -4.13 3.17
O34 V5Q D . -17.82 -0.54 1.52
O38 V5Q D . -20.85 3.57 2.85
O41 V5Q D . -17.51 2.90 0.58
O50 V5Q D . -13.28 8.56 -3.90
C10 V5Q E . -6.86 -9.09 -1.00
C13 V5Q E . -7.18 -6.08 1.33
C15 V5Q E . -7.51 -5.33 -0.94
C20 V5Q E . -7.42 -1.49 1.04
C22 V5Q E . -6.96 0.00 0.78
C24 V5Q E . -5.76 1.62 -0.58
C26 V5Q E . -3.74 1.20 -1.79
C01 V5Q E . 0.12 -12.52 -2.16
C03 V5Q E . -1.67 -12.99 -0.63
C04 V5Q E . -2.72 -12.73 -1.51
C05 V5Q E . -4.03 -12.35 -0.99
C06 V5Q E . -4.22 -12.24 0.31
C07 V5Q E . -5.58 -11.84 0.87
C09 V5Q E . -5.90 -9.91 -0.12
C11 V5Q E . -7.06 -7.66 -0.49
C12 V5Q E . -6.99 -7.38 0.87
C14 V5Q E . -7.44 -5.06 0.41
C16 V5Q E . -7.32 -6.63 -1.39
C23 V5Q E . -6.18 0.30 -0.34
C27 V5Q E . -6.11 2.64 0.31
C29 V5Q E . -6.74 4.87 -0.09
C30 V5Q E . -6.88 2.34 1.44
C31 V5Q E . -7.31 1.02 1.68
C33 V5Q E . -9.20 1.60 3.24
C35 V5Q E . -10.08 1.30 4.44
C36 V5Q E . -11.30 2.14 4.67
C37 V5Q E . -12.55 1.50 4.91
C39 V5Q E . -12.59 0.04 5.10
C40 V5Q E . -11.40 -0.73 5.15
C42 V5Q E . -11.49 -2.13 5.31
C43 V5Q E . -12.74 -2.75 5.45
C44 V5Q E . -13.93 -1.98 5.40
C45 V5Q E . -13.85 -0.59 5.22
C46 V5Q E . -6.55 -11.70 -1.25
C47 V5Q E . -5.19 -12.07 -1.97
C48 V5Q E . -3.12 -12.51 1.22
C49 V5Q E . -1.87 -12.87 0.73
C51 V5Q E . -0.11 -14.35 1.36
N08 V5Q E . -6.35 -11.10 0.01
N17 V5Q E . -7.63 -3.67 0.88
N18 V5Q E . -8.44 -3.26 1.87
N19 V5Q E . -8.32 -1.90 1.99
N21 V5Q E . -7.00 -2.58 0.37
N32 V5Q E . -8.13 0.69 2.86
O02 V5Q E . -0.38 -13.37 -1.15
O25 V5Q E . -4.96 1.93 -1.73
O28 V5Q E . -5.69 3.97 0.08
O34 V5Q E . -9.39 2.59 2.61
O38 V5Q E . -13.55 2.15 4.97
O41 V5Q E . -10.04 -0.07 5.00
O50 V5Q E . -0.78 -13.14 1.63
#